data_1N1H
#
_entry.id   1N1H
#
_cell.length_a   70.883
_cell.length_b   85.013
_cell.length_c   249.294
_cell.angle_alpha   90.00
_cell.angle_beta   90.00
_cell.angle_gamma   90.00
#
_symmetry.space_group_name_H-M   'P 21 21 21'
#
loop_
_entity.id
_entity.type
_entity.pdbx_description
1 polymer "5'-R(*AP*UP*UP*AP*GP*C)-3'"
2 polymer 'Minor core protein lambda 3'
3 non-polymer 'MANGANESE (II) ION'
4 non-polymer "N7-METHYL-GUANOSINE-5'-MONOPHOSPHATE"
5 non-polymer "GUANOSINE-5'-DIPHOSPHATE"
6 non-polymer "3'-DEOXY-CYTIDINE-5'-TRIPHOSPHATE"
7 non-polymer "3'-DEOXY-GUANOSINE-5'-TRIPHOSPHATE"
8 water water
#
loop_
_entity_poly.entity_id
_entity_poly.type
_entity_poly.pdbx_seq_one_letter_code
_entity_poly.pdbx_strand_id
1 'polyribonucleotide' AUUAGC B
2 'polypeptide(L)'
;MSSMILTQFGPFIESISGITDQSNDVFEDAAKAFSMFTRSDVYKALDEIPFSDDAMLPIPPTIYTKPSHDSYYYIDALNR
VRRKTYQGPDDVYVPNCSIVELLEPHETLTSYGRLSEAIENRAKDGDSQARIATTYGRIAESQARQIKAPLEKFVLALLV
AEAGGSLYDPVLQKYDEIPDLSHNCPLWCFREICRHISGPLPDRAPYLYLSAGVFWLMSPRMTSAIPPLLSDLVNLAILQ
QTAGLDPSLVKLGVQICLHAAASSSYSWFILKTKSIFPQNTLHSMYESLEGGYCPNLEWLEPRSDYKFMYMGVMPLSAKY
ARSAPSNDKKARELGEKYGLSSVVGELRKRTKTYVKHDFASVRYIRDAMACTSGIFLVRTPTETVLQEYTQSPEIKVPIP
QKDWTGPIGEIRILKDTTSSIARYLYRTWYLAAARMAAQPRTWDPLFQAIMRSQYVTARGGSGAALRESLYAINVSLPDF
KGLPVKAATKIFQAAQLANLPFSHTSVAILADTSMGLRNQVQRRPRSIMPLNVPQQQVSAPHTLTADYINYHMNLSPTSG
SAVIEKVIPLGVYASSPPNQSINIDISACDASITWDFFLSVIMAAIHEGVASSSIGKPFMGVPASIVNDESVVGVRAARP
ISGMQNMIQHLSKLYKRGFSYRVNDSFSPGNDFTHMTTTFPSGSTATSTEHTANNSTMMETFLTVWGPEHTDDPDVLRLM
KSLTIQRNYVCQGDDGLMIIDGTTAGKVNSETIQNDLELISKYGEEFGWKYDIAYDGTAEYLKLYFIFGCRIPNLSRHPI
VGKERANSSAEEPWPAILDQIMGVFFNGVHDGLQWQRWIRYSWALCCAFSRQRTMIGESVGYLQYPMWSFVYWGLPLVKA
FGSDPWIFSWYMPTGDLGMYSWISLIRPLMTRWMVANGYVTDRCSTVFGNADYRRCFNELKLYQGYYMAQLPRNPKKSGR
AASREVREQFTQALSDYLMQNPELKSRVLRGRSEWEKYGAGIIHNPPSLFDVPHKWYQGAQEAAIATREELAEMDETLMR
ARRHSYSSFSKLLEAYLLVKWRMCEAREPSVDLRLPLCAGIDPLNSDPFLKMVSVGPMLQSTRKYFAQTLFMAKTVSGLD
VNAIDSALLRLRTLGADKKALTAQLLMVGLQESEADALAGKIMLQDVNTVQLARVVNLAVPDTWMSLDFDSMFKHHVKLL
PKDGRHLNTDIPPRMGWLRAILRFLGAGMVMTATGVAVDIYLEDIHGGGRSLGQRFMTWMRQEGRSA
;
A
#
# COMPACT_ATOMS: atom_id res chain seq x y z
N SER B 2 0.64 -30.99 -22.90
CA SER B 2 -0.47 -30.66 -21.95
C SER B 2 -1.04 -31.94 -21.33
N SER B 3 -0.67 -33.10 -21.89
CA SER B 3 -1.14 -34.38 -21.38
C SER B 3 -0.49 -34.61 -20.01
N MET B 4 0.73 -34.14 -19.87
CA MET B 4 1.46 -34.26 -18.61
C MET B 4 0.71 -33.44 -17.57
N ILE B 5 0.27 -32.24 -17.94
CA ILE B 5 -0.47 -31.37 -17.04
C ILE B 5 -1.91 -31.88 -16.82
N LEU B 6 -2.56 -32.31 -17.89
CA LEU B 6 -3.92 -32.84 -17.80
C LEU B 6 -3.98 -34.11 -16.95
N THR B 7 -3.11 -35.06 -17.24
CA THR B 7 -3.07 -36.32 -16.50
C THR B 7 -2.99 -36.09 -15.00
N GLN B 8 -2.06 -35.21 -14.60
CA GLN B 8 -1.85 -34.89 -13.19
C GLN B 8 -2.87 -33.97 -12.48
N PHE B 9 -3.48 -33.06 -13.21
CA PHE B 9 -4.43 -32.13 -12.59
C PHE B 9 -5.84 -32.20 -13.17
N GLY B 10 -6.05 -33.18 -14.04
CA GLY B 10 -7.34 -33.37 -14.69
C GLY B 10 -8.57 -32.91 -13.93
N PRO B 11 -9.00 -33.69 -12.92
CA PRO B 11 -10.17 -33.37 -12.10
C PRO B 11 -10.20 -31.95 -11.54
N PHE B 12 -9.05 -31.48 -11.07
CA PHE B 12 -8.91 -30.16 -10.48
C PHE B 12 -9.19 -29.07 -11.52
N ILE B 13 -8.57 -29.23 -12.68
CA ILE B 13 -8.75 -28.29 -13.78
C ILE B 13 -10.24 -28.10 -14.05
N GLU B 14 -11.00 -29.18 -13.99
CA GLU B 14 -12.42 -29.12 -14.24
C GLU B 14 -13.18 -28.43 -13.12
N SER B 15 -12.70 -28.58 -11.89
CA SER B 15 -13.37 -27.99 -10.74
C SER B 15 -13.25 -26.47 -10.73
N ILE B 16 -12.17 -25.94 -11.31
CA ILE B 16 -11.94 -24.50 -11.33
C ILE B 16 -12.30 -23.86 -12.67
N SER B 17 -12.87 -24.66 -13.57
CA SER B 17 -13.31 -24.18 -14.88
C SER B 17 -14.84 -24.18 -14.94
N GLY B 18 -15.45 -24.56 -13.81
CA GLY B 18 -16.90 -24.59 -13.70
C GLY B 18 -17.56 -25.76 -14.39
N ILE B 19 -16.78 -26.80 -14.68
CA ILE B 19 -17.29 -27.98 -15.34
C ILE B 19 -17.73 -28.99 -14.28
N THR B 20 -17.01 -28.98 -13.17
CA THR B 20 -17.32 -29.91 -12.10
C THR B 20 -17.25 -29.17 -10.76
N ASP B 21 -17.91 -29.71 -9.73
CA ASP B 21 -17.90 -29.10 -8.39
C ASP B 21 -16.51 -29.11 -7.76
N GLN B 22 -16.28 -28.19 -6.84
CA GLN B 22 -14.99 -28.14 -6.15
C GLN B 22 -15.12 -29.01 -4.92
N SER B 23 -14.00 -29.54 -4.45
CA SER B 23 -13.99 -30.37 -3.27
C SER B 23 -12.58 -30.44 -2.70
N ASN B 24 -12.50 -30.50 -1.38
CA ASN B 24 -11.19 -30.56 -0.75
C ASN B 24 -10.34 -31.76 -1.15
N ASP B 25 -10.96 -32.89 -1.47
CA ASP B 25 -10.20 -34.08 -1.88
C ASP B 25 -9.43 -33.85 -3.18
N VAL B 26 -10.09 -33.22 -4.15
CA VAL B 26 -9.46 -32.94 -5.43
C VAL B 26 -8.39 -31.87 -5.22
N PHE B 27 -8.78 -30.84 -4.49
CA PHE B 27 -7.92 -29.72 -4.18
C PHE B 27 -6.62 -30.12 -3.54
N GLU B 28 -6.72 -30.82 -2.42
CA GLU B 28 -5.54 -31.23 -1.70
C GLU B 28 -4.69 -32.18 -2.52
N ASP B 29 -5.33 -32.93 -3.41
CA ASP B 29 -4.59 -33.85 -4.26
C ASP B 29 -3.83 -33.06 -5.32
N ALA B 30 -4.43 -31.97 -5.77
CA ALA B 30 -3.78 -31.12 -6.75
C ALA B 30 -2.59 -30.47 -6.03
N ALA B 31 -2.82 -30.06 -4.79
CA ALA B 31 -1.77 -29.46 -3.97
C ALA B 31 -0.57 -30.42 -3.88
N LYS B 32 -0.87 -31.68 -3.59
CA LYS B 32 0.18 -32.67 -3.50
C LYS B 32 0.87 -32.84 -4.87
N ALA B 33 0.10 -32.75 -5.95
CA ALA B 33 0.67 -32.89 -7.28
C ALA B 33 1.61 -31.72 -7.55
N PHE B 34 1.18 -30.52 -7.18
CA PHE B 34 1.99 -29.31 -7.35
C PHE B 34 3.31 -29.48 -6.59
N SER B 35 3.19 -29.97 -5.36
CA SER B 35 4.35 -30.17 -4.50
C SER B 35 5.35 -31.17 -5.03
N MET B 36 4.88 -32.13 -5.82
CA MET B 36 5.76 -33.14 -6.34
C MET B 36 6.24 -32.89 -7.76
N PHE B 37 5.84 -31.76 -8.34
CA PHE B 37 6.29 -31.42 -9.67
C PHE B 37 7.70 -30.85 -9.50
N THR B 38 8.68 -31.41 -10.19
CA THR B 38 10.04 -30.92 -10.08
C THR B 38 10.16 -29.75 -11.04
N ARG B 39 11.11 -28.86 -10.78
CA ARG B 39 11.32 -27.68 -11.62
C ARG B 39 11.44 -28.03 -13.09
N SER B 40 12.38 -28.92 -13.41
CA SER B 40 12.59 -29.30 -14.79
C SER B 40 11.34 -29.85 -15.45
N ASP B 41 10.40 -30.35 -14.65
CA ASP B 41 9.18 -30.89 -15.21
C ASP B 41 8.30 -29.79 -15.80
N VAL B 42 8.37 -28.60 -15.23
CA VAL B 42 7.57 -27.49 -15.73
C VAL B 42 8.08 -27.10 -17.11
N TYR B 43 9.39 -27.20 -17.33
CA TYR B 43 9.95 -26.87 -18.63
C TYR B 43 9.57 -27.97 -19.61
N LYS B 44 9.45 -29.20 -19.10
CA LYS B 44 9.03 -30.32 -19.94
C LYS B 44 7.57 -30.05 -20.33
N ALA B 45 6.76 -29.62 -19.38
CA ALA B 45 5.38 -29.32 -19.68
C ALA B 45 5.34 -28.23 -20.77
N LEU B 46 6.19 -27.22 -20.61
CA LEU B 46 6.26 -26.14 -21.58
C LEU B 46 6.63 -26.63 -22.98
N ASP B 47 7.46 -27.67 -23.07
CA ASP B 47 7.87 -28.24 -24.35
C ASP B 47 6.70 -28.89 -25.07
N GLU B 48 5.70 -29.37 -24.31
CA GLU B 48 4.55 -30.03 -24.92
C GLU B 48 3.65 -29.06 -25.68
N ILE B 49 3.84 -27.77 -25.44
CA ILE B 49 3.01 -26.78 -26.11
C ILE B 49 3.36 -26.48 -27.57
N PRO B 50 2.36 -26.62 -28.45
CA PRO B 50 2.40 -26.41 -29.89
C PRO B 50 2.32 -24.93 -30.25
N PHE B 51 3.33 -24.15 -29.85
CA PHE B 51 3.33 -22.72 -30.14
C PHE B 51 3.11 -22.34 -31.61
N SER B 52 2.35 -21.27 -31.82
CA SER B 52 2.06 -20.78 -33.16
C SER B 52 3.14 -19.80 -33.58
N ASP B 53 3.27 -19.56 -34.89
CA ASP B 53 4.29 -18.64 -35.36
C ASP B 53 4.09 -17.21 -34.85
N ASP B 54 2.83 -16.81 -34.68
CA ASP B 54 2.52 -15.47 -34.21
C ASP B 54 3.07 -15.24 -32.81
N ALA B 55 3.33 -16.32 -32.10
CA ALA B 55 3.85 -16.23 -30.74
C ALA B 55 5.36 -16.11 -30.71
N MET B 56 5.99 -16.08 -31.88
CA MET B 56 7.45 -16.02 -31.93
C MET B 56 7.98 -14.73 -32.50
N LEU B 57 9.17 -14.36 -32.06
CA LEU B 57 9.83 -13.16 -32.53
C LEU B 57 11.34 -13.31 -32.32
N PRO B 58 12.14 -12.69 -33.20
CA PRO B 58 13.61 -12.77 -33.13
C PRO B 58 14.21 -12.48 -31.76
N ILE B 59 14.92 -13.47 -31.22
CA ILE B 59 15.58 -13.32 -29.93
C ILE B 59 17.06 -12.99 -30.16
N PRO B 60 17.47 -11.76 -29.80
CA PRO B 60 18.83 -11.22 -29.94
C PRO B 60 19.91 -12.14 -29.38
N PRO B 61 20.89 -12.50 -30.22
CA PRO B 61 21.99 -13.37 -29.81
C PRO B 61 22.89 -12.76 -28.74
N THR B 62 22.96 -11.43 -28.70
CA THR B 62 23.81 -10.76 -27.72
C THR B 62 23.26 -10.85 -26.31
N ILE B 63 22.07 -11.42 -26.16
CA ILE B 63 21.49 -11.59 -24.84
C ILE B 63 22.24 -12.67 -24.10
N TYR B 64 22.92 -13.54 -24.85
CA TYR B 64 23.65 -14.67 -24.26
C TYR B 64 25.16 -14.49 -24.09
N THR B 65 25.76 -13.62 -24.89
CA THR B 65 27.20 -13.39 -24.81
C THR B 65 27.50 -12.02 -24.23
N LYS B 66 27.93 -11.99 -22.97
CA LYS B 66 28.24 -10.72 -22.32
C LYS B 66 29.68 -10.68 -21.84
N PRO B 67 30.24 -9.47 -21.70
CA PRO B 67 31.62 -9.30 -21.26
C PRO B 67 31.79 -9.70 -19.80
N SER B 68 32.98 -9.46 -19.26
CA SER B 68 33.27 -9.73 -17.87
C SER B 68 32.77 -8.51 -17.09
N HIS B 69 32.42 -8.71 -15.84
CA HIS B 69 31.93 -7.62 -15.01
C HIS B 69 33.05 -6.62 -14.69
N ASP B 70 34.26 -7.14 -14.56
CA ASP B 70 35.44 -6.35 -14.19
C ASP B 70 35.60 -4.93 -14.79
N SER B 71 35.36 -4.77 -16.09
CA SER B 71 35.49 -3.46 -16.74
C SER B 71 34.38 -2.49 -16.37
N TYR B 72 33.39 -2.97 -15.62
CA TYR B 72 32.25 -2.14 -15.20
C TYR B 72 32.34 -1.56 -13.80
N TYR B 73 33.44 -1.82 -13.10
CA TYR B 73 33.65 -1.33 -11.74
C TYR B 73 35.04 -0.70 -11.55
N TYR B 74 35.26 -0.15 -10.36
CA TYR B 74 36.54 0.47 -10.02
C TYR B 74 36.53 0.85 -8.54
N ILE B 75 37.70 1.19 -8.01
CA ILE B 75 37.84 1.61 -6.61
C ILE B 75 38.12 3.11 -6.55
N ASP B 76 37.30 3.87 -5.80
CA ASP B 76 37.50 5.32 -5.73
C ASP B 76 38.55 5.79 -4.72
N ALA B 77 38.74 7.10 -4.68
CA ALA B 77 39.70 7.74 -3.80
C ALA B 77 39.42 7.41 -2.33
N LEU B 78 38.19 6.98 -2.05
CA LEU B 78 37.81 6.63 -0.70
C LEU B 78 37.81 5.12 -0.49
N ASN B 79 38.40 4.42 -1.44
CA ASN B 79 38.54 2.98 -1.36
C ASN B 79 37.27 2.17 -1.48
N ARG B 80 36.15 2.82 -1.77
CA ARG B 80 34.88 2.09 -1.90
C ARG B 80 34.68 1.57 -3.32
N VAL B 81 34.19 0.34 -3.45
CA VAL B 81 33.94 -0.21 -4.78
C VAL B 81 32.85 0.63 -5.41
N ARG B 82 33.06 0.99 -6.67
CA ARG B 82 32.12 1.83 -7.39
C ARG B 82 31.81 1.34 -8.78
N ARG B 83 30.63 1.67 -9.22
CA ARG B 83 30.20 1.31 -10.53
C ARG B 83 30.82 2.36 -11.46
N LYS B 84 31.43 1.90 -12.53
CA LYS B 84 32.10 2.74 -13.51
C LYS B 84 31.15 3.09 -14.66
N THR B 85 30.88 4.38 -14.82
CA THR B 85 29.96 4.89 -15.85
C THR B 85 30.35 4.85 -17.31
N TYR B 86 29.40 4.43 -18.15
CA TYR B 86 29.61 4.35 -19.59
C TYR B 86 28.49 5.00 -20.37
N GLN B 87 27.25 4.75 -19.97
CA GLN B 87 26.10 5.32 -20.67
C GLN B 87 25.62 6.62 -20.06
N GLY B 88 26.33 7.13 -19.07
CA GLY B 88 25.92 8.37 -18.41
C GLY B 88 25.86 8.22 -16.90
N PRO B 89 25.64 9.33 -16.17
CA PRO B 89 25.56 9.39 -14.71
C PRO B 89 24.66 8.33 -14.08
N ASP B 90 23.59 7.98 -14.78
CA ASP B 90 22.64 6.97 -14.31
C ASP B 90 23.22 5.55 -14.29
N ASP B 91 24.00 5.20 -15.32
CA ASP B 91 24.58 3.87 -15.43
C ASP B 91 25.33 3.43 -14.18
N VAL B 92 24.56 3.13 -13.15
CA VAL B 92 25.07 2.77 -11.84
C VAL B 92 24.48 1.44 -11.35
N TYR B 93 23.60 0.87 -12.14
CA TYR B 93 22.92 -0.39 -11.78
C TYR B 93 23.75 -1.65 -12.01
N VAL B 94 23.10 -2.80 -11.94
CA VAL B 94 23.79 -4.05 -12.19
C VAL B 94 24.00 -4.10 -13.69
N PRO B 95 25.23 -4.37 -14.12
CA PRO B 95 25.54 -4.45 -15.56
C PRO B 95 25.22 -5.84 -16.12
N ASN B 96 24.98 -5.93 -17.44
CA ASN B 96 24.68 -7.21 -18.10
C ASN B 96 25.97 -7.93 -18.46
N CYS B 97 26.37 -8.91 -17.65
CA CYS B 97 27.62 -9.61 -17.90
C CYS B 97 27.53 -11.09 -17.66
N SER B 98 28.65 -11.76 -17.91
CA SER B 98 28.73 -13.18 -17.69
C SER B 98 28.81 -13.34 -16.18
N ILE B 99 28.62 -14.56 -15.67
CA ILE B 99 28.70 -14.73 -14.23
C ILE B 99 29.21 -16.12 -13.82
N VAL B 100 29.07 -17.10 -14.70
CA VAL B 100 29.53 -18.44 -14.37
C VAL B 100 31.00 -18.50 -13.94
N GLU B 101 31.86 -17.74 -14.58
CA GLU B 101 33.28 -17.73 -14.26
C GLU B 101 33.57 -17.43 -12.78
N LEU B 102 32.58 -16.90 -12.07
CA LEU B 102 32.77 -16.55 -10.66
C LEU B 102 32.05 -17.47 -9.70
N LEU B 103 31.69 -18.67 -10.14
CA LEU B 103 30.96 -19.59 -9.28
C LEU B 103 31.67 -20.91 -8.96
N GLU B 104 31.23 -21.54 -7.87
CA GLU B 104 31.74 -22.84 -7.43
C GLU B 104 30.53 -23.76 -7.45
N PRO B 105 30.60 -24.87 -8.19
CA PRO B 105 29.46 -25.79 -8.25
C PRO B 105 28.93 -26.09 -6.84
N HIS B 106 27.62 -26.32 -6.74
CA HIS B 106 26.99 -26.62 -5.47
C HIS B 106 27.15 -28.10 -5.12
N GLU B 107 27.32 -28.37 -3.84
CA GLU B 107 27.47 -29.73 -3.35
C GLU B 107 26.10 -30.41 -3.39
N THR B 108 25.81 -31.12 -4.49
CA THR B 108 24.53 -31.82 -4.71
C THR B 108 23.91 -31.35 -6.02
N LEU B 109 23.65 -30.05 -6.10
CA LEU B 109 23.08 -29.45 -7.31
C LEU B 109 24.26 -29.06 -8.19
N THR B 110 25.12 -30.04 -8.43
CA THR B 110 26.32 -29.89 -9.24
C THR B 110 26.26 -28.93 -10.41
N SER B 111 25.10 -28.83 -11.07
CA SER B 111 24.98 -27.93 -12.23
C SER B 111 24.70 -26.47 -11.84
N TYR B 112 24.52 -26.23 -10.55
CA TYR B 112 24.27 -24.89 -10.06
C TYR B 112 25.43 -24.43 -9.19
N GLY B 113 25.63 -23.12 -9.12
CA GLY B 113 26.70 -22.58 -8.33
C GLY B 113 26.45 -21.22 -7.69
N ARG B 114 27.22 -20.98 -6.63
CA ARG B 114 27.17 -19.75 -5.85
C ARG B 114 28.51 -19.05 -6.03
N LEU B 115 28.66 -17.87 -5.44
CA LEU B 115 29.90 -17.11 -5.53
C LEU B 115 31.04 -17.90 -4.89
N SER B 116 32.16 -18.01 -5.60
CA SER B 116 33.31 -18.74 -5.07
C SER B 116 33.64 -18.23 -3.68
N GLU B 117 33.68 -19.14 -2.71
CA GLU B 117 33.99 -18.76 -1.36
C GLU B 117 35.42 -18.24 -1.33
N ALA B 118 36.19 -18.67 -2.33
CA ALA B 118 37.59 -18.25 -2.45
C ALA B 118 37.64 -16.76 -2.78
N ILE B 119 36.78 -16.33 -3.69
CA ILE B 119 36.72 -14.93 -4.08
C ILE B 119 36.32 -14.04 -2.92
N GLU B 120 35.31 -14.46 -2.14
CA GLU B 120 34.85 -13.68 -0.99
C GLU B 120 35.88 -13.49 0.11
N ASN B 121 36.64 -14.54 0.39
CA ASN B 121 37.67 -14.47 1.43
C ASN B 121 38.74 -13.50 1.01
N ARG B 122 39.10 -13.53 -0.27
CA ARG B 122 40.11 -12.63 -0.80
C ARG B 122 39.57 -11.20 -0.71
N ALA B 123 38.27 -11.05 -0.95
CA ALA B 123 37.62 -9.76 -0.89
C ALA B 123 37.66 -9.27 0.55
N LYS B 124 37.26 -10.15 1.47
CA LYS B 124 37.23 -9.82 2.89
C LYS B 124 38.63 -9.50 3.38
N ASP B 125 39.63 -9.99 2.67
CA ASP B 125 41.02 -9.72 3.02
C ASP B 125 41.29 -8.25 2.66
N GLY B 126 40.89 -7.87 1.45
CA GLY B 126 41.09 -6.51 1.00
C GLY B 126 41.47 -6.41 -0.46
N ASP B 127 41.49 -7.53 -1.16
CA ASP B 127 41.86 -7.53 -2.56
C ASP B 127 40.86 -6.78 -3.46
N SER B 128 41.32 -5.72 -4.12
CA SER B 128 40.45 -4.94 -4.99
C SER B 128 39.68 -5.80 -5.99
N GLN B 129 40.38 -6.52 -6.84
CA GLN B 129 39.74 -7.36 -7.85
C GLN B 129 38.66 -8.27 -7.27
N ALA B 130 38.92 -8.81 -6.09
CA ALA B 130 37.98 -9.72 -5.42
C ALA B 130 36.74 -8.99 -4.90
N ARG B 131 36.94 -7.77 -4.41
CA ARG B 131 35.84 -6.97 -3.90
C ARG B 131 34.93 -6.65 -5.07
N ILE B 132 35.52 -6.19 -6.16
CA ILE B 132 34.74 -5.85 -7.35
C ILE B 132 33.83 -7.02 -7.69
N ALA B 133 34.44 -8.21 -7.72
CA ALA B 133 33.77 -9.46 -8.03
C ALA B 133 32.65 -9.82 -7.06
N THR B 134 32.93 -9.69 -5.77
CA THR B 134 31.91 -10.02 -4.77
C THR B 134 30.74 -9.07 -4.91
N THR B 135 31.03 -7.77 -5.03
CA THR B 135 30.00 -6.78 -5.16
C THR B 135 29.09 -7.14 -6.33
N TYR B 136 29.66 -7.27 -7.52
CA TYR B 136 28.88 -7.65 -8.69
C TYR B 136 28.12 -8.95 -8.43
N GLY B 137 28.76 -9.88 -7.73
CA GLY B 137 28.12 -11.16 -7.44
C GLY B 137 26.91 -10.99 -6.53
N ARG B 138 27.12 -10.24 -5.46
CA ARG B 138 26.07 -10.00 -4.50
C ARG B 138 24.93 -9.14 -5.05
N ILE B 139 25.25 -8.15 -5.88
CA ILE B 139 24.19 -7.30 -6.41
C ILE B 139 23.43 -8.03 -7.50
N ALA B 140 24.14 -8.81 -8.31
CA ALA B 140 23.49 -9.56 -9.37
C ALA B 140 22.47 -10.52 -8.75
N GLU B 141 22.85 -11.12 -7.62
CA GLU B 141 21.97 -12.06 -6.91
C GLU B 141 20.77 -11.31 -6.35
N SER B 142 21.04 -10.13 -5.81
CA SER B 142 20.03 -9.28 -5.22
C SER B 142 18.97 -8.94 -6.26
N GLN B 143 19.41 -8.68 -7.48
CA GLN B 143 18.49 -8.35 -8.57
C GLN B 143 17.56 -9.52 -8.82
N ALA B 144 18.08 -10.73 -8.58
CA ALA B 144 17.33 -11.96 -8.80
C ALA B 144 16.36 -12.33 -7.68
N ARG B 145 16.56 -11.75 -6.49
CA ARG B 145 15.69 -12.05 -5.36
C ARG B 145 14.39 -11.26 -5.33
N GLN B 146 14.30 -10.21 -6.15
CA GLN B 146 13.12 -9.35 -6.17
C GLN B 146 11.78 -9.97 -6.59
N ILE B 147 11.60 -11.25 -6.28
CA ILE B 147 10.37 -11.97 -6.63
C ILE B 147 9.79 -12.71 -5.42
N LYS B 148 8.49 -12.98 -5.48
CA LYS B 148 7.77 -13.67 -4.41
C LYS B 148 8.16 -15.11 -4.12
N ALA B 149 8.39 -15.89 -5.17
CA ALA B 149 8.75 -17.31 -5.06
C ALA B 149 9.37 -17.73 -6.39
N PRO B 150 9.71 -19.03 -6.55
CA PRO B 150 10.30 -19.41 -7.83
C PRO B 150 9.36 -19.12 -8.98
N LEU B 151 9.91 -18.71 -10.12
CA LEU B 151 9.07 -18.43 -11.27
C LEU B 151 8.28 -19.65 -11.74
N GLU B 152 8.86 -20.85 -11.59
CA GLU B 152 8.22 -22.09 -12.03
C GLU B 152 6.87 -22.39 -11.41
N LYS B 153 6.63 -21.86 -10.21
CA LYS B 153 5.35 -22.07 -9.53
C LYS B 153 4.26 -21.25 -10.23
N PHE B 154 4.60 -20.02 -10.62
CA PHE B 154 3.64 -19.15 -11.28
C PHE B 154 3.30 -19.72 -12.65
N VAL B 155 4.34 -20.23 -13.31
CA VAL B 155 4.20 -20.82 -14.62
C VAL B 155 3.33 -22.08 -14.55
N LEU B 156 3.63 -22.94 -13.59
CA LEU B 156 2.89 -24.18 -13.45
C LEU B 156 1.41 -23.90 -13.23
N ALA B 157 1.10 -23.00 -12.32
CA ALA B 157 -0.29 -22.66 -12.06
C ALA B 157 -0.93 -22.17 -13.35
N LEU B 158 -0.17 -21.38 -14.12
CA LEU B 158 -0.71 -20.88 -15.38
C LEU B 158 -1.03 -22.05 -16.31
N LEU B 159 -0.15 -23.04 -16.32
CA LEU B 159 -0.36 -24.23 -17.14
C LEU B 159 -1.63 -24.92 -16.68
N VAL B 160 -1.73 -25.19 -15.40
CA VAL B 160 -2.91 -25.86 -14.88
C VAL B 160 -4.18 -25.09 -15.20
N ALA B 161 -4.23 -23.82 -14.82
CA ALA B 161 -5.42 -22.99 -15.07
C ALA B 161 -5.84 -22.99 -16.54
N GLU B 162 -4.90 -22.68 -17.42
CA GLU B 162 -5.17 -22.61 -18.85
C GLU B 162 -5.51 -23.93 -19.53
N ALA B 163 -5.15 -25.05 -18.92
CA ALA B 163 -5.45 -26.35 -19.49
C ALA B 163 -6.99 -26.48 -19.53
N GLY B 164 -7.66 -25.59 -18.81
CA GLY B 164 -9.12 -25.60 -18.76
C GLY B 164 -9.85 -25.09 -19.99
N GLY B 165 -9.14 -24.37 -20.86
CA GLY B 165 -9.74 -23.83 -22.07
C GLY B 165 -10.60 -22.61 -21.82
N SER B 166 -11.30 -22.15 -22.85
CA SER B 166 -12.17 -20.97 -22.71
C SER B 166 -13.23 -21.18 -21.63
N LEU B 167 -13.57 -20.08 -20.95
CA LEU B 167 -14.58 -20.11 -19.91
C LEU B 167 -15.90 -19.54 -20.41
N TYR B 168 -17.00 -20.20 -20.05
CA TYR B 168 -18.34 -19.74 -20.44
C TYR B 168 -18.88 -18.67 -19.47
N ASP B 169 -19.15 -17.48 -19.98
CA ASP B 169 -19.67 -16.37 -19.18
C ASP B 169 -21.16 -16.60 -18.82
N PRO B 170 -21.50 -16.59 -17.52
CA PRO B 170 -22.87 -16.80 -17.05
C PRO B 170 -23.82 -15.69 -17.49
N VAL B 171 -23.32 -14.46 -17.51
CA VAL B 171 -24.12 -13.32 -17.90
C VAL B 171 -24.22 -13.16 -19.42
N LEU B 172 -23.08 -13.09 -20.08
CA LEU B 172 -23.03 -12.93 -21.52
C LEU B 172 -23.49 -14.18 -22.25
N GLN B 173 -23.50 -15.29 -21.53
CA GLN B 173 -23.92 -16.58 -22.08
C GLN B 173 -23.18 -17.01 -23.34
N LYS B 174 -21.86 -16.91 -23.29
CA LYS B 174 -21.00 -17.35 -24.39
C LYS B 174 -19.58 -17.50 -23.86
N TYR B 175 -18.78 -18.28 -24.57
CA TYR B 175 -17.42 -18.50 -24.15
C TYR B 175 -16.59 -17.29 -24.54
N ASP B 176 -15.59 -16.96 -23.73
CA ASP B 176 -14.72 -15.82 -24.07
C ASP B 176 -13.84 -16.23 -25.23
N GLU B 177 -13.18 -15.25 -25.84
CA GLU B 177 -12.33 -15.56 -26.97
C GLU B 177 -10.86 -15.25 -26.76
N ILE B 178 -10.40 -15.46 -25.53
CA ILE B 178 -9.00 -15.24 -25.20
C ILE B 178 -8.13 -16.34 -25.79
N PRO B 179 -7.19 -15.94 -26.67
CA PRO B 179 -6.27 -16.87 -27.34
C PRO B 179 -5.68 -17.85 -26.34
N ASP B 180 -5.47 -19.10 -26.75
CA ASP B 180 -4.89 -20.05 -25.82
C ASP B 180 -3.36 -19.88 -25.77
N LEU B 181 -2.71 -20.68 -24.94
CA LEU B 181 -1.27 -20.57 -24.75
C LEU B 181 -0.36 -20.69 -25.96
N SER B 182 -0.80 -21.39 -27.00
CA SER B 182 0.07 -21.53 -28.16
C SER B 182 0.25 -20.17 -28.87
N HIS B 183 -0.41 -19.14 -28.36
CA HIS B 183 -0.33 -17.79 -28.93
C HIS B 183 0.28 -16.80 -27.92
N ASN B 184 0.68 -17.33 -26.77
CA ASN B 184 1.26 -16.52 -25.72
C ASN B 184 2.75 -16.28 -26.03
N CYS B 185 3.06 -15.09 -26.54
CA CYS B 185 4.43 -14.76 -26.90
C CYS B 185 5.42 -14.71 -25.73
N PRO B 186 5.01 -14.17 -24.57
CA PRO B 186 5.98 -14.14 -23.48
C PRO B 186 6.43 -15.56 -23.12
N LEU B 187 5.48 -16.48 -22.95
CA LEU B 187 5.76 -17.89 -22.60
C LEU B 187 6.74 -18.56 -23.58
N TRP B 188 6.56 -18.29 -24.86
CA TRP B 188 7.43 -18.87 -25.86
C TRP B 188 8.87 -18.43 -25.61
N CYS B 189 9.05 -17.13 -25.34
CA CYS B 189 10.36 -16.56 -25.06
C CYS B 189 10.94 -17.16 -23.81
N PHE B 190 10.13 -17.26 -22.78
CA PHE B 190 10.58 -17.84 -21.52
C PHE B 190 11.10 -19.26 -21.79
N ARG B 191 10.38 -20.03 -22.60
CA ARG B 191 10.81 -21.38 -22.88
C ARG B 191 12.08 -21.44 -23.73
N GLU B 192 12.11 -20.67 -24.81
CA GLU B 192 13.26 -20.65 -25.72
C GLU B 192 14.55 -20.08 -25.09
N ILE B 193 14.41 -18.97 -24.35
CA ILE B 193 15.54 -18.33 -23.71
C ILE B 193 16.17 -19.29 -22.70
N CYS B 194 15.32 -19.94 -21.91
CA CYS B 194 15.78 -20.90 -20.91
C CYS B 194 16.33 -22.15 -21.57
N ARG B 195 15.64 -22.68 -22.55
CA ARG B 195 16.09 -23.89 -23.23
C ARG B 195 17.48 -23.65 -23.82
N HIS B 196 17.67 -22.48 -24.41
CA HIS B 196 18.93 -22.11 -25.03
C HIS B 196 20.06 -21.99 -24.01
N ILE B 197 19.73 -21.68 -22.77
CA ILE B 197 20.77 -21.53 -21.76
C ILE B 197 21.17 -22.90 -21.23
N SER B 198 20.19 -23.68 -20.83
CA SER B 198 20.44 -25.02 -20.31
C SER B 198 21.15 -25.89 -21.33
N GLY B 199 20.82 -25.67 -22.61
CA GLY B 199 21.41 -26.44 -23.67
C GLY B 199 21.28 -27.93 -23.40
N PRO B 200 22.38 -28.68 -23.49
CA PRO B 200 22.41 -30.12 -23.26
C PRO B 200 22.25 -30.54 -21.80
N LEU B 201 22.06 -29.56 -20.92
CA LEU B 201 21.92 -29.88 -19.50
C LEU B 201 20.51 -30.40 -19.10
N PRO B 202 20.47 -31.43 -18.24
CA PRO B 202 19.25 -32.08 -17.73
C PRO B 202 18.41 -31.10 -16.92
N ASP B 203 19.09 -30.18 -16.24
CA ASP B 203 18.45 -29.15 -15.43
C ASP B 203 17.98 -28.08 -16.40
N ARG B 204 16.69 -27.73 -16.38
CA ARG B 204 16.15 -26.75 -17.30
C ARG B 204 16.01 -25.32 -16.78
N ALA B 205 16.13 -25.14 -15.46
CA ALA B 205 16.02 -23.82 -14.85
C ALA B 205 17.34 -23.06 -14.88
N PRO B 206 17.30 -21.81 -15.38
CA PRO B 206 18.46 -20.91 -15.51
C PRO B 206 19.05 -20.48 -14.18
N TYR B 207 18.22 -20.54 -13.14
CA TYR B 207 18.65 -20.18 -11.79
C TYR B 207 17.62 -20.70 -10.81
N LEU B 208 18.03 -20.82 -9.55
CA LEU B 208 17.14 -21.31 -8.51
C LEU B 208 16.95 -20.27 -7.42
N TYR B 209 15.70 -19.89 -7.18
CA TYR B 209 15.36 -18.92 -6.14
C TYR B 209 15.18 -19.76 -4.88
N LEU B 210 16.11 -19.65 -3.94
CA LEU B 210 16.03 -20.43 -2.71
C LEU B 210 16.00 -19.59 -1.44
N SER B 211 16.30 -20.29 -0.35
CA SER B 211 16.38 -19.72 0.97
C SER B 211 17.89 -19.56 1.22
N ALA B 212 18.66 -20.60 0.88
CA ALA B 212 20.13 -20.59 1.04
C ALA B 212 20.74 -19.53 0.11
N GLY B 213 19.88 -18.83 -0.63
CA GLY B 213 20.29 -17.79 -1.56
C GLY B 213 19.91 -18.13 -2.99
N VAL B 214 20.57 -17.48 -3.94
CA VAL B 214 20.33 -17.73 -5.36
C VAL B 214 21.48 -18.56 -5.95
N PHE B 215 21.12 -19.51 -6.82
CA PHE B 215 22.11 -20.36 -7.47
C PHE B 215 21.97 -20.25 -8.97
N TRP B 216 23.10 -20.14 -9.66
CA TRP B 216 23.08 -20.01 -11.10
C TRP B 216 23.43 -21.32 -11.78
N LEU B 217 22.72 -21.60 -12.87
CA LEU B 217 22.94 -22.80 -13.66
C LEU B 217 24.30 -22.55 -14.28
N MET B 218 25.20 -23.53 -14.15
CA MET B 218 26.56 -23.39 -14.68
C MET B 218 26.71 -23.36 -16.21
N SER B 219 26.00 -22.46 -16.88
CA SER B 219 26.08 -22.35 -18.33
C SER B 219 26.82 -21.07 -18.73
N PRO B 220 27.69 -21.16 -19.75
CA PRO B 220 28.47 -20.01 -20.24
C PRO B 220 27.56 -19.01 -20.97
N ARG B 221 26.29 -19.39 -21.07
CA ARG B 221 25.26 -18.59 -21.74
C ARG B 221 24.41 -17.77 -20.77
N MET B 222 24.54 -18.04 -19.48
CA MET B 222 23.76 -17.31 -18.49
C MET B 222 24.30 -15.89 -18.32
N THR B 223 23.41 -14.99 -17.92
CA THR B 223 23.73 -13.58 -17.73
C THR B 223 23.04 -13.04 -16.50
N SER B 224 23.58 -11.96 -15.95
CA SER B 224 23.01 -11.32 -14.77
C SER B 224 21.68 -10.68 -15.11
N ALA B 225 21.39 -10.60 -16.40
CA ALA B 225 20.15 -10.00 -16.85
C ALA B 225 19.05 -11.03 -17.07
N ILE B 226 19.37 -12.31 -16.99
CA ILE B 226 18.31 -13.30 -17.20
C ILE B 226 17.20 -13.30 -16.13
N PRO B 227 17.56 -13.32 -14.83
CA PRO B 227 16.47 -13.32 -13.85
C PRO B 227 15.43 -12.21 -14.12
N PRO B 228 15.86 -10.92 -14.20
CA PRO B 228 14.92 -9.82 -14.47
C PRO B 228 14.08 -10.10 -15.71
N LEU B 229 14.75 -10.46 -16.80
CA LEU B 229 14.09 -10.78 -18.07
C LEU B 229 12.99 -11.82 -17.94
N LEU B 230 13.32 -12.98 -17.37
CA LEU B 230 12.34 -14.04 -17.22
C LEU B 230 11.17 -13.60 -16.33
N SER B 231 11.49 -12.94 -15.22
CA SER B 231 10.47 -12.45 -14.32
C SER B 231 9.47 -11.56 -15.08
N ASP B 232 9.97 -10.71 -15.99
CA ASP B 232 9.12 -9.83 -16.80
C ASP B 232 8.22 -10.62 -17.75
N LEU B 233 8.78 -11.66 -18.37
CA LEU B 233 8.03 -12.49 -19.30
C LEU B 233 6.93 -13.26 -18.58
N VAL B 234 7.19 -13.74 -17.36
CA VAL B 234 6.16 -14.47 -16.63
C VAL B 234 4.97 -13.56 -16.33
N ASN B 235 5.24 -12.31 -15.97
CA ASN B 235 4.17 -11.37 -15.67
C ASN B 235 3.34 -11.09 -16.92
N LEU B 236 4.01 -10.91 -18.04
CA LEU B 236 3.28 -10.64 -19.28
C LEU B 236 2.47 -11.86 -19.72
N ALA B 237 3.07 -13.04 -19.54
CA ALA B 237 2.44 -14.30 -19.90
C ALA B 237 1.09 -14.48 -19.17
N ILE B 238 1.11 -14.23 -17.87
CA ILE B 238 -0.08 -14.36 -17.04
C ILE B 238 -1.15 -13.32 -17.34
N LEU B 239 -0.73 -12.08 -17.61
CA LEU B 239 -1.68 -11.00 -17.93
C LEU B 239 -2.33 -11.17 -19.31
N GLN B 240 -1.59 -11.67 -20.29
CA GLN B 240 -2.15 -11.87 -21.62
C GLN B 240 -3.32 -12.85 -21.51
N GLN B 241 -3.27 -13.68 -20.48
CA GLN B 241 -4.30 -14.67 -20.28
C GLN B 241 -5.35 -14.21 -19.28
N THR B 242 -4.95 -13.39 -18.32
CA THR B 242 -5.87 -12.93 -17.28
C THR B 242 -6.43 -11.52 -17.40
N ALA B 243 -5.71 -10.64 -18.07
CA ALA B 243 -6.21 -9.28 -18.26
C ALA B 243 -6.75 -9.19 -19.68
N GLY B 244 -6.68 -10.32 -20.38
CA GLY B 244 -7.15 -10.37 -21.76
C GLY B 244 -6.38 -9.40 -22.64
N LEU B 245 -5.11 -9.19 -22.35
CA LEU B 245 -4.32 -8.25 -23.13
C LEU B 245 -4.26 -8.66 -24.59
N ASP B 246 -4.07 -7.66 -25.44
CA ASP B 246 -3.95 -7.85 -26.88
C ASP B 246 -2.56 -8.45 -27.13
N PRO B 247 -2.49 -9.61 -27.80
CA PRO B 247 -1.19 -10.25 -28.08
C PRO B 247 -0.21 -9.41 -28.90
N SER B 248 -0.73 -8.63 -29.84
CA SER B 248 0.13 -7.81 -30.68
C SER B 248 0.85 -6.76 -29.84
N LEU B 249 0.15 -6.21 -28.86
CA LEU B 249 0.75 -5.22 -27.97
C LEU B 249 1.75 -5.93 -27.05
N VAL B 250 1.34 -7.08 -26.51
CA VAL B 250 2.19 -7.82 -25.61
C VAL B 250 3.56 -8.07 -26.24
N LYS B 251 3.60 -8.39 -27.54
CA LYS B 251 4.89 -8.62 -28.20
C LYS B 251 5.73 -7.34 -28.19
N LEU B 252 5.09 -6.18 -28.27
CA LEU B 252 5.84 -4.93 -28.23
C LEU B 252 6.60 -4.83 -26.91
N GLY B 253 5.93 -5.25 -25.83
CA GLY B 253 6.54 -5.22 -24.52
C GLY B 253 7.65 -6.24 -24.34
N VAL B 254 7.53 -7.37 -25.04
CA VAL B 254 8.55 -8.39 -24.94
C VAL B 254 9.83 -7.88 -25.61
N GLN B 255 9.66 -7.12 -26.66
CA GLN B 255 10.77 -6.56 -27.41
C GLN B 255 11.60 -5.60 -26.58
N ILE B 256 10.93 -4.70 -25.87
CA ILE B 256 11.65 -3.74 -25.05
C ILE B 256 12.50 -4.56 -24.08
N CYS B 257 11.89 -5.54 -23.44
CA CYS B 257 12.59 -6.39 -22.50
C CYS B 257 13.80 -7.11 -23.11
N LEU B 258 13.62 -7.67 -24.30
CA LEU B 258 14.71 -8.35 -24.98
C LEU B 258 15.80 -7.34 -25.29
N HIS B 259 15.41 -6.10 -25.61
CA HIS B 259 16.35 -5.03 -25.88
C HIS B 259 17.06 -4.65 -24.58
N ALA B 260 16.34 -4.78 -23.48
CA ALA B 260 16.88 -4.49 -22.14
C ALA B 260 17.97 -5.50 -21.81
N ALA B 261 17.69 -6.79 -21.99
CA ALA B 261 18.68 -7.83 -21.73
C ALA B 261 19.80 -7.70 -22.76
N ALA B 262 19.45 -7.15 -23.92
CA ALA B 262 20.40 -6.95 -25.00
C ALA B 262 21.40 -5.85 -24.70
N SER B 263 20.96 -4.81 -23.99
CA SER B 263 21.82 -3.68 -23.66
C SER B 263 22.93 -4.07 -22.71
N SER B 264 23.53 -3.06 -22.08
CA SER B 264 24.61 -3.28 -21.15
C SER B 264 24.17 -3.27 -19.70
N SER B 265 22.91 -2.90 -19.45
CA SER B 265 22.38 -2.86 -18.08
C SER B 265 20.86 -2.89 -18.08
N TYR B 266 20.29 -4.08 -17.89
CA TYR B 266 18.86 -4.27 -17.89
C TYR B 266 18.06 -3.21 -17.15
N SER B 267 18.38 -3.00 -15.88
CA SER B 267 17.64 -2.01 -15.10
C SER B 267 17.76 -0.61 -15.66
N TRP B 268 18.99 -0.19 -15.94
CA TRP B 268 19.24 1.14 -16.48
C TRP B 268 18.36 1.37 -17.72
N PHE B 269 18.44 0.44 -18.67
CA PHE B 269 17.67 0.53 -19.90
C PHE B 269 16.17 0.67 -19.58
N ILE B 270 15.63 -0.29 -18.83
CA ILE B 270 14.23 -0.30 -18.45
C ILE B 270 13.81 1.07 -17.90
N LEU B 271 14.68 1.66 -17.09
CA LEU B 271 14.44 2.95 -16.48
C LEU B 271 14.38 4.10 -17.51
N LYS B 272 15.37 4.12 -18.42
CA LYS B 272 15.45 5.16 -19.44
C LYS B 272 14.36 5.08 -20.52
N THR B 273 13.61 3.99 -20.57
CA THR B 273 12.57 3.83 -21.58
C THR B 273 11.16 3.56 -21.04
N LYS B 274 11.06 3.47 -19.71
CA LYS B 274 9.80 3.20 -19.01
C LYS B 274 8.57 4.04 -19.38
N SER B 275 8.78 5.13 -20.13
CA SER B 275 7.65 5.98 -20.50
C SER B 275 7.19 5.74 -21.93
N ILE B 276 7.75 4.75 -22.59
CA ILE B 276 7.37 4.48 -23.97
C ILE B 276 5.89 4.17 -24.16
N PHE B 277 5.36 3.24 -23.39
CA PHE B 277 3.96 2.91 -23.53
C PHE B 277 3.05 4.09 -23.13
N PRO B 278 3.29 4.70 -21.96
CA PRO B 278 2.49 5.83 -21.49
C PRO B 278 2.46 7.01 -22.48
N GLN B 279 3.63 7.36 -23.00
CA GLN B 279 3.77 8.47 -23.95
C GLN B 279 3.13 8.28 -25.31
N ASN B 280 3.27 7.09 -25.87
CA ASN B 280 2.73 6.84 -27.18
C ASN B 280 1.30 6.32 -27.22
N THR B 281 0.59 6.46 -26.09
CA THR B 281 -0.79 6.03 -25.99
C THR B 281 -1.54 7.02 -25.09
N LEU B 282 -1.52 6.77 -23.79
CA LEU B 282 -2.20 7.64 -22.82
C LEU B 282 -2.00 9.13 -23.08
N HIS B 283 -0.75 9.57 -23.11
CA HIS B 283 -0.46 10.98 -23.32
C HIS B 283 -0.57 11.50 -24.77
N SER B 284 -1.18 10.72 -25.66
CA SER B 284 -1.34 11.13 -27.08
C SER B 284 -2.71 10.74 -27.66
N MET B 285 -3.64 10.37 -26.79
CA MET B 285 -4.96 9.98 -27.26
C MET B 285 -5.80 11.12 -27.80
N TYR B 286 -6.63 10.77 -28.78
CA TYR B 286 -7.58 11.71 -29.34
C TYR B 286 -7.12 13.00 -29.99
N GLU B 287 -6.00 12.99 -30.72
CA GLU B 287 -5.55 14.21 -31.39
C GLU B 287 -6.74 14.62 -32.26
N SER B 288 -7.58 13.64 -32.55
CA SER B 288 -8.80 13.82 -33.32
C SER B 288 -9.90 13.15 -32.51
N LEU B 289 -11.07 13.74 -32.42
CA LEU B 289 -12.15 13.16 -31.64
C LEU B 289 -13.50 13.36 -32.29
N GLU B 290 -14.24 12.27 -32.45
CA GLU B 290 -15.55 12.36 -33.08
C GLU B 290 -16.74 12.13 -32.15
N GLY B 291 -16.64 11.17 -31.24
CA GLY B 291 -17.76 10.91 -30.35
C GLY B 291 -17.38 10.29 -29.02
N GLY B 292 -18.34 9.61 -28.41
CA GLY B 292 -18.08 8.98 -27.12
C GLY B 292 -18.69 9.80 -25.99
N TYR B 293 -18.72 9.23 -24.78
CA TYR B 293 -19.28 9.92 -23.62
C TYR B 293 -18.34 9.92 -22.41
N CYS B 294 -18.25 11.03 -21.69
CA CYS B 294 -17.43 11.07 -20.51
C CYS B 294 -18.33 11.41 -19.32
N PRO B 295 -17.85 11.21 -18.10
CA PRO B 295 -18.70 11.52 -16.96
C PRO B 295 -19.01 13.00 -16.82
N ASN B 296 -20.04 13.30 -16.05
CA ASN B 296 -20.43 14.67 -15.78
C ASN B 296 -20.59 14.69 -14.28
N LEU B 297 -19.57 15.20 -13.59
CA LEU B 297 -19.60 15.26 -12.14
C LEU B 297 -19.60 16.67 -11.59
N GLU B 298 -20.20 16.82 -10.41
CA GLU B 298 -20.24 18.09 -9.72
C GLU B 298 -19.42 17.90 -8.46
N TRP B 299 -18.58 18.87 -8.14
CA TRP B 299 -17.75 18.78 -6.93
C TRP B 299 -18.53 19.52 -5.87
N LEU B 300 -19.05 18.79 -4.90
CA LEU B 300 -19.84 19.38 -3.81
C LEU B 300 -19.03 20.30 -2.89
N GLU B 301 -19.72 21.13 -2.11
CA GLU B 301 -19.06 22.04 -1.18
C GLU B 301 -19.12 21.43 0.22
N PRO B 302 -18.04 21.58 1.03
CA PRO B 302 -16.81 22.28 0.68
C PRO B 302 -15.91 21.30 -0.07
N ARG B 303 -15.20 21.78 -1.07
CA ARG B 303 -14.34 20.92 -1.86
C ARG B 303 -13.41 20.03 -1.04
N SER B 304 -13.05 20.48 0.16
CA SER B 304 -12.16 19.70 1.01
C SER B 304 -12.70 18.30 1.35
N ASP B 305 -14.00 18.09 1.19
CA ASP B 305 -14.60 16.77 1.46
C ASP B 305 -14.33 15.77 0.36
N TYR B 306 -13.94 16.24 -0.81
CA TYR B 306 -13.66 15.35 -1.93
C TYR B 306 -14.89 14.50 -2.21
N LYS B 307 -16.05 15.14 -2.14
CA LYS B 307 -17.33 14.50 -2.36
C LYS B 307 -17.95 14.99 -3.67
N PHE B 308 -18.30 14.05 -4.55
CA PHE B 308 -18.86 14.39 -5.86
C PHE B 308 -20.20 13.73 -6.19
N MET B 309 -20.91 14.32 -7.15
CA MET B 309 -22.18 13.78 -7.58
C MET B 309 -22.29 13.61 -9.10
N TYR B 310 -22.66 12.39 -9.50
CA TYR B 310 -22.82 12.00 -10.90
C TYR B 310 -24.02 12.72 -11.47
N MET B 311 -23.86 13.37 -12.61
CA MET B 311 -24.97 14.09 -13.21
C MET B 311 -25.26 13.71 -14.65
N GLY B 312 -24.99 12.46 -15.01
CA GLY B 312 -25.25 12.05 -16.37
C GLY B 312 -24.00 12.07 -17.21
N VAL B 313 -24.16 11.96 -18.52
CA VAL B 313 -23.02 11.94 -19.42
C VAL B 313 -22.76 13.21 -20.21
N MET B 314 -21.49 13.41 -20.55
CA MET B 314 -21.06 14.56 -21.34
C MET B 314 -20.70 14.07 -22.74
N PRO B 315 -21.55 14.36 -23.74
CA PRO B 315 -21.26 13.93 -25.12
C PRO B 315 -19.95 14.58 -25.57
N LEU B 316 -19.11 13.84 -26.28
CA LEU B 316 -17.83 14.38 -26.74
C LEU B 316 -17.85 14.70 -28.23
N SER B 317 -16.96 15.58 -28.67
CA SER B 317 -16.87 15.93 -30.08
C SER B 317 -15.55 16.62 -30.39
N ALA B 318 -15.36 16.99 -31.65
CA ALA B 318 -14.12 17.64 -32.08
C ALA B 318 -13.78 18.80 -31.15
N LYS B 319 -14.82 19.40 -30.57
CA LYS B 319 -14.67 20.53 -29.66
C LYS B 319 -13.76 20.17 -28.48
N TYR B 320 -13.56 18.87 -28.27
CA TYR B 320 -12.74 18.40 -27.17
C TYR B 320 -11.50 17.61 -27.53
N ALA B 321 -11.19 17.54 -28.83
CA ALA B 321 -10.00 16.82 -29.28
C ALA B 321 -8.79 17.30 -28.48
N ARG B 322 -7.72 16.50 -28.48
CA ARG B 322 -6.53 16.85 -27.73
C ARG B 322 -6.02 18.24 -28.09
N SER B 323 -6.02 19.14 -27.11
CA SER B 323 -5.55 20.51 -27.33
C SER B 323 -4.16 20.71 -26.74
N ALA B 324 -3.76 19.82 -25.84
CA ALA B 324 -2.45 19.92 -25.22
C ALA B 324 -1.36 19.73 -26.26
N PRO B 325 -0.16 20.29 -26.00
CA PRO B 325 1.00 20.20 -26.90
C PRO B 325 1.33 18.76 -27.33
N SER B 326 1.78 18.60 -28.57
CA SER B 326 2.13 17.28 -29.10
C SER B 326 3.52 16.86 -28.65
N ASN B 327 3.59 15.65 -28.09
CA ASN B 327 4.85 15.08 -27.59
C ASN B 327 5.55 14.22 -28.65
N ASP B 328 5.00 14.22 -29.85
CA ASP B 328 5.55 13.44 -30.95
C ASP B 328 7.08 13.50 -31.08
N LYS B 329 7.61 14.71 -31.23
CA LYS B 329 9.04 14.87 -31.38
C LYS B 329 9.91 14.18 -30.34
N LYS B 330 9.70 14.51 -29.06
CA LYS B 330 10.50 13.88 -28.00
C LYS B 330 10.25 12.39 -27.96
N ALA B 331 9.01 11.98 -28.18
CA ALA B 331 8.64 10.59 -28.18
C ALA B 331 9.45 9.80 -29.20
N ARG B 332 9.55 10.31 -30.42
CA ARG B 332 10.32 9.61 -31.47
C ARG B 332 11.81 9.68 -31.19
N GLU B 333 12.26 10.75 -30.56
CA GLU B 333 13.66 10.91 -30.23
C GLU B 333 14.03 9.83 -29.22
N LEU B 334 13.23 9.70 -28.17
CA LEU B 334 13.49 8.70 -27.13
C LEU B 334 13.60 7.32 -27.77
N GLY B 335 12.67 7.00 -28.66
CA GLY B 335 12.69 5.72 -29.35
C GLY B 335 13.96 5.55 -30.17
N GLU B 336 14.38 6.61 -30.85
CA GLU B 336 15.59 6.57 -31.67
C GLU B 336 16.85 6.35 -30.86
N LYS B 337 16.95 7.00 -29.71
CA LYS B 337 18.12 6.89 -28.85
C LYS B 337 18.31 5.53 -28.17
N TYR B 338 17.24 4.74 -28.06
CA TYR B 338 17.37 3.43 -27.42
C TYR B 338 17.03 2.27 -28.35
N GLY B 339 17.21 2.49 -29.64
CA GLY B 339 16.94 1.45 -30.62
C GLY B 339 15.54 0.87 -30.56
N LEU B 340 14.57 1.70 -30.20
CA LEU B 340 13.19 1.23 -30.08
C LEU B 340 12.21 1.98 -30.98
N SER B 341 12.73 2.69 -31.96
CA SER B 341 11.88 3.46 -32.88
C SER B 341 10.85 2.62 -33.62
N SER B 342 11.10 1.32 -33.70
CA SER B 342 10.18 0.42 -34.38
C SER B 342 8.87 0.36 -33.57
N VAL B 343 9.04 0.23 -32.25
CA VAL B 343 7.93 0.15 -31.30
C VAL B 343 7.19 1.48 -31.15
N VAL B 344 7.93 2.54 -30.90
CA VAL B 344 7.35 3.86 -30.74
C VAL B 344 6.47 4.20 -31.94
N GLY B 345 6.97 3.94 -33.14
CA GLY B 345 6.22 4.23 -34.35
C GLY B 345 4.93 3.45 -34.51
N GLU B 346 4.97 2.17 -34.16
CA GLU B 346 3.82 1.28 -34.27
C GLU B 346 2.74 1.75 -33.29
N LEU B 347 3.18 2.27 -32.15
CA LEU B 347 2.27 2.74 -31.12
C LEU B 347 1.58 4.03 -31.54
N ARG B 348 2.32 4.90 -32.21
CA ARG B 348 1.78 6.18 -32.67
C ARG B 348 0.72 5.95 -33.73
N LYS B 349 1.03 5.03 -34.64
CA LYS B 349 0.15 4.66 -35.73
C LYS B 349 -1.23 4.15 -35.22
N ARG B 350 -1.21 3.25 -34.23
CA ARG B 350 -2.43 2.70 -33.69
C ARG B 350 -3.23 3.71 -32.88
N THR B 351 -2.53 4.50 -32.09
CA THR B 351 -3.15 5.51 -31.26
C THR B 351 -3.99 6.47 -32.09
N LYS B 352 -3.55 6.74 -33.30
CA LYS B 352 -4.27 7.66 -34.18
C LYS B 352 -5.55 7.04 -34.76
N THR B 353 -5.69 5.72 -34.70
CA THR B 353 -6.87 5.09 -35.25
C THR B 353 -8.07 5.23 -34.31
N TYR B 354 -7.80 5.49 -33.03
CA TYR B 354 -8.87 5.65 -32.05
C TYR B 354 -9.38 7.06 -32.06
N VAL B 355 -10.54 7.27 -32.68
CA VAL B 355 -11.11 8.60 -32.77
C VAL B 355 -12.37 8.77 -31.97
N LYS B 356 -12.71 7.73 -31.20
CA LYS B 356 -13.88 7.80 -30.34
C LYS B 356 -13.45 7.36 -28.96
N HIS B 357 -13.91 8.07 -27.93
CA HIS B 357 -13.58 7.73 -26.56
C HIS B 357 -14.61 6.73 -26.08
N ASP B 358 -14.16 5.52 -25.77
CA ASP B 358 -15.07 4.46 -25.33
C ASP B 358 -14.33 3.30 -24.65
N PHE B 359 -15.06 2.21 -24.38
CA PHE B 359 -14.47 1.05 -23.72
C PHE B 359 -13.28 0.52 -24.50
N ALA B 360 -13.46 0.36 -25.80
CA ALA B 360 -12.41 -0.13 -26.66
C ALA B 360 -11.10 0.66 -26.57
N SER B 361 -11.17 1.99 -26.69
CA SER B 361 -9.95 2.81 -26.65
C SER B 361 -9.24 2.92 -25.30
N VAL B 362 -9.98 2.92 -24.19
CA VAL B 362 -9.33 3.01 -22.90
C VAL B 362 -8.74 1.66 -22.53
N ARG B 363 -9.32 0.59 -23.08
CA ARG B 363 -8.82 -0.76 -22.85
C ARG B 363 -7.49 -0.90 -23.57
N TYR B 364 -7.38 -0.19 -24.70
CA TYR B 364 -6.17 -0.20 -25.49
C TYR B 364 -5.04 0.49 -24.70
N ILE B 365 -5.35 1.62 -24.06
CA ILE B 365 -4.35 2.33 -23.28
C ILE B 365 -3.91 1.42 -22.16
N ARG B 366 -4.89 0.89 -21.44
CA ARG B 366 -4.66 0.00 -20.32
C ARG B 366 -3.73 -1.12 -20.77
N ASP B 367 -4.15 -1.85 -21.81
CA ASP B 367 -3.37 -2.96 -22.33
C ASP B 367 -1.95 -2.50 -22.62
N ALA B 368 -1.82 -1.36 -23.29
CA ALA B 368 -0.51 -0.81 -23.63
C ALA B 368 0.36 -0.62 -22.38
N MET B 369 -0.22 -0.08 -21.32
CA MET B 369 0.55 0.18 -20.10
C MET B 369 0.87 -1.01 -19.19
N ALA B 370 0.30 -2.18 -19.44
CA ALA B 370 0.59 -3.33 -18.59
C ALA B 370 1.85 -3.98 -19.10
N CYS B 371 2.26 -3.57 -20.30
CA CYS B 371 3.43 -4.13 -20.94
C CYS B 371 4.77 -3.57 -20.47
N THR B 372 4.75 -2.55 -19.62
CA THR B 372 5.99 -1.96 -19.11
C THR B 372 6.60 -2.88 -18.06
N SER B 373 7.92 -3.02 -18.06
CA SER B 373 8.58 -3.87 -17.08
C SER B 373 8.08 -3.62 -15.65
N GLY B 374 7.98 -4.72 -14.89
CA GLY B 374 7.52 -4.63 -13.52
C GLY B 374 8.63 -4.91 -12.53
N ILE B 375 9.86 -4.98 -13.00
CA ILE B 375 10.97 -5.26 -12.10
C ILE B 375 11.21 -4.13 -11.10
N PHE B 376 11.62 -4.52 -9.90
CA PHE B 376 11.98 -3.57 -8.85
C PHE B 376 13.44 -3.30 -9.11
N LEU B 377 13.76 -2.13 -9.67
CA LEU B 377 15.15 -1.79 -9.96
C LEU B 377 16.03 -1.98 -8.73
N VAL B 378 17.28 -2.35 -8.97
CA VAL B 378 18.22 -2.60 -7.89
C VAL B 378 19.64 -2.15 -8.23
N ARG B 379 20.34 -1.64 -7.22
CA ARG B 379 21.74 -1.20 -7.35
C ARG B 379 22.33 -1.24 -5.94
N THR B 380 23.64 -1.21 -5.83
CA THR B 380 24.23 -1.26 -4.50
C THR B 380 23.94 0.02 -3.68
N PRO B 381 23.84 -0.14 -2.35
CA PRO B 381 23.58 0.95 -1.41
C PRO B 381 24.51 2.13 -1.66
N THR B 382 25.81 1.85 -1.71
CA THR B 382 26.82 2.87 -1.93
C THR B 382 26.39 3.83 -3.04
N GLU B 383 26.00 3.25 -4.16
CA GLU B 383 25.55 4.02 -5.31
C GLU B 383 24.27 4.84 -5.06
N THR B 384 23.27 4.24 -4.43
CA THR B 384 22.02 4.96 -4.15
C THR B 384 22.35 6.21 -3.33
N VAL B 385 23.09 6.00 -2.24
CA VAL B 385 23.47 7.07 -1.34
C VAL B 385 24.29 8.18 -2.03
N LEU B 386 25.25 7.80 -2.87
CA LEU B 386 26.04 8.80 -3.54
C LEU B 386 25.30 9.50 -4.68
N GLN B 387 24.23 8.88 -5.18
CA GLN B 387 23.47 9.49 -6.26
C GLN B 387 22.27 10.29 -5.76
N GLU B 388 21.86 10.02 -4.52
CA GLU B 388 20.70 10.70 -3.95
C GLU B 388 21.03 11.76 -2.89
N TYR B 389 22.16 11.62 -2.21
CA TYR B 389 22.56 12.60 -1.20
C TYR B 389 23.72 13.44 -1.71
N THR B 390 23.69 13.75 -3.01
CA THR B 390 24.74 14.54 -3.63
C THR B 390 24.29 15.88 -4.21
N GLN B 391 23.30 15.83 -5.09
CA GLN B 391 22.83 17.06 -5.72
C GLN B 391 22.21 18.06 -4.76
N SER B 392 22.57 19.33 -4.96
CA SER B 392 22.06 20.43 -4.14
C SER B 392 21.23 21.35 -5.03
N PRO B 393 20.16 21.93 -4.48
CA PRO B 393 19.28 22.84 -5.23
C PRO B 393 20.03 24.05 -5.71
N GLU B 394 19.62 24.59 -6.86
CA GLU B 394 20.28 25.79 -7.35
C GLU B 394 19.35 26.99 -7.12
N ILE B 395 19.59 27.69 -6.02
CA ILE B 395 18.78 28.85 -5.66
C ILE B 395 19.19 29.99 -6.56
N LYS B 396 18.49 30.18 -7.66
CA LYS B 396 18.84 31.25 -8.58
C LYS B 396 18.71 32.65 -7.98
N VAL B 397 17.86 32.80 -6.96
CA VAL B 397 17.66 34.10 -6.31
C VAL B 397 17.70 33.93 -4.78
N PRO B 398 18.91 33.87 -4.21
CA PRO B 398 19.17 33.71 -2.77
C PRO B 398 18.53 34.75 -1.91
N ILE B 399 18.34 34.41 -0.64
CA ILE B 399 17.77 35.39 0.28
C ILE B 399 19.00 36.22 0.69
N PRO B 400 18.93 37.54 0.43
CA PRO B 400 20.05 38.43 0.77
C PRO B 400 20.54 38.27 2.21
N GLN B 401 21.85 38.24 2.39
CA GLN B 401 22.41 38.13 3.72
C GLN B 401 21.95 39.31 4.61
N LYS B 402 21.76 40.47 4.01
CA LYS B 402 21.34 41.65 4.77
C LYS B 402 19.93 41.54 5.33
N ASP B 403 19.18 40.54 4.87
CA ASP B 403 17.80 40.36 5.31
C ASP B 403 17.56 39.53 6.57
N TRP B 404 18.63 39.14 7.24
CA TRP B 404 18.48 38.38 8.46
C TRP B 404 18.89 39.26 9.63
N THR B 405 18.32 39.00 10.79
CA THR B 405 18.66 39.77 11.97
C THR B 405 19.86 39.06 12.53
N GLY B 406 20.26 39.48 13.72
CA GLY B 406 21.36 38.81 14.38
C GLY B 406 20.75 37.53 14.92
N PRO B 407 21.56 36.62 15.48
CA PRO B 407 21.10 35.35 16.01
C PRO B 407 20.23 35.41 17.27
N ILE B 408 19.39 34.42 17.42
CA ILE B 408 18.55 34.24 18.58
C ILE B 408 18.75 32.75 18.73
N GLY B 409 19.86 32.40 19.34
CA GLY B 409 20.19 31.00 19.49
C GLY B 409 20.75 30.52 18.17
N GLU B 410 20.00 29.63 17.52
CA GLU B 410 20.42 29.05 16.26
C GLU B 410 19.70 29.70 15.10
N ILE B 411 18.61 30.41 15.39
CA ILE B 411 17.82 31.03 14.33
C ILE B 411 18.06 32.53 14.10
N ARG B 412 17.66 32.99 12.92
CA ARG B 412 17.77 34.38 12.52
C ARG B 412 16.42 34.74 11.93
N ILE B 413 15.92 35.91 12.32
CA ILE B 413 14.64 36.35 11.83
C ILE B 413 14.73 37.01 10.47
N LEU B 414 13.76 36.70 9.63
CA LEU B 414 13.68 37.26 8.29
C LEU B 414 13.09 38.65 8.44
N LYS B 415 13.93 39.68 8.36
CA LYS B 415 13.44 41.05 8.50
C LYS B 415 12.23 41.20 7.60
N ASP B 416 11.18 41.84 8.11
CA ASP B 416 9.97 42.05 7.34
C ASP B 416 10.19 43.07 6.21
N THR B 417 11.41 43.55 6.07
CA THR B 417 11.76 44.52 5.04
C THR B 417 12.29 43.80 3.81
N THR B 418 12.55 42.51 3.94
CA THR B 418 13.06 41.71 2.84
C THR B 418 12.13 41.81 1.65
N SER B 419 12.70 41.81 0.46
CA SER B 419 11.91 41.86 -0.74
C SER B 419 11.97 40.48 -1.40
N SER B 420 12.58 39.55 -0.68
CA SER B 420 12.71 38.17 -1.16
C SER B 420 11.36 37.45 -1.15
N ILE B 421 11.20 36.52 -2.09
CA ILE B 421 9.97 35.76 -2.20
C ILE B 421 9.77 34.92 -0.91
N ALA B 422 10.84 34.79 -0.11
CA ALA B 422 10.79 34.05 1.16
C ALA B 422 9.85 34.74 2.14
N ARG B 423 9.61 36.02 1.89
CA ARG B 423 8.75 36.85 2.70
C ARG B 423 7.43 36.14 2.95
N TYR B 424 6.84 35.63 1.87
CA TYR B 424 5.55 34.93 1.93
C TYR B 424 5.61 33.52 2.50
N LEU B 425 6.75 32.88 2.36
CA LEU B 425 6.93 31.54 2.88
C LEU B 425 6.94 31.66 4.40
N TYR B 426 7.60 32.70 4.87
CA TYR B 426 7.72 32.97 6.29
C TYR B 426 6.36 33.34 6.92
N ARG B 427 5.53 34.04 6.17
CA ARG B 427 4.23 34.46 6.67
C ARG B 427 3.29 33.27 6.91
N THR B 428 3.13 32.41 5.91
CA THR B 428 2.26 31.24 6.06
C THR B 428 2.64 30.39 7.28
N TRP B 429 3.92 30.13 7.45
CA TRP B 429 4.37 29.33 8.58
C TRP B 429 4.29 30.01 9.95
N TYR B 430 4.42 31.32 9.98
CA TYR B 430 4.35 32.06 11.23
C TYR B 430 2.91 32.06 11.67
N LEU B 431 2.04 32.35 10.72
CA LEU B 431 0.60 32.40 10.94
C LEU B 431 0.08 31.07 11.43
N ALA B 432 0.45 30.02 10.72
CA ALA B 432 0.04 28.68 11.06
C ALA B 432 0.54 28.31 12.46
N ALA B 433 1.82 28.57 12.71
CA ALA B 433 2.44 28.28 14.01
C ALA B 433 1.71 28.97 15.16
N ALA B 434 1.36 30.24 14.96
CA ALA B 434 0.65 31.00 15.96
C ALA B 434 -0.70 30.38 16.32
N ARG B 435 -1.45 29.96 15.30
CA ARG B 435 -2.75 29.37 15.48
C ARG B 435 -2.70 27.96 16.07
N MET B 436 -1.69 27.21 15.68
CA MET B 436 -1.53 25.86 16.20
C MET B 436 -1.24 25.93 17.70
N ALA B 437 -0.25 26.73 18.09
CA ALA B 437 0.10 26.85 19.49
C ALA B 437 -0.97 27.59 20.30
N ALA B 438 -1.92 28.21 19.61
CA ALA B 438 -2.98 28.94 20.29
C ALA B 438 -4.07 28.01 20.74
N GLN B 439 -4.16 26.86 20.08
CA GLN B 439 -5.20 25.88 20.39
C GLN B 439 -5.09 25.31 21.79
N PRO B 440 -6.22 25.20 22.49
CA PRO B 440 -6.19 24.66 23.85
C PRO B 440 -5.73 23.20 23.84
N ARG B 441 -6.26 22.43 22.89
CA ARG B 441 -5.92 21.02 22.76
C ARG B 441 -4.41 20.80 22.77
N THR B 442 -3.67 21.69 22.12
CA THR B 442 -2.22 21.57 22.04
C THR B 442 -1.55 21.41 23.39
N TRP B 443 -2.11 22.04 24.42
CA TRP B 443 -1.53 21.96 25.75
C TRP B 443 -2.13 20.85 26.61
N ASP B 444 -3.00 20.04 26.01
CA ASP B 444 -3.61 18.95 26.74
C ASP B 444 -2.63 17.79 26.86
N PRO B 445 -2.45 17.28 28.09
CA PRO B 445 -1.54 16.17 28.43
C PRO B 445 -1.72 14.93 27.53
N LEU B 446 -2.94 14.71 27.06
CA LEU B 446 -3.23 13.57 26.20
C LEU B 446 -2.69 13.76 24.79
N PHE B 447 -2.97 14.91 24.22
CA PHE B 447 -2.52 15.25 22.88
C PHE B 447 -0.99 15.12 22.82
N GLN B 448 -0.32 15.67 23.84
CA GLN B 448 1.12 15.63 23.91
C GLN B 448 1.60 14.21 24.17
N ALA B 449 0.70 13.38 24.67
CA ALA B 449 1.05 11.98 24.92
C ALA B 449 0.96 11.30 23.54
N ILE B 450 -0.13 11.58 22.82
CA ILE B 450 -0.32 11.01 21.51
C ILE B 450 0.90 11.32 20.65
N MET B 451 1.28 12.59 20.59
CA MET B 451 2.44 12.99 19.81
C MET B 451 3.68 12.19 20.20
N ARG B 452 3.95 12.13 21.51
CA ARG B 452 5.09 11.40 22.02
C ARG B 452 5.04 9.89 21.75
N SER B 453 3.86 9.38 21.39
CA SER B 453 3.69 7.95 21.12
C SER B 453 3.79 7.64 19.63
N GLN B 454 3.65 8.68 18.81
CA GLN B 454 3.70 8.53 17.37
C GLN B 454 4.94 7.78 16.91
N TYR B 455 6.10 8.25 17.34
CA TYR B 455 7.34 7.63 16.92
C TYR B 455 7.84 6.49 17.79
N VAL B 456 7.07 6.10 18.80
CA VAL B 456 7.46 4.97 19.65
C VAL B 456 6.87 3.74 18.97
N THR B 457 7.62 3.21 18.01
CA THR B 457 7.15 2.07 17.24
C THR B 457 8.11 0.89 17.21
N ALA B 458 7.61 -0.23 16.70
CA ALA B 458 8.40 -1.45 16.62
C ALA B 458 9.32 -1.40 15.41
N ARG B 459 9.56 -0.20 14.90
CA ARG B 459 10.46 -0.03 13.77
C ARG B 459 11.79 0.55 14.27
N GLY B 460 12.78 0.63 13.39
CA GLY B 460 14.09 1.13 13.78
C GLY B 460 14.25 2.63 13.98
N GLY B 461 15.33 3.01 14.65
CA GLY B 461 15.58 4.43 14.88
C GLY B 461 17.05 4.71 15.11
N SER B 462 17.91 3.99 14.38
CA SER B 462 19.36 4.14 14.49
C SER B 462 19.80 3.99 15.94
N GLY B 463 19.28 2.97 16.60
CA GLY B 463 19.60 2.70 18.00
C GLY B 463 21.06 2.69 18.40
N ALA B 464 21.90 2.05 17.59
CA ALA B 464 23.33 1.99 17.90
C ALA B 464 24.01 3.36 17.92
N ALA B 465 23.82 4.15 16.86
CA ALA B 465 24.42 5.47 16.79
C ALA B 465 23.98 6.31 18.00
N LEU B 466 22.73 6.16 18.40
CA LEU B 466 22.21 6.91 19.54
C LEU B 466 22.92 6.54 20.83
N ARG B 467 23.08 5.24 21.04
CA ARG B 467 23.73 4.75 22.24
C ARG B 467 25.17 5.24 22.38
N GLU B 468 25.84 5.45 21.26
CA GLU B 468 27.22 5.92 21.29
C GLU B 468 27.36 7.43 21.33
N SER B 469 26.37 8.15 20.81
CA SER B 469 26.44 9.61 20.85
C SER B 469 26.33 10.01 22.30
N LEU B 470 25.51 9.25 23.03
CA LEU B 470 25.29 9.47 24.45
C LEU B 470 26.52 9.08 25.23
N TYR B 471 27.16 7.99 24.83
CA TYR B 471 28.37 7.50 25.48
C TYR B 471 29.49 8.54 25.41
N ALA B 472 29.46 9.37 24.36
CA ALA B 472 30.45 10.41 24.15
C ALA B 472 30.39 11.48 25.23
N ILE B 473 29.27 11.57 25.94
CA ILE B 473 29.12 12.55 27.01
C ILE B 473 28.97 11.79 28.32
N ASN B 474 29.39 10.54 28.30
CA ASN B 474 29.34 9.70 29.49
C ASN B 474 27.93 9.51 30.06
N VAL B 475 27.02 9.02 29.23
CA VAL B 475 25.65 8.74 29.64
C VAL B 475 25.30 7.36 29.11
N SER B 476 25.20 6.39 30.00
CA SER B 476 24.89 5.01 29.61
C SER B 476 23.43 4.68 29.83
N LEU B 477 22.81 4.09 28.82
CA LEU B 477 21.41 3.73 28.88
C LEU B 477 21.21 2.32 29.40
N PRO B 478 20.07 2.06 30.03
CA PRO B 478 19.75 0.74 30.58
C PRO B 478 19.77 -0.24 29.43
N ASP B 479 20.35 -1.42 29.65
CA ASP B 479 20.44 -2.44 28.60
C ASP B 479 19.39 -3.55 28.77
N PHE B 480 18.66 -3.52 29.89
CA PHE B 480 17.63 -4.51 30.16
C PHE B 480 18.15 -5.89 29.77
N LYS B 481 19.36 -6.22 30.21
CA LYS B 481 19.95 -7.51 29.88
C LYS B 481 19.06 -8.67 30.33
N GLY B 482 18.64 -9.48 29.36
CA GLY B 482 17.81 -10.62 29.67
C GLY B 482 16.39 -10.60 29.11
N LEU B 483 16.02 -9.53 28.41
CA LEU B 483 14.67 -9.45 27.83
C LEU B 483 14.58 -9.99 26.40
N PRO B 484 13.50 -10.74 26.11
CA PRO B 484 13.21 -11.38 24.81
C PRO B 484 12.63 -10.45 23.74
N VAL B 485 13.01 -9.18 23.78
CA VAL B 485 12.52 -8.22 22.80
C VAL B 485 13.64 -7.71 21.90
N LYS B 486 13.27 -7.28 20.70
CA LYS B 486 14.26 -6.76 19.76
C LYS B 486 14.74 -5.39 20.24
N ALA B 487 16.05 -5.24 20.40
CA ALA B 487 16.64 -4.00 20.88
C ALA B 487 16.65 -2.83 19.88
N ALA B 488 16.67 -3.15 18.59
CA ALA B 488 16.66 -2.10 17.57
C ALA B 488 15.23 -1.65 17.24
N THR B 489 14.48 -1.27 18.27
CA THR B 489 13.13 -0.76 18.07
C THR B 489 13.08 0.55 18.84
N LYS B 490 12.41 1.55 18.28
CA LYS B 490 12.30 2.82 19.00
C LYS B 490 11.56 2.57 20.33
N ILE B 491 10.89 1.44 20.43
CA ILE B 491 10.18 1.04 21.65
C ILE B 491 11.26 0.76 22.71
N PHE B 492 12.32 0.06 22.30
CA PHE B 492 13.44 -0.24 23.21
C PHE B 492 14.08 1.09 23.57
N GLN B 493 14.24 1.96 22.58
CA GLN B 493 14.83 3.28 22.77
C GLN B 493 14.05 4.02 23.82
N ALA B 494 12.73 4.04 23.66
CA ALA B 494 11.85 4.73 24.58
C ALA B 494 12.13 4.29 26.01
N ALA B 495 12.17 2.97 26.23
CA ALA B 495 12.43 2.43 27.54
C ALA B 495 13.77 2.88 28.14
N GLN B 496 14.81 2.94 27.31
CA GLN B 496 16.13 3.37 27.78
C GLN B 496 16.18 4.86 28.16
N LEU B 497 15.29 5.65 27.56
CA LEU B 497 15.26 7.08 27.81
C LEU B 497 14.19 7.49 28.83
N ALA B 498 13.21 6.62 29.04
CA ALA B 498 12.11 6.90 29.96
C ALA B 498 12.38 7.75 31.18
N ASN B 499 13.54 7.57 31.81
CA ASN B 499 13.86 8.30 33.02
C ASN B 499 15.12 9.13 32.92
N LEU B 500 15.23 9.92 31.85
CA LEU B 500 16.39 10.76 31.63
C LEU B 500 15.97 12.16 31.23
N PRO B 501 16.54 13.18 31.88
CA PRO B 501 16.23 14.58 31.59
C PRO B 501 16.62 14.98 30.16
N PHE B 502 15.80 15.82 29.53
CA PHE B 502 16.07 16.26 28.16
C PHE B 502 17.48 16.80 27.99
N SER B 503 18.01 17.44 29.03
CA SER B 503 19.36 17.99 28.95
C SER B 503 20.46 16.93 28.77
N HIS B 504 20.18 15.69 29.19
CA HIS B 504 21.13 14.59 29.07
C HIS B 504 21.05 13.87 27.73
N THR B 505 19.90 13.95 27.08
CA THR B 505 19.71 13.26 25.82
C THR B 505 19.75 14.20 24.61
N SER B 506 19.95 15.48 24.86
CA SER B 506 19.98 16.46 23.78
C SER B 506 21.00 16.12 22.70
N VAL B 507 22.17 15.67 23.12
CA VAL B 507 23.24 15.35 22.19
C VAL B 507 22.83 14.31 21.15
N ALA B 508 21.87 13.45 21.52
CA ALA B 508 21.42 12.40 20.60
C ALA B 508 20.77 12.99 19.37
N ILE B 509 20.29 14.22 19.49
CA ILE B 509 19.64 14.88 18.37
C ILE B 509 20.63 15.05 17.22
N LEU B 510 21.92 14.98 17.53
CA LEU B 510 22.95 15.11 16.51
C LEU B 510 23.66 13.80 16.25
N ALA B 511 23.10 12.71 16.73
CA ALA B 511 23.70 11.39 16.51
C ALA B 511 23.65 11.09 15.02
N ASP B 512 24.37 10.06 14.58
CA ASP B 512 24.36 9.67 13.17
C ASP B 512 23.03 9.03 12.83
N THR B 513 22.87 8.68 11.56
CA THR B 513 21.65 8.05 11.05
C THR B 513 22.02 6.76 10.35
N SER B 514 21.33 5.67 10.69
CA SER B 514 21.58 4.36 10.08
C SER B 514 21.03 4.26 8.67
N MET B 515 21.56 3.33 7.88
CA MET B 515 21.10 3.17 6.52
C MET B 515 19.80 2.36 6.43
N GLY B 516 18.93 2.79 5.52
CA GLY B 516 17.65 2.13 5.29
C GLY B 516 17.32 2.37 3.83
N LEU B 517 16.98 1.31 3.09
CA LEU B 517 16.70 1.48 1.66
C LEU B 517 15.38 0.93 1.17
N ARG B 518 14.97 1.40 -0.01
CA ARG B 518 13.72 0.95 -0.61
C ARG B 518 13.79 0.82 -2.12
N ASN B 519 13.45 -0.37 -2.62
CA ASN B 519 13.43 -0.61 -4.05
C ASN B 519 12.01 -0.46 -4.55
N GLN B 520 11.86 0.09 -5.75
CA GLN B 520 10.55 0.32 -6.32
C GLN B 520 10.46 -0.17 -7.76
N VAL B 521 9.23 -0.34 -8.22
CA VAL B 521 9.02 -0.77 -9.59
C VAL B 521 9.12 0.50 -10.42
N GLN B 522 9.70 0.38 -11.60
CA GLN B 522 9.84 1.50 -12.52
C GLN B 522 10.46 2.76 -11.94
N ARG B 523 11.24 2.62 -10.88
CA ARG B 523 11.90 3.77 -10.27
C ARG B 523 13.25 3.36 -9.69
N ARG B 524 14.09 4.34 -9.36
CA ARG B 524 15.39 4.06 -8.79
C ARG B 524 15.22 3.82 -7.29
N PRO B 525 16.16 3.08 -6.67
CA PRO B 525 16.04 2.82 -5.24
C PRO B 525 16.22 4.13 -4.50
N ARG B 526 15.58 4.25 -3.34
CA ARG B 526 15.71 5.47 -2.56
C ARG B 526 16.17 5.16 -1.15
N SER B 527 17.03 6.02 -0.61
CA SER B 527 17.51 5.82 0.75
C SER B 527 16.52 6.42 1.74
N ILE B 528 16.58 5.98 2.98
CA ILE B 528 15.66 6.47 4.00
C ILE B 528 16.40 6.81 5.30
N MET B 529 15.86 7.73 6.08
CA MET B 529 16.51 8.09 7.34
C MET B 529 15.71 7.72 8.58
N PRO B 530 16.17 6.69 9.30
CA PRO B 530 15.49 6.23 10.52
C PRO B 530 15.92 7.11 11.69
N LEU B 531 15.23 8.23 11.89
CA LEU B 531 15.58 9.13 12.99
C LEU B 531 15.35 8.46 14.34
N ASN B 532 16.09 8.86 15.37
CA ASN B 532 15.93 8.27 16.70
C ASN B 532 14.84 9.01 17.49
N VAL B 533 14.40 8.42 18.59
CA VAL B 533 13.34 9.06 19.38
C VAL B 533 13.60 10.53 19.70
N PRO B 534 14.82 10.88 20.17
CA PRO B 534 15.09 12.28 20.48
C PRO B 534 14.91 13.20 19.27
N GLN B 535 15.42 12.75 18.12
CA GLN B 535 15.33 13.50 16.87
C GLN B 535 13.86 13.64 16.43
N GLN B 536 13.07 12.59 16.65
CA GLN B 536 11.67 12.65 16.27
C GLN B 536 10.93 13.58 17.22
N GLN B 537 11.34 13.56 18.48
CA GLN B 537 10.69 14.38 19.49
C GLN B 537 10.83 15.85 19.14
N VAL B 538 12.05 16.26 18.91
CA VAL B 538 12.38 17.63 18.59
C VAL B 538 11.76 18.13 17.27
N SER B 539 11.31 17.19 16.43
CA SER B 539 10.71 17.53 15.14
C SER B 539 9.23 17.90 15.21
N ALA B 540 8.64 17.75 16.39
CA ALA B 540 7.22 18.01 16.58
C ALA B 540 6.68 19.34 16.05
N PRO B 541 7.22 20.48 16.56
CA PRO B 541 6.78 21.81 16.13
C PRO B 541 6.68 21.94 14.61
N HIS B 542 7.63 21.36 13.91
CA HIS B 542 7.65 21.38 12.46
C HIS B 542 6.42 20.60 11.95
N THR B 543 6.25 19.39 12.44
CA THR B 543 5.14 18.49 12.06
C THR B 543 3.74 19.06 12.35
N LEU B 544 3.56 19.61 13.55
CA LEU B 544 2.27 20.19 13.94
C LEU B 544 1.91 21.43 13.11
N THR B 545 2.89 22.29 12.87
CA THR B 545 2.62 23.51 12.11
C THR B 545 2.24 23.17 10.67
N ALA B 546 2.85 22.10 10.14
CA ALA B 546 2.57 21.66 8.77
C ALA B 546 1.16 21.07 8.71
N ASP B 547 0.79 20.31 9.74
CA ASP B 547 -0.53 19.70 9.82
C ASP B 547 -1.57 20.79 9.88
N TYR B 548 -1.30 21.81 10.69
CA TYR B 548 -2.23 22.92 10.83
C TYR B 548 -2.46 23.57 9.46
N ILE B 549 -1.40 23.69 8.67
CA ILE B 549 -1.53 24.29 7.36
C ILE B 549 -2.39 23.43 6.45
N ASN B 550 -2.08 22.12 6.40
CA ASN B 550 -2.81 21.21 5.54
C ASN B 550 -4.28 21.02 5.91
N TYR B 551 -4.58 21.18 7.19
CA TYR B 551 -5.94 21.00 7.65
C TYR B 551 -6.76 22.26 7.49
N HIS B 552 -6.12 23.42 7.58
CA HIS B 552 -6.85 24.68 7.50
C HIS B 552 -6.55 25.63 6.34
N MET B 553 -5.34 25.58 5.79
CA MET B 553 -4.99 26.55 4.76
C MET B 553 -4.91 26.10 3.30
N ASN B 554 -5.00 24.79 3.04
CA ASN B 554 -4.96 24.32 1.66
C ASN B 554 -5.92 23.17 1.41
N LEU B 555 -5.98 22.74 0.16
CA LEU B 555 -6.82 21.64 -0.28
C LEU B 555 -5.87 20.47 -0.45
N SER B 556 -5.78 19.62 0.56
CA SER B 556 -4.83 18.51 0.49
C SER B 556 -5.30 17.16 1.00
N PRO B 557 -4.68 16.09 0.48
CA PRO B 557 -5.02 14.73 0.92
C PRO B 557 -3.88 14.05 1.68
N THR B 558 -4.25 13.19 2.61
CA THR B 558 -3.30 12.41 3.39
C THR B 558 -3.65 10.96 3.05
N SER B 559 -3.13 10.50 1.92
CA SER B 559 -3.38 9.16 1.43
C SER B 559 -2.30 8.13 1.75
N GLY B 560 -2.62 6.86 1.54
CA GLY B 560 -1.67 5.80 1.82
C GLY B 560 -0.98 5.30 0.57
N SER B 561 -1.14 4.01 0.30
CA SER B 561 -0.54 3.36 -0.85
C SER B 561 -1.62 2.54 -1.56
N ALA B 562 -2.73 2.30 -0.86
CA ALA B 562 -3.85 1.52 -1.41
C ALA B 562 -4.74 2.34 -2.33
N VAL B 563 -5.18 1.74 -3.42
CA VAL B 563 -6.05 2.39 -4.41
C VAL B 563 -7.34 2.91 -3.77
N ILE B 564 -7.80 2.23 -2.73
CA ILE B 564 -9.03 2.59 -2.03
C ILE B 564 -8.94 3.94 -1.32
N GLU B 565 -7.73 4.45 -1.13
CA GLU B 565 -7.53 5.70 -0.42
C GLU B 565 -6.90 6.84 -1.20
N LYS B 566 -6.87 6.74 -2.52
CA LYS B 566 -6.26 7.77 -3.36
C LYS B 566 -7.25 8.69 -4.06
N VAL B 567 -8.44 8.81 -3.48
CA VAL B 567 -9.49 9.66 -4.00
C VAL B 567 -9.70 9.55 -5.50
N ILE B 568 -10.29 8.45 -5.93
CA ILE B 568 -10.55 8.25 -7.35
C ILE B 568 -11.51 9.31 -7.93
N PRO B 569 -12.57 9.65 -7.20
CA PRO B 569 -13.54 10.65 -7.69
C PRO B 569 -12.94 11.95 -8.23
N LEU B 570 -11.87 12.42 -7.58
CA LEU B 570 -11.19 13.66 -7.99
C LEU B 570 -10.56 13.57 -9.37
N GLY B 571 -10.06 12.39 -9.72
CA GLY B 571 -9.44 12.19 -11.01
C GLY B 571 -10.47 12.16 -12.11
N VAL B 572 -11.63 11.58 -11.81
CA VAL B 572 -12.70 11.49 -12.79
C VAL B 572 -13.11 12.93 -13.13
N TYR B 573 -13.27 13.75 -12.09
CA TYR B 573 -13.65 15.14 -12.25
C TYR B 573 -12.64 15.97 -13.03
N ALA B 574 -11.40 15.95 -12.56
CA ALA B 574 -10.34 16.72 -13.19
C ALA B 574 -10.12 16.39 -14.66
N SER B 575 -10.23 15.12 -15.02
CA SER B 575 -10.00 14.71 -16.40
C SER B 575 -11.22 14.72 -17.31
N SER B 576 -12.39 15.07 -16.79
CA SER B 576 -13.58 15.11 -17.65
C SER B 576 -13.78 16.43 -18.35
N PRO B 577 -13.86 16.41 -19.69
CA PRO B 577 -14.08 17.65 -20.42
C PRO B 577 -15.39 18.26 -19.90
N PRO B 578 -15.51 19.59 -19.83
CA PRO B 578 -14.56 20.66 -20.18
C PRO B 578 -13.46 20.97 -19.16
N ASN B 579 -13.33 20.14 -18.12
CA ASN B 579 -12.29 20.39 -17.13
C ASN B 579 -10.96 19.93 -17.66
N GLN B 580 -9.90 20.52 -17.14
CA GLN B 580 -8.52 20.18 -17.53
C GLN B 580 -7.65 20.21 -16.30
N SER B 581 -6.51 19.55 -16.36
CA SER B 581 -5.60 19.51 -15.22
C SER B 581 -4.13 19.48 -15.59
N ILE B 582 -3.31 20.11 -14.76
CA ILE B 582 -1.87 20.13 -14.98
C ILE B 582 -1.30 19.24 -13.88
N ASN B 583 -0.56 18.21 -14.26
CA ASN B 583 0.01 17.30 -13.27
C ASN B 583 1.36 17.82 -12.85
N ILE B 584 1.41 18.45 -11.69
CA ILE B 584 2.65 19.00 -11.20
C ILE B 584 3.38 18.06 -10.24
N ASP B 585 4.70 18.08 -10.34
CA ASP B 585 5.56 17.28 -9.48
C ASP B 585 6.91 18.00 -9.35
N ILE B 586 7.51 17.93 -8.17
CA ILE B 586 8.80 18.58 -7.95
C ILE B 586 9.87 17.50 -7.91
N SER B 587 10.85 17.58 -8.82
CA SER B 587 11.89 16.55 -8.83
C SER B 587 13.03 16.81 -7.84
N ALA B 588 13.45 15.74 -7.17
CA ALA B 588 14.51 15.78 -6.18
C ALA B 588 13.99 16.57 -4.98
N CYS B 589 12.73 16.33 -4.64
CA CYS B 589 12.10 17.03 -3.53
C CYS B 589 12.94 17.11 -2.26
N ASP B 590 13.29 15.95 -1.69
CA ASP B 590 14.09 15.90 -0.46
C ASP B 590 15.39 16.69 -0.54
N ALA B 591 16.02 16.71 -1.71
CA ALA B 591 17.26 17.44 -1.90
C ALA B 591 16.97 18.94 -2.04
N SER B 592 15.72 19.27 -2.39
CA SER B 592 15.28 20.67 -2.57
C SER B 592 14.92 21.41 -1.28
N ILE B 593 14.57 20.69 -0.21
CA ILE B 593 14.25 21.34 1.05
C ILE B 593 15.51 21.39 1.91
N THR B 594 16.20 22.51 1.87
CA THR B 594 17.42 22.66 2.64
C THR B 594 17.40 23.95 3.43
N TRP B 595 18.42 24.14 4.24
CA TRP B 595 18.55 25.31 5.10
C TRP B 595 18.57 26.66 4.39
N ASP B 596 19.48 26.82 3.43
CA ASP B 596 19.66 28.06 2.67
C ASP B 596 18.42 28.86 2.26
N PHE B 597 17.30 28.17 2.04
CA PHE B 597 16.08 28.90 1.67
C PHE B 597 14.90 28.52 2.57
N PHE B 598 14.42 27.29 2.41
CA PHE B 598 13.27 26.81 3.16
C PHE B 598 13.40 26.64 4.66
N LEU B 599 14.17 25.64 5.10
CA LEU B 599 14.32 25.37 6.53
C LEU B 599 14.75 26.54 7.43
N SER B 600 15.73 27.33 7.01
CA SER B 600 16.18 28.45 7.85
C SER B 600 15.06 29.45 8.04
N VAL B 601 14.12 29.47 7.11
CA VAL B 601 13.01 30.40 7.15
C VAL B 601 11.84 29.79 7.92
N ILE B 602 11.60 28.50 7.70
CA ILE B 602 10.51 27.82 8.39
C ILE B 602 10.77 27.79 9.89
N MET B 603 11.99 27.44 10.27
CA MET B 603 12.37 27.40 11.67
C MET B 603 12.10 28.76 12.33
N ALA B 604 12.65 29.81 11.72
CA ALA B 604 12.45 31.15 12.24
C ALA B 604 10.96 31.45 12.38
N ALA B 605 10.20 31.17 11.32
CA ALA B 605 8.76 31.45 11.33
C ALA B 605 8.04 30.80 12.50
N ILE B 606 8.28 29.50 12.67
CA ILE B 606 7.65 28.73 13.74
C ILE B 606 8.07 29.28 15.11
N HIS B 607 9.37 29.34 15.32
CA HIS B 607 9.97 29.83 16.55
C HIS B 607 9.38 31.16 17.02
N GLU B 608 9.05 32.05 16.08
CA GLU B 608 8.49 33.36 16.41
C GLU B 608 6.96 33.37 16.49
N GLY B 609 6.29 32.64 15.61
CA GLY B 609 4.84 32.62 15.64
C GLY B 609 4.31 31.80 16.79
N VAL B 610 5.19 31.04 17.41
CA VAL B 610 4.81 30.18 18.52
C VAL B 610 5.12 30.78 19.90
N ALA B 611 5.84 31.90 19.89
CA ALA B 611 6.27 32.58 21.10
C ALA B 611 5.24 32.90 22.20
N SER B 612 4.23 33.70 21.89
CA SER B 612 3.26 34.11 22.91
C SER B 612 2.35 33.04 23.52
N SER B 613 1.99 32.01 22.77
CA SER B 613 1.11 30.98 23.31
C SER B 613 1.83 29.84 24.02
N SER B 614 3.11 29.67 23.73
CA SER B 614 3.88 28.61 24.37
C SER B 614 4.68 29.15 25.55
N ILE B 615 4.75 30.48 25.63
CA ILE B 615 5.49 31.17 26.68
C ILE B 615 5.39 30.51 28.06
N GLY B 616 6.54 30.44 28.73
CA GLY B 616 6.61 29.84 30.05
C GLY B 616 5.96 28.48 30.17
N LYS B 617 6.38 27.54 29.34
CA LYS B 617 5.81 26.18 29.35
C LYS B 617 6.68 25.18 28.61
N PRO B 618 6.71 23.93 29.08
CA PRO B 618 7.50 22.89 28.44
C PRO B 618 6.60 22.28 27.38
N PHE B 619 7.10 21.30 26.65
CA PHE B 619 6.28 20.68 25.64
C PHE B 619 6.79 19.29 25.34
N MET B 620 5.92 18.30 25.46
CA MET B 620 6.29 16.91 25.19
C MET B 620 7.57 16.42 25.88
N GLY B 621 7.86 16.97 27.06
CA GLY B 621 9.04 16.56 27.79
C GLY B 621 10.16 17.57 27.77
N VAL B 622 10.23 18.36 26.71
CA VAL B 622 11.26 19.37 26.53
C VAL B 622 11.02 20.58 27.45
N PRO B 623 12.07 21.01 28.15
CA PRO B 623 11.94 22.15 29.06
C PRO B 623 12.18 23.47 28.37
N ALA B 624 11.74 24.54 29.03
CA ALA B 624 11.97 25.89 28.52
C ALA B 624 13.42 26.17 28.88
N SER B 625 14.01 27.23 28.32
CA SER B 625 15.39 27.56 28.66
C SER B 625 15.74 29.00 28.33
N ILE B 626 17.02 29.29 28.21
CA ILE B 626 17.48 30.63 27.90
C ILE B 626 18.45 30.54 26.74
N VAL B 627 18.32 31.46 25.79
CA VAL B 627 19.22 31.44 24.65
C VAL B 627 19.81 32.84 24.44
N ASN B 628 20.94 32.91 23.75
CA ASN B 628 21.61 34.18 23.48
C ASN B 628 20.83 34.93 22.40
N ASP B 629 20.64 36.23 22.63
CA ASP B 629 19.91 37.07 21.68
C ASP B 629 20.80 38.15 21.06
N GLU B 630 20.74 38.26 19.74
CA GLU B 630 21.53 39.23 18.99
C GLU B 630 20.71 39.80 17.83
N SER B 631 19.40 39.81 17.98
CA SER B 631 18.49 40.31 16.96
C SER B 631 18.92 41.72 16.57
N VAL B 632 18.66 42.64 17.48
CA VAL B 632 18.98 44.05 17.32
C VAL B 632 20.49 44.26 17.21
N VAL B 633 20.90 45.36 16.59
CA VAL B 633 22.32 45.65 16.47
C VAL B 633 22.84 46.16 17.80
N GLY B 634 23.97 45.61 18.24
CA GLY B 634 24.53 46.00 19.52
C GLY B 634 23.86 45.24 20.64
N VAL B 635 22.60 45.56 20.91
CA VAL B 635 21.82 44.90 21.95
C VAL B 635 22.01 43.39 21.94
N ARG B 636 22.67 42.87 22.97
CA ARG B 636 22.91 41.43 23.10
C ARG B 636 22.58 40.90 24.49
N ALA B 637 21.38 40.34 24.64
CA ALA B 637 20.94 39.81 25.92
C ALA B 637 20.54 38.35 25.82
N ALA B 638 20.03 37.82 26.92
CA ALA B 638 19.58 36.44 26.97
C ALA B 638 18.07 36.51 26.82
N ARG B 639 17.48 35.48 26.26
CA ARG B 639 16.04 35.47 26.04
C ARG B 639 15.38 34.20 26.55
N PRO B 640 14.34 34.34 27.38
CA PRO B 640 13.65 33.16 27.91
C PRO B 640 12.77 32.54 26.83
N ILE B 641 13.15 31.37 26.34
CA ILE B 641 12.35 30.71 25.33
C ILE B 641 11.62 29.49 25.90
N SER B 642 10.47 29.15 25.32
CA SER B 642 9.65 28.03 25.79
C SER B 642 10.17 26.67 25.32
N GLY B 643 9.71 25.62 26.00
CA GLY B 643 10.13 24.28 25.63
C GLY B 643 9.88 24.04 24.15
N MET B 644 8.74 24.52 23.67
CA MET B 644 8.39 24.35 22.27
C MET B 644 9.47 25.00 21.40
N GLN B 645 9.93 26.17 21.83
CA GLN B 645 10.96 26.92 21.11
C GLN B 645 12.31 26.24 21.23
N ASN B 646 12.51 25.60 22.38
CA ASN B 646 13.75 24.89 22.67
C ASN B 646 13.89 23.76 21.66
N MET B 647 12.75 23.20 21.22
CA MET B 647 12.77 22.11 20.25
C MET B 647 13.31 22.65 18.93
N ILE B 648 12.69 23.71 18.42
CA ILE B 648 13.09 24.32 17.17
C ILE B 648 14.57 24.66 17.28
N GLN B 649 14.96 25.16 18.44
CA GLN B 649 16.33 25.55 18.70
C GLN B 649 17.26 24.37 18.39
N HIS B 650 16.97 23.19 18.95
CA HIS B 650 17.78 21.98 18.71
C HIS B 650 17.62 21.40 17.29
N LEU B 651 16.40 21.44 16.77
CA LEU B 651 16.13 20.93 15.43
C LEU B 651 16.88 21.77 14.40
N SER B 652 16.89 23.08 14.62
CA SER B 652 17.54 24.02 13.72
C SER B 652 19.01 23.71 13.67
N LYS B 653 19.55 23.23 14.79
CA LYS B 653 20.96 22.92 14.84
C LYS B 653 21.21 21.72 13.97
N LEU B 654 20.33 20.73 14.02
CA LEU B 654 20.48 19.54 13.19
C LEU B 654 20.24 19.84 11.72
N TYR B 655 19.20 20.61 11.41
CA TYR B 655 18.93 20.97 10.01
C TYR B 655 20.10 21.76 9.42
N LYS B 656 20.81 22.52 10.25
CA LYS B 656 21.97 23.30 9.79
C LYS B 656 23.19 22.42 9.54
N ARG B 657 23.55 21.58 10.50
CA ARG B 657 24.72 20.73 10.33
C ARG B 657 24.52 19.73 9.19
N GLY B 658 23.36 19.10 9.18
CA GLY B 658 23.08 18.11 8.15
C GLY B 658 22.96 16.76 8.81
N PHE B 659 22.88 15.72 8.01
CA PHE B 659 22.75 14.38 8.57
C PHE B 659 23.96 13.50 8.27
N SER B 660 24.43 12.80 9.30
CA SER B 660 25.56 11.91 9.14
C SER B 660 24.98 10.54 8.79
N TYR B 661 24.89 10.26 7.50
CA TYR B 661 24.35 9.00 7.05
C TYR B 661 25.46 7.96 7.11
N ARG B 662 25.26 6.97 7.98
CA ARG B 662 26.23 5.90 8.15
C ARG B 662 25.88 4.80 7.15
N VAL B 663 26.77 4.54 6.20
CA VAL B 663 26.52 3.55 5.17
C VAL B 663 27.30 2.24 5.32
N ASN B 664 26.60 1.17 5.72
CA ASN B 664 27.22 -0.15 5.83
C ASN B 664 26.66 -0.99 4.69
N ASP B 665 27.36 -0.95 3.56
CA ASP B 665 26.97 -1.63 2.33
C ASP B 665 27.32 -3.12 2.34
N SER B 666 26.38 -3.95 2.79
CA SER B 666 26.62 -5.39 2.86
C SER B 666 26.85 -6.07 1.50
N PHE B 667 26.55 -5.36 0.42
CA PHE B 667 26.73 -5.91 -0.91
C PHE B 667 28.12 -5.62 -1.46
N SER B 668 28.69 -4.48 -1.11
CA SER B 668 30.03 -4.07 -1.57
C SER B 668 31.02 -4.21 -0.43
N PRO B 669 31.76 -5.34 -0.39
CA PRO B 669 32.74 -5.56 0.68
C PRO B 669 33.67 -4.37 0.87
N GLY B 670 33.84 -3.95 2.12
CA GLY B 670 34.72 -2.84 2.42
C GLY B 670 34.14 -1.46 2.21
N ASN B 671 32.86 -1.38 1.84
CA ASN B 671 32.25 -0.07 1.64
C ASN B 671 31.53 0.40 2.90
N ASP B 672 32.32 0.80 3.88
CA ASP B 672 31.81 1.30 5.14
C ASP B 672 32.27 2.75 5.23
N PHE B 673 31.33 3.66 5.42
CA PHE B 673 31.67 5.07 5.48
C PHE B 673 30.50 5.93 5.90
N THR B 674 30.80 7.04 6.55
CA THR B 674 29.76 7.97 6.97
C THR B 674 29.80 9.12 5.98
N HIS B 675 28.63 9.43 5.45
CA HIS B 675 28.47 10.48 4.47
C HIS B 675 27.59 11.57 5.08
N MET B 676 28.01 12.82 4.96
CA MET B 676 27.22 13.92 5.51
C MET B 676 26.38 14.50 4.38
N THR B 677 25.10 14.75 4.62
CA THR B 677 24.23 15.30 3.57
C THR B 677 23.26 16.35 4.09
N THR B 678 22.95 17.32 3.22
CA THR B 678 22.02 18.40 3.57
C THR B 678 20.61 18.10 3.05
N THR B 679 20.43 16.88 2.56
CA THR B 679 19.13 16.47 2.05
C THR B 679 18.18 16.35 3.23
N PHE B 680 16.90 16.57 2.98
CA PHE B 680 15.91 16.47 4.03
C PHE B 680 15.68 14.99 4.37
N PRO B 681 15.38 14.69 5.65
CA PRO B 681 15.14 13.33 6.12
C PRO B 681 13.75 12.83 5.72
N SER B 682 13.66 11.58 5.29
CA SER B 682 12.38 11.03 4.89
C SER B 682 11.70 10.28 6.04
N GLY B 683 12.49 9.61 6.86
CA GLY B 683 11.91 8.89 7.97
C GLY B 683 11.44 9.80 9.09
N SER B 684 11.36 11.11 8.83
CA SER B 684 10.92 12.08 9.82
C SER B 684 9.40 12.19 9.86
N THR B 685 8.84 12.36 11.06
CA THR B 685 7.39 12.51 11.17
C THR B 685 6.96 13.82 10.49
N ALA B 686 7.91 14.65 10.08
CA ALA B 686 7.59 15.91 9.44
C ALA B 686 7.50 15.75 7.93
N THR B 687 8.39 14.94 7.37
CA THR B 687 8.49 14.69 5.94
C THR B 687 7.26 14.92 5.06
N SER B 688 6.36 13.94 5.03
CA SER B 688 5.18 14.07 4.20
C SER B 688 4.38 15.36 4.39
N THR B 689 3.89 15.56 5.60
CA THR B 689 3.09 16.74 5.90
C THR B 689 3.80 18.06 5.55
N GLU B 690 5.11 18.11 5.81
CA GLU B 690 5.92 19.30 5.57
C GLU B 690 6.11 19.60 4.09
N HIS B 691 6.16 18.57 3.27
CA HIS B 691 6.32 18.79 1.85
C HIS B 691 4.98 19.23 1.25
N THR B 692 3.89 18.73 1.81
CA THR B 692 2.58 19.12 1.31
C THR B 692 2.33 20.60 1.57
N ALA B 693 2.78 21.06 2.73
CA ALA B 693 2.58 22.44 3.11
C ALA B 693 3.40 23.42 2.26
N ASN B 694 4.67 23.13 2.04
CA ASN B 694 5.49 24.04 1.23
C ASN B 694 4.97 24.07 -0.18
N ASN B 695 4.58 22.90 -0.68
CA ASN B 695 4.01 22.78 -2.02
C ASN B 695 2.93 23.85 -2.25
N SER B 696 1.82 23.73 -1.51
CA SER B 696 0.69 24.66 -1.61
C SER B 696 1.03 26.10 -1.26
N THR B 697 1.97 26.29 -0.34
CA THR B 697 2.34 27.65 0.03
C THR B 697 3.00 28.33 -1.17
N MET B 698 3.95 27.66 -1.80
CA MET B 698 4.61 28.26 -2.94
C MET B 698 3.67 28.51 -4.12
N MET B 699 2.73 27.59 -4.34
CA MET B 699 1.75 27.69 -5.43
C MET B 699 0.81 28.87 -5.18
N GLU B 700 0.53 29.11 -3.92
CA GLU B 700 -0.34 30.20 -3.49
C GLU B 700 0.39 31.51 -3.83
N THR B 701 1.64 31.59 -3.38
CA THR B 701 2.48 32.74 -3.60
C THR B 701 2.65 33.05 -5.09
N PHE B 702 2.74 32.01 -5.90
CA PHE B 702 2.87 32.18 -7.34
C PHE B 702 1.59 32.81 -7.87
N LEU B 703 0.48 32.08 -7.78
CA LEU B 703 -0.83 32.54 -8.24
C LEU B 703 -1.24 33.91 -7.73
N THR B 704 -0.88 34.20 -6.48
CA THR B 704 -1.23 35.46 -5.86
C THR B 704 -0.27 36.62 -6.05
N VAL B 705 1.03 36.34 -6.01
CA VAL B 705 2.01 37.39 -6.12
C VAL B 705 2.90 37.34 -7.35
N TRP B 706 3.90 36.46 -7.31
CA TRP B 706 4.86 36.33 -8.39
C TRP B 706 4.22 36.33 -9.77
N GLY B 707 3.39 35.33 -10.03
CA GLY B 707 2.72 35.23 -11.32
C GLY B 707 2.25 36.57 -11.84
N PRO B 708 1.21 37.16 -11.23
CA PRO B 708 0.64 38.45 -11.63
C PRO B 708 1.68 39.53 -11.90
N GLU B 709 2.74 39.54 -11.11
CA GLU B 709 3.80 40.53 -11.24
C GLU B 709 4.73 40.31 -12.43
N HIS B 710 4.74 39.10 -12.96
CA HIS B 710 5.63 38.79 -14.07
C HIS B 710 5.00 38.67 -15.43
N THR B 711 3.80 39.18 -15.58
CA THR B 711 3.16 39.12 -16.88
C THR B 711 1.97 40.05 -16.95
N ASP B 712 1.76 40.64 -18.12
CA ASP B 712 0.66 41.56 -18.35
C ASP B 712 -0.34 40.96 -19.33
N ASP B 713 -0.11 39.69 -19.69
CA ASP B 713 -0.98 38.96 -20.61
C ASP B 713 -2.36 38.89 -19.92
N PRO B 714 -3.34 39.63 -20.45
CA PRO B 714 -4.70 39.65 -19.91
C PRO B 714 -5.32 38.29 -19.59
N ASP B 715 -5.12 37.33 -20.49
CA ASP B 715 -5.69 36.01 -20.28
C ASP B 715 -4.98 35.25 -19.16
N VAL B 716 -3.66 35.23 -19.20
CA VAL B 716 -2.90 34.55 -18.18
C VAL B 716 -3.23 35.12 -16.80
N LEU B 717 -3.42 36.43 -16.73
CA LEU B 717 -3.76 37.07 -15.46
C LEU B 717 -5.16 36.63 -15.01
N ARG B 718 -6.06 36.47 -15.96
CA ARG B 718 -7.44 36.07 -15.67
C ARG B 718 -7.47 34.61 -15.22
N LEU B 719 -6.83 33.74 -16.00
CA LEU B 719 -6.76 32.32 -15.67
C LEU B 719 -6.20 32.17 -14.27
N MET B 720 -5.11 32.88 -14.00
CA MET B 720 -4.46 32.84 -12.70
C MET B 720 -5.37 33.33 -11.58
N LYS B 721 -6.01 34.47 -11.79
CA LYS B 721 -6.89 35.02 -10.78
C LYS B 721 -8.03 34.09 -10.39
N SER B 722 -8.46 33.26 -11.34
CA SER B 722 -9.53 32.33 -11.11
C SER B 722 -9.07 31.06 -10.44
N LEU B 723 -7.77 30.98 -10.13
CA LEU B 723 -7.22 29.78 -9.48
C LEU B 723 -6.82 30.04 -8.04
N THR B 724 -7.36 29.23 -7.15
CA THR B 724 -7.08 29.37 -5.73
C THR B 724 -6.53 28.06 -5.24
N ILE B 725 -5.60 28.09 -4.31
CA ILE B 725 -5.07 26.84 -3.81
C ILE B 725 -6.10 26.16 -2.95
N GLN B 726 -7.14 26.91 -2.56
CA GLN B 726 -8.21 26.38 -1.73
C GLN B 726 -9.32 25.70 -2.52
N ARG B 727 -9.34 25.89 -3.83
CA ARG B 727 -10.39 25.31 -4.65
C ARG B 727 -9.90 24.54 -5.86
N ASN B 728 -8.82 25.03 -6.46
CA ASN B 728 -8.28 24.45 -7.67
C ASN B 728 -6.96 23.71 -7.58
N TYR B 729 -6.34 23.64 -6.40
CA TYR B 729 -5.06 22.95 -6.28
C TYR B 729 -4.99 21.92 -5.15
N VAL B 730 -5.02 20.65 -5.54
CA VAL B 730 -4.96 19.56 -4.58
C VAL B 730 -3.54 19.04 -4.55
N CYS B 731 -3.05 18.70 -3.37
CA CYS B 731 -1.69 18.20 -3.31
C CYS B 731 -1.37 17.35 -2.09
N GLN B 732 -0.38 16.49 -2.27
CA GLN B 732 0.14 15.61 -1.21
C GLN B 732 1.63 15.43 -1.45
N GLY B 733 2.44 15.86 -0.49
CA GLY B 733 3.88 15.75 -0.65
C GLY B 733 4.29 16.69 -1.75
N ASP B 734 5.07 16.20 -2.69
CA ASP B 734 5.54 17.03 -3.80
C ASP B 734 4.65 16.86 -5.03
N ASP B 735 3.50 16.22 -4.85
CA ASP B 735 2.57 16.00 -5.94
C ASP B 735 1.45 17.02 -5.99
N GLY B 736 1.22 17.58 -7.17
CA GLY B 736 0.17 18.56 -7.30
C GLY B 736 -0.73 18.34 -8.50
N LEU B 737 -2.01 18.62 -8.31
CA LEU B 737 -3.00 18.47 -9.36
C LEU B 737 -3.75 19.79 -9.52
N MET B 738 -3.43 20.51 -10.58
CA MET B 738 -4.08 21.79 -10.86
C MET B 738 -5.33 21.57 -11.70
N ILE B 739 -6.50 21.77 -11.10
CA ILE B 739 -7.77 21.57 -11.81
C ILE B 739 -8.42 22.85 -12.34
N ILE B 740 -8.38 23.03 -13.65
CA ILE B 740 -8.98 24.20 -14.28
C ILE B 740 -10.40 23.83 -14.72
N ASP B 741 -11.39 24.29 -13.96
CA ASP B 741 -12.78 23.99 -14.29
C ASP B 741 -13.12 24.55 -15.66
N GLY B 742 -14.00 23.86 -16.38
CA GLY B 742 -14.40 24.32 -17.71
C GLY B 742 -15.64 25.18 -17.65
N THR B 743 -16.03 25.75 -18.80
CA THR B 743 -17.21 26.60 -18.88
C THR B 743 -18.21 26.04 -19.89
N THR B 744 -19.19 26.86 -20.27
CA THR B 744 -20.19 26.45 -21.25
C THR B 744 -19.56 26.72 -22.63
N ALA B 745 -18.66 27.71 -22.65
CA ALA B 745 -17.93 28.09 -23.85
C ALA B 745 -16.90 27.00 -24.17
N GLY B 746 -16.84 25.99 -23.31
CA GLY B 746 -15.89 24.91 -23.49
C GLY B 746 -14.75 25.02 -22.49
N LYS B 747 -13.61 24.42 -22.82
CA LYS B 747 -12.45 24.46 -21.93
C LYS B 747 -11.59 25.71 -22.12
N VAL B 748 -10.76 26.02 -21.14
CA VAL B 748 -9.86 27.17 -21.20
C VAL B 748 -8.81 27.00 -22.29
N ASN B 749 -8.50 28.08 -23.00
CA ASN B 749 -7.52 28.04 -24.08
C ASN B 749 -6.18 27.39 -23.72
N SER B 750 -5.78 26.43 -24.56
CA SER B 750 -4.54 25.68 -24.41
C SER B 750 -3.29 26.55 -24.37
N GLU B 751 -3.26 27.59 -25.19
CA GLU B 751 -2.12 28.49 -25.27
C GLU B 751 -1.95 29.34 -24.00
N THR B 752 -3.08 29.72 -23.39
CA THR B 752 -3.03 30.51 -22.17
C THR B 752 -2.52 29.62 -21.04
N ILE B 753 -2.93 28.35 -21.04
CA ILE B 753 -2.45 27.43 -20.01
C ILE B 753 -0.97 27.26 -20.23
N GLN B 754 -0.56 27.03 -21.48
CA GLN B 754 0.86 26.86 -21.78
C GLN B 754 1.70 28.01 -21.26
N ASN B 755 1.24 29.23 -21.43
CA ASN B 755 1.98 30.39 -20.94
C ASN B 755 2.13 30.32 -19.41
N ASP B 756 1.01 30.04 -18.75
CA ASP B 756 0.97 29.93 -17.29
C ASP B 756 2.03 28.97 -16.80
N LEU B 757 2.00 27.74 -17.30
CA LEU B 757 2.95 26.72 -16.89
C LEU B 757 4.40 27.19 -16.94
N GLU B 758 4.79 27.75 -18.08
CA GLU B 758 6.16 28.22 -18.26
C GLU B 758 6.58 29.22 -17.18
N LEU B 759 5.63 29.97 -16.65
CA LEU B 759 5.94 30.92 -15.59
C LEU B 759 6.22 30.17 -14.30
N ILE B 760 5.46 29.09 -14.08
CA ILE B 760 5.62 28.27 -12.88
C ILE B 760 7.00 27.64 -12.90
N SER B 761 7.41 27.15 -14.06
CA SER B 761 8.72 26.54 -14.22
C SER B 761 9.80 27.57 -13.85
N LYS B 762 9.75 28.73 -14.48
CA LYS B 762 10.71 29.80 -14.21
C LYS B 762 10.67 30.27 -12.76
N TYR B 763 9.46 30.32 -12.19
CA TYR B 763 9.26 30.73 -10.80
C TYR B 763 10.04 29.84 -9.81
N GLY B 764 10.04 28.53 -10.07
CA GLY B 764 10.72 27.58 -9.19
C GLY B 764 12.23 27.68 -9.13
N GLU B 765 12.86 27.96 -10.27
CA GLU B 765 14.31 28.09 -10.36
C GLU B 765 14.78 29.10 -9.34
N GLU B 766 13.92 30.05 -9.02
CA GLU B 766 14.24 31.10 -8.07
C GLU B 766 14.55 30.61 -6.68
N PHE B 767 13.95 29.51 -6.26
CA PHE B 767 14.22 28.98 -4.93
C PHE B 767 14.68 27.53 -4.93
N GLY B 768 15.24 27.10 -6.05
CA GLY B 768 15.76 25.75 -6.16
C GLY B 768 14.78 24.61 -6.33
N TRP B 769 13.68 24.84 -7.04
CA TRP B 769 12.70 23.79 -7.24
C TRP B 769 12.51 23.53 -8.72
N LYS B 770 12.81 22.31 -9.13
CA LYS B 770 12.63 21.95 -10.53
C LYS B 770 11.26 21.32 -10.69
N TYR B 771 10.30 22.12 -11.15
CA TYR B 771 8.95 21.62 -11.35
C TYR B 771 8.90 20.73 -12.57
N ASP B 772 8.29 19.56 -12.40
CA ASP B 772 8.10 18.59 -13.47
C ASP B 772 6.60 18.76 -13.79
N ILE B 773 6.29 19.71 -14.67
CA ILE B 773 4.91 19.99 -15.05
C ILE B 773 4.45 19.20 -16.26
N ALA B 774 3.27 18.60 -16.18
CA ALA B 774 2.75 17.83 -17.31
C ALA B 774 1.35 18.29 -17.73
N TYR B 775 1.21 18.69 -18.99
CA TYR B 775 -0.05 19.14 -19.54
C TYR B 775 -0.23 18.33 -20.82
N ASP B 776 -0.88 17.17 -20.69
CA ASP B 776 -1.10 16.24 -21.78
C ASP B 776 -2.52 15.72 -22.03
N GLY B 777 -3.52 16.36 -21.42
CA GLY B 777 -4.90 15.92 -21.60
C GLY B 777 -5.25 14.83 -20.61
N THR B 778 -4.28 14.46 -19.79
CA THR B 778 -4.43 13.41 -18.80
C THR B 778 -4.38 13.95 -17.39
N ALA B 779 -4.97 13.19 -16.46
CA ALA B 779 -4.96 13.53 -15.06
C ALA B 779 -4.13 12.46 -14.37
N GLU B 780 -3.08 12.87 -13.67
CA GLU B 780 -2.22 11.92 -12.97
C GLU B 780 -1.89 12.44 -11.57
N TYR B 781 -2.44 11.77 -10.57
CA TYR B 781 -2.21 12.14 -9.18
C TYR B 781 -2.00 10.88 -8.35
N LEU B 782 -0.89 10.85 -7.61
CA LEU B 782 -0.55 9.74 -6.73
C LEU B 782 -0.49 8.38 -7.47
N LYS B 783 0.05 8.42 -8.69
CA LYS B 783 0.19 7.23 -9.52
C LYS B 783 -1.14 6.59 -9.91
N LEU B 784 -2.16 7.43 -10.02
CA LEU B 784 -3.49 7.03 -10.43
C LEU B 784 -3.59 7.74 -11.79
N TYR B 785 -3.96 7.02 -12.84
CA TYR B 785 -4.04 7.61 -14.18
C TYR B 785 -5.47 7.80 -14.67
N PHE B 786 -5.76 9.01 -15.13
CA PHE B 786 -7.10 9.33 -15.60
C PHE B 786 -7.13 9.96 -16.98
N ILE B 787 -8.25 9.76 -17.68
CA ILE B 787 -8.47 10.35 -18.99
C ILE B 787 -9.95 10.34 -19.35
N PHE B 788 -10.47 11.53 -19.63
CA PHE B 788 -11.87 11.71 -19.98
C PHE B 788 -12.80 11.11 -18.93
N GLY B 789 -12.40 11.19 -17.67
CA GLY B 789 -13.21 10.68 -16.61
C GLY B 789 -13.00 9.21 -16.40
N CYS B 790 -12.21 8.59 -17.26
CA CYS B 790 -11.96 7.17 -17.12
C CYS B 790 -10.63 6.85 -16.46
N ARG B 791 -10.67 6.06 -15.39
CA ARG B 791 -9.46 5.69 -14.69
C ARG B 791 -8.77 4.55 -15.43
N ILE B 792 -7.47 4.69 -15.64
CA ILE B 792 -6.68 3.67 -16.33
C ILE B 792 -5.76 2.94 -15.38
N PRO B 793 -6.12 1.70 -15.00
CA PRO B 793 -5.23 0.99 -14.08
C PRO B 793 -3.91 0.73 -14.79
N ASN B 794 -2.81 0.84 -14.06
CA ASN B 794 -1.47 0.61 -14.61
C ASN B 794 -1.02 -0.73 -14.01
N LEU B 795 -1.23 -1.80 -14.76
CA LEU B 795 -0.88 -3.15 -14.30
C LEU B 795 0.60 -3.39 -14.10
N SER B 796 1.43 -2.75 -14.92
CA SER B 796 2.88 -2.95 -14.83
C SER B 796 3.43 -2.63 -13.44
N ARG B 797 2.71 -1.80 -12.70
CA ARG B 797 3.14 -1.42 -11.36
C ARG B 797 2.77 -2.42 -10.27
N HIS B 798 2.08 -3.49 -10.63
CA HIS B 798 1.70 -4.52 -9.67
C HIS B 798 2.15 -5.90 -10.12
N PRO B 799 3.46 -6.08 -10.25
CA PRO B 799 4.04 -7.35 -10.66
C PRO B 799 3.45 -8.50 -9.86
N ILE B 800 3.01 -9.54 -10.57
CA ILE B 800 2.42 -10.68 -9.93
C ILE B 800 3.46 -11.55 -9.24
N VAL B 801 4.70 -11.50 -9.75
CA VAL B 801 5.77 -12.30 -9.17
C VAL B 801 6.78 -11.46 -8.44
N GLY B 802 6.76 -10.16 -8.67
CA GLY B 802 7.75 -9.32 -8.02
C GLY B 802 7.56 -9.06 -6.54
N LYS B 803 8.65 -8.70 -5.88
CA LYS B 803 8.62 -8.36 -4.47
C LYS B 803 9.88 -7.62 -4.11
N GLU B 804 9.72 -6.51 -3.40
CA GLU B 804 10.86 -5.71 -2.99
C GLU B 804 11.64 -6.41 -1.89
N ARG B 805 12.95 -6.46 -2.04
CA ARG B 805 13.81 -7.05 -1.04
C ARG B 805 15.08 -6.22 -0.99
N ALA B 806 15.15 -5.24 -0.09
CA ALA B 806 16.35 -4.42 0.01
C ALA B 806 17.44 -5.18 0.76
N ASN B 807 17.11 -5.62 1.97
CA ASN B 807 18.06 -6.35 2.83
C ASN B 807 18.39 -7.75 2.34
N SER B 808 19.48 -8.30 2.87
CA SER B 808 19.94 -9.63 2.52
C SER B 808 19.13 -10.72 3.24
N SER B 809 18.50 -10.35 4.35
CA SER B 809 17.70 -11.29 5.13
C SER B 809 16.82 -12.19 4.27
N ALA B 810 16.58 -13.40 4.74
CA ALA B 810 15.77 -14.36 4.01
C ALA B 810 14.27 -14.05 4.11
N GLU B 811 13.51 -14.63 3.20
CA GLU B 811 12.07 -14.44 3.15
C GLU B 811 11.42 -15.08 4.38
N GLU B 812 10.21 -14.65 4.71
CA GLU B 812 9.51 -15.17 5.87
C GLU B 812 9.12 -16.63 5.63
N PRO B 813 9.12 -17.46 6.69
CA PRO B 813 8.78 -18.87 6.56
C PRO B 813 7.45 -19.06 5.83
N TRP B 814 7.29 -20.23 5.23
CA TRP B 814 6.13 -20.56 4.43
C TRP B 814 4.80 -19.84 4.60
N PRO B 815 3.97 -20.26 5.57
CA PRO B 815 2.67 -19.57 5.71
C PRO B 815 2.62 -18.14 5.14
N ALA B 816 3.62 -17.33 5.48
CA ALA B 816 3.71 -15.93 5.03
C ALA B 816 3.36 -15.67 3.56
N ILE B 817 3.79 -16.56 2.66
CA ILE B 817 3.53 -16.40 1.24
C ILE B 817 2.05 -16.44 0.89
N LEU B 818 1.24 -17.07 1.73
CA LEU B 818 -0.19 -17.13 1.43
C LEU B 818 -0.84 -15.75 1.50
N ASP B 819 -0.38 -14.91 2.43
CA ASP B 819 -0.94 -13.57 2.51
C ASP B 819 -0.55 -12.79 1.25
N GLN B 820 0.67 -13.01 0.78
CA GLN B 820 1.17 -12.36 -0.43
C GLN B 820 0.39 -12.80 -1.67
N ILE B 821 0.03 -14.07 -1.71
CA ILE B 821 -0.73 -14.59 -2.83
C ILE B 821 -2.12 -13.94 -2.84
N MET B 822 -2.73 -13.87 -1.67
CA MET B 822 -4.06 -13.27 -1.55
C MET B 822 -4.05 -11.81 -1.99
N GLY B 823 -2.98 -11.10 -1.62
CA GLY B 823 -2.85 -9.71 -2.00
C GLY B 823 -2.78 -9.59 -3.52
N VAL B 824 -2.18 -10.59 -4.16
CA VAL B 824 -2.05 -10.61 -5.61
C VAL B 824 -3.47 -10.68 -6.20
N PHE B 825 -4.33 -11.48 -5.58
CA PHE B 825 -5.70 -11.63 -6.02
C PHE B 825 -6.47 -10.32 -5.96
N PHE B 826 -6.47 -9.69 -4.77
CA PHE B 826 -7.20 -8.43 -4.58
C PHE B 826 -6.72 -7.36 -5.53
N ASN B 827 -5.43 -7.36 -5.83
CA ASN B 827 -4.92 -6.38 -6.77
C ASN B 827 -5.64 -6.59 -8.10
N GLY B 828 -5.73 -7.86 -8.52
CA GLY B 828 -6.37 -8.20 -9.77
C GLY B 828 -7.81 -7.77 -9.78
N VAL B 829 -8.42 -7.67 -8.60
CA VAL B 829 -9.81 -7.25 -8.51
C VAL B 829 -9.83 -5.73 -8.66
N HIS B 830 -9.05 -5.02 -7.85
CA HIS B 830 -9.01 -3.58 -7.95
C HIS B 830 -8.49 -3.13 -9.33
N ASP B 831 -7.72 -3.98 -10.01
CA ASP B 831 -7.17 -3.62 -11.31
C ASP B 831 -8.05 -4.01 -12.49
N GLY B 832 -9.17 -4.66 -12.19
CA GLY B 832 -10.10 -5.06 -13.23
C GLY B 832 -9.77 -6.20 -14.19
N LEU B 833 -9.02 -7.21 -13.75
CA LEU B 833 -8.71 -8.32 -14.66
C LEU B 833 -10.02 -9.05 -15.00
N GLN B 834 -10.02 -9.90 -16.04
CA GLN B 834 -11.23 -10.63 -16.41
C GLN B 834 -11.58 -11.52 -15.23
N TRP B 835 -12.72 -11.26 -14.61
CA TRP B 835 -13.08 -12.01 -13.42
C TRP B 835 -12.95 -13.53 -13.45
N GLN B 836 -13.58 -14.23 -14.39
CA GLN B 836 -13.45 -15.68 -14.40
C GLN B 836 -11.99 -16.16 -14.56
N ARG B 837 -11.26 -15.57 -15.51
CA ARG B 837 -9.87 -15.97 -15.77
C ARG B 837 -8.99 -15.72 -14.56
N TRP B 838 -9.24 -14.61 -13.88
CA TRP B 838 -8.45 -14.25 -12.72
C TRP B 838 -8.73 -15.17 -11.53
N ILE B 839 -10.02 -15.43 -11.29
CA ILE B 839 -10.43 -16.30 -10.20
C ILE B 839 -9.90 -17.70 -10.40
N ARG B 840 -9.98 -18.22 -11.62
CA ARG B 840 -9.50 -19.56 -11.89
C ARG B 840 -7.98 -19.66 -11.67
N TYR B 841 -7.24 -18.69 -12.18
CA TYR B 841 -5.79 -18.72 -12.01
C TYR B 841 -5.40 -18.63 -10.54
N SER B 842 -6.14 -17.81 -9.80
CA SER B 842 -5.87 -17.62 -8.38
C SER B 842 -6.08 -18.91 -7.62
N TRP B 843 -7.05 -19.71 -8.05
CA TRP B 843 -7.29 -20.99 -7.39
C TRP B 843 -6.14 -21.93 -7.69
N ALA B 844 -5.57 -21.77 -8.87
CA ALA B 844 -4.43 -22.57 -9.28
C ALA B 844 -3.26 -22.14 -8.42
N LEU B 845 -3.02 -20.85 -8.39
CA LEU B 845 -1.91 -20.30 -7.64
C LEU B 845 -2.01 -20.68 -6.18
N CYS B 846 -3.21 -20.56 -5.60
CA CYS B 846 -3.41 -20.92 -4.20
C CYS B 846 -3.14 -22.38 -3.92
N CYS B 847 -3.83 -23.26 -4.64
CA CYS B 847 -3.62 -24.69 -4.46
C CYS B 847 -2.12 -24.97 -4.50
N ALA B 848 -1.42 -24.32 -5.42
CA ALA B 848 0.00 -24.49 -5.59
C ALA B 848 0.89 -23.99 -4.46
N PHE B 849 0.31 -23.34 -3.45
CA PHE B 849 1.10 -22.83 -2.32
C PHE B 849 0.50 -23.26 -0.97
N SER B 850 -0.55 -24.07 -1.01
CA SER B 850 -1.26 -24.53 0.18
C SER B 850 -0.64 -25.70 0.95
N ARG B 851 0.40 -26.31 0.39
CA ARG B 851 1.03 -27.46 1.04
C ARG B 851 2.49 -27.20 1.27
N GLN B 852 2.96 -27.52 2.46
CA GLN B 852 4.37 -27.33 2.81
C GLN B 852 4.88 -28.53 3.59
N ARG B 853 6.14 -28.89 3.34
CA ARG B 853 6.76 -30.01 4.03
C ARG B 853 7.18 -29.57 5.43
N THR B 854 6.84 -30.37 6.43
CA THR B 854 7.17 -30.06 7.82
C THR B 854 8.11 -31.04 8.49
N MET B 855 8.93 -30.49 9.40
CA MET B 855 9.90 -31.28 10.15
C MET B 855 9.69 -31.14 11.65
N ILE B 856 9.86 -32.26 12.35
CA ILE B 856 9.70 -32.32 13.81
C ILE B 856 10.79 -33.25 14.37
N GLY B 857 11.73 -33.64 13.50
CA GLY B 857 12.80 -34.54 13.91
C GLY B 857 12.53 -35.93 13.34
N GLU B 858 12.67 -36.04 12.02
CA GLU B 858 12.41 -37.27 11.26
C GLU B 858 10.89 -37.54 11.19
N SER B 859 10.12 -36.58 11.73
CA SER B 859 8.66 -36.64 11.73
C SER B 859 8.18 -35.87 10.49
N VAL B 860 8.55 -36.36 9.31
CA VAL B 860 8.19 -35.73 8.04
C VAL B 860 6.71 -35.85 7.70
N GLY B 861 5.96 -34.79 8.02
CA GLY B 861 4.55 -34.76 7.71
C GLY B 861 4.32 -33.68 6.66
N TYR B 862 3.10 -33.18 6.57
CA TYR B 862 2.77 -32.14 5.61
C TYR B 862 1.69 -31.20 6.10
N LEU B 863 1.93 -29.90 5.90
CA LEU B 863 0.95 -28.91 6.28
C LEU B 863 0.09 -28.65 5.05
N GLN B 864 -1.22 -28.76 5.21
CA GLN B 864 -2.13 -28.57 4.11
C GLN B 864 -3.34 -27.73 4.51
N TYR B 865 -3.58 -26.65 3.77
CA TYR B 865 -4.73 -25.80 4.02
C TYR B 865 -5.89 -26.29 3.15
N PRO B 866 -7.08 -26.49 3.74
CA PRO B 866 -8.19 -26.95 2.91
C PRO B 866 -8.60 -25.83 1.95
N MET B 867 -9.24 -26.19 0.85
CA MET B 867 -9.65 -25.17 -0.10
C MET B 867 -10.50 -24.13 0.58
N TRP B 868 -11.23 -24.57 1.59
CA TRP B 868 -12.12 -23.71 2.36
C TRP B 868 -11.45 -22.51 3.07
N SER B 869 -10.16 -22.64 3.40
CA SER B 869 -9.46 -21.56 4.09
C SER B 869 -9.33 -20.37 3.17
N PHE B 870 -9.17 -20.63 1.89
CA PHE B 870 -9.03 -19.55 0.91
C PHE B 870 -10.35 -18.84 0.74
N VAL B 871 -11.44 -19.59 0.85
CA VAL B 871 -12.75 -18.97 0.74
C VAL B 871 -12.85 -17.97 1.91
N TYR B 872 -12.49 -18.44 3.10
CA TYR B 872 -12.53 -17.60 4.29
C TYR B 872 -11.75 -16.32 4.03
N TRP B 873 -10.60 -16.47 3.37
CA TRP B 873 -9.75 -15.34 3.04
C TRP B 873 -10.27 -14.41 1.93
N GLY B 874 -11.28 -14.83 1.17
CA GLY B 874 -11.84 -13.96 0.15
C GLY B 874 -12.01 -14.50 -1.26
N LEU B 875 -11.35 -15.61 -1.56
CA LEU B 875 -11.43 -16.19 -2.89
C LEU B 875 -12.81 -16.84 -3.10
N PRO B 876 -13.56 -16.39 -4.12
CA PRO B 876 -14.89 -16.98 -4.36
C PRO B 876 -14.87 -18.39 -4.96
N LEU B 877 -15.88 -19.17 -4.58
CA LEU B 877 -16.02 -20.53 -5.07
C LEU B 877 -16.48 -20.45 -6.53
N VAL B 878 -16.02 -21.38 -7.35
CA VAL B 878 -16.39 -21.42 -8.75
C VAL B 878 -17.68 -22.23 -8.93
N LYS B 879 -17.80 -23.30 -8.17
CA LYS B 879 -18.98 -24.16 -8.24
C LYS B 879 -18.89 -25.23 -7.16
N ALA B 880 -19.93 -25.29 -6.33
CA ALA B 880 -19.98 -26.26 -5.24
C ALA B 880 -21.40 -26.74 -4.98
N PHE B 881 -21.49 -27.86 -4.27
CA PHE B 881 -22.77 -28.47 -3.88
C PHE B 881 -23.82 -28.64 -4.98
N GLY B 882 -23.37 -28.72 -6.23
CA GLY B 882 -24.29 -28.90 -7.34
C GLY B 882 -24.89 -27.60 -7.86
N SER B 883 -24.30 -26.47 -7.47
CA SER B 883 -24.80 -25.17 -7.91
C SER B 883 -24.40 -24.95 -9.36
N ASP B 884 -24.84 -23.84 -9.93
CA ASP B 884 -24.46 -23.55 -11.29
C ASP B 884 -23.05 -22.98 -11.14
N PRO B 885 -22.29 -22.94 -12.25
CA PRO B 885 -20.95 -22.39 -12.15
C PRO B 885 -20.92 -20.86 -12.19
N TRP B 886 -19.88 -20.30 -11.59
CA TRP B 886 -19.65 -18.85 -11.53
C TRP B 886 -20.79 -18.00 -11.00
N ILE B 887 -21.44 -18.47 -9.95
CA ILE B 887 -22.53 -17.72 -9.36
C ILE B 887 -21.98 -16.76 -8.31
N PHE B 888 -20.76 -17.01 -7.86
CA PHE B 888 -20.15 -16.16 -6.85
C PHE B 888 -19.21 -15.12 -7.44
N SER B 889 -19.42 -13.87 -7.04
CA SER B 889 -18.65 -12.72 -7.51
C SER B 889 -17.41 -12.52 -6.65
N TRP B 890 -16.40 -11.85 -7.19
CA TRP B 890 -15.20 -11.62 -6.38
C TRP B 890 -15.39 -10.51 -5.36
N TYR B 891 -16.59 -9.92 -5.33
CA TYR B 891 -16.88 -8.90 -4.34
C TYR B 891 -17.49 -9.56 -3.11
N MET B 892 -17.35 -10.88 -3.03
CA MET B 892 -17.87 -11.62 -1.88
C MET B 892 -17.09 -11.13 -0.67
N PRO B 893 -17.79 -10.86 0.44
CA PRO B 893 -17.07 -10.37 1.63
C PRO B 893 -15.99 -11.35 2.06
N THR B 894 -15.28 -10.97 3.10
CA THR B 894 -14.20 -11.78 3.64
C THR B 894 -14.68 -12.33 4.99
N GLY B 895 -13.96 -13.29 5.57
CA GLY B 895 -14.36 -13.85 6.86
C GLY B 895 -15.81 -14.26 7.04
N ASP B 896 -16.31 -14.19 8.27
CA ASP B 896 -17.69 -14.59 8.56
C ASP B 896 -18.76 -14.00 7.66
N LEU B 897 -18.68 -12.69 7.39
CA LEU B 897 -19.68 -12.05 6.55
C LEU B 897 -19.70 -12.71 5.17
N GLY B 898 -18.52 -13.08 4.68
CA GLY B 898 -18.41 -13.73 3.39
C GLY B 898 -18.90 -15.17 3.43
N MET B 899 -18.67 -15.86 4.56
CA MET B 899 -19.11 -17.24 4.70
C MET B 899 -20.64 -17.28 4.70
N TYR B 900 -21.24 -16.35 5.42
CA TYR B 900 -22.68 -16.25 5.52
C TYR B 900 -23.29 -16.04 4.15
N SER B 901 -22.67 -15.15 3.38
CA SER B 901 -23.16 -14.83 2.06
C SER B 901 -23.20 -15.98 1.07
N TRP B 902 -22.08 -16.63 0.80
CA TRP B 902 -22.17 -17.70 -0.19
C TRP B 902 -23.04 -18.84 0.31
N ILE B 903 -22.98 -19.13 1.62
CA ILE B 903 -23.81 -20.21 2.15
C ILE B 903 -25.30 -19.87 2.06
N SER B 904 -25.66 -18.62 2.29
CA SER B 904 -27.06 -18.19 2.21
C SER B 904 -27.59 -18.29 0.80
N LEU B 905 -26.73 -17.98 -0.17
CA LEU B 905 -27.08 -18.04 -1.60
C LEU B 905 -27.35 -19.44 -2.11
N ILE B 906 -26.93 -20.46 -1.37
CA ILE B 906 -27.16 -21.84 -1.81
C ILE B 906 -27.51 -22.76 -0.64
N ARG B 907 -28.21 -22.20 0.35
CA ARG B 907 -28.61 -22.97 1.52
C ARG B 907 -29.30 -24.27 1.06
N PRO B 908 -30.44 -24.14 0.35
CA PRO B 908 -31.20 -25.30 -0.16
C PRO B 908 -30.31 -26.27 -0.93
N LEU B 909 -29.52 -25.72 -1.85
CA LEU B 909 -28.62 -26.51 -2.66
C LEU B 909 -27.77 -27.41 -1.77
N MET B 910 -27.14 -26.80 -0.76
CA MET B 910 -26.29 -27.52 0.16
C MET B 910 -27.05 -28.62 0.90
N THR B 911 -28.16 -28.22 1.52
CA THR B 911 -29.01 -29.15 2.25
C THR B 911 -29.38 -30.36 1.39
N ARG B 912 -29.90 -30.10 0.20
CA ARG B 912 -30.30 -31.18 -0.71
C ARG B 912 -29.10 -32.06 -1.01
N TRP B 913 -27.98 -31.43 -1.35
CA TRP B 913 -26.78 -32.18 -1.66
C TRP B 913 -26.31 -33.07 -0.52
N MET B 914 -26.25 -32.51 0.68
CA MET B 914 -25.81 -33.28 1.85
C MET B 914 -26.65 -34.53 2.05
N VAL B 915 -27.96 -34.35 2.08
CA VAL B 915 -28.91 -35.45 2.25
C VAL B 915 -28.73 -36.51 1.18
N ALA B 916 -28.61 -36.05 -0.06
CA ALA B 916 -28.44 -36.97 -1.19
C ALA B 916 -27.14 -37.76 -1.10
N ASN B 917 -26.27 -37.41 -0.15
CA ASN B 917 -24.99 -38.10 0.00
C ASN B 917 -24.82 -38.78 1.35
N GLY B 918 -25.92 -39.18 1.97
CA GLY B 918 -25.84 -39.85 3.25
C GLY B 918 -25.81 -38.98 4.51
N TYR B 919 -25.52 -37.69 4.38
CA TYR B 919 -25.47 -36.82 5.54
C TYR B 919 -26.88 -36.41 5.93
N VAL B 920 -27.64 -37.40 6.43
CA VAL B 920 -29.03 -37.19 6.82
C VAL B 920 -29.15 -37.35 8.34
N THR B 921 -30.18 -36.74 8.91
CA THR B 921 -30.42 -36.82 10.35
C THR B 921 -31.91 -36.63 10.66
N ASP B 922 -32.31 -36.93 11.90
CA ASP B 922 -33.71 -36.77 12.30
C ASP B 922 -33.96 -35.41 12.91
N ARG B 923 -32.88 -34.77 13.36
CA ARG B 923 -32.99 -33.44 13.96
C ARG B 923 -33.04 -32.41 12.85
N CYS B 924 -34.10 -31.61 12.83
CA CYS B 924 -34.26 -30.60 11.81
C CYS B 924 -33.50 -29.33 12.17
N SER B 925 -32.48 -29.00 11.38
CA SER B 925 -31.68 -27.81 11.61
C SER B 925 -32.45 -26.58 11.15
N THR B 926 -32.30 -25.49 11.90
CA THR B 926 -32.95 -24.23 11.57
C THR B 926 -32.42 -23.69 10.24
N VAL B 927 -31.16 -23.98 9.98
CA VAL B 927 -30.48 -23.53 8.77
C VAL B 927 -30.39 -24.60 7.67
N PHE B 928 -30.00 -25.81 8.04
CA PHE B 928 -29.82 -26.85 7.04
C PHE B 928 -30.85 -27.97 7.00
N GLY B 929 -32.00 -27.74 7.63
CA GLY B 929 -33.05 -28.74 7.64
C GLY B 929 -32.62 -30.08 8.21
N ASN B 930 -32.92 -31.16 7.50
CA ASN B 930 -32.57 -32.49 7.96
C ASN B 930 -31.24 -32.98 7.40
N ALA B 931 -30.29 -32.07 7.31
CA ALA B 931 -28.97 -32.40 6.82
C ALA B 931 -28.03 -32.54 8.00
N ASP B 932 -27.17 -33.54 7.93
CA ASP B 932 -26.19 -33.79 8.99
C ASP B 932 -24.97 -32.89 8.73
N TYR B 933 -25.20 -31.58 8.74
CA TYR B 933 -24.16 -30.59 8.46
C TYR B 933 -22.91 -30.72 9.33
N ARG B 934 -23.08 -31.13 10.59
CA ARG B 934 -21.94 -31.28 11.48
C ARG B 934 -20.98 -32.34 10.99
N ARG B 935 -21.53 -33.47 10.56
CA ARG B 935 -20.69 -34.54 10.06
C ARG B 935 -20.13 -34.18 8.70
N CYS B 936 -20.92 -33.45 7.92
CA CYS B 936 -20.52 -33.05 6.59
C CYS B 936 -19.35 -32.07 6.58
N PHE B 937 -19.49 -30.97 7.32
CA PHE B 937 -18.44 -29.95 7.35
C PHE B 937 -17.09 -30.41 7.93
N ASN B 938 -17.09 -31.49 8.69
CA ASN B 938 -15.85 -32.01 9.24
C ASN B 938 -15.17 -32.87 8.21
N GLU B 939 -15.98 -33.65 7.49
CA GLU B 939 -15.49 -34.55 6.46
C GLU B 939 -15.00 -33.80 5.23
N LEU B 940 -15.61 -32.66 4.90
CA LEU B 940 -15.14 -31.90 3.75
C LEU B 940 -13.98 -30.98 4.17
N LYS B 941 -13.71 -30.95 5.47
CA LYS B 941 -12.66 -30.12 6.04
C LYS B 941 -13.04 -28.64 5.99
N LEU B 942 -14.35 -28.39 5.94
CA LEU B 942 -14.86 -27.03 5.87
C LEU B 942 -14.70 -26.35 7.22
N TYR B 943 -14.95 -27.07 8.30
CA TYR B 943 -14.77 -26.49 9.63
C TYR B 943 -13.28 -26.29 9.84
N GLN B 944 -12.51 -27.30 9.50
CA GLN B 944 -11.07 -27.24 9.66
C GLN B 944 -10.51 -26.05 8.90
N GLY B 945 -10.80 -25.99 7.61
CA GLY B 945 -10.31 -24.89 6.81
C GLY B 945 -10.69 -23.54 7.38
N TYR B 946 -11.92 -23.46 7.88
CA TYR B 946 -12.50 -22.26 8.47
C TYR B 946 -11.71 -21.74 9.67
N TYR B 947 -11.32 -22.65 10.55
CA TYR B 947 -10.58 -22.29 11.75
C TYR B 947 -9.10 -22.12 11.47
N MET B 948 -8.58 -22.91 10.55
CA MET B 948 -7.18 -22.81 10.21
C MET B 948 -6.88 -21.47 9.57
N ALA B 949 -7.88 -20.92 8.89
CA ALA B 949 -7.75 -19.64 8.22
C ALA B 949 -7.54 -18.53 9.24
N GLN B 950 -8.15 -18.69 10.40
CA GLN B 950 -8.07 -17.71 11.47
C GLN B 950 -6.86 -17.83 12.39
N LEU B 951 -5.88 -18.64 12.03
CA LEU B 951 -4.69 -18.81 12.85
C LEU B 951 -3.49 -18.03 12.29
N PRO B 952 -2.61 -17.52 13.17
CA PRO B 952 -1.42 -16.76 12.83
C PRO B 952 -0.62 -17.45 11.76
N ARG B 953 -0.18 -16.70 10.76
CA ARG B 953 0.58 -17.28 9.68
C ARG B 953 2.07 -16.99 9.81
N ASN B 954 2.49 -16.74 11.04
CA ASN B 954 3.90 -16.49 11.33
C ASN B 954 4.19 -16.80 12.80
N PRO B 955 5.42 -17.24 13.11
CA PRO B 955 5.87 -17.61 14.45
C PRO B 955 5.64 -16.54 15.49
N LYS B 956 5.25 -16.96 16.69
CA LYS B 956 5.02 -16.03 17.79
C LYS B 956 6.24 -16.09 18.71
N LYS B 957 6.68 -14.94 19.21
CA LYS B 957 7.84 -14.90 20.09
C LYS B 957 7.43 -14.82 21.56
N SER B 958 6.18 -14.46 21.81
CA SER B 958 5.68 -14.38 23.17
C SER B 958 5.92 -15.75 23.83
N GLY B 959 6.08 -15.75 25.15
CA GLY B 959 6.32 -17.01 25.83
C GLY B 959 7.80 -17.31 25.98
N ARG B 960 8.65 -16.43 25.45
CA ARG B 960 10.08 -16.65 25.61
C ARG B 960 10.34 -16.34 27.07
N ALA B 961 11.27 -17.08 27.67
CA ALA B 961 11.58 -16.86 29.08
C ALA B 961 12.06 -15.43 29.31
N ALA B 962 11.31 -14.70 30.14
CA ALA B 962 11.63 -13.32 30.47
C ALA B 962 11.73 -13.21 31.98
N SER B 963 12.94 -12.96 32.46
CA SER B 963 13.16 -12.83 33.90
C SER B 963 12.33 -11.68 34.47
N ARG B 964 11.22 -12.06 35.10
CA ARG B 964 10.24 -11.15 35.71
C ARG B 964 10.73 -9.76 36.09
N GLU B 965 11.85 -9.68 36.81
CA GLU B 965 12.39 -8.40 37.27
C GLU B 965 12.75 -7.39 36.18
N VAL B 966 13.47 -7.84 35.14
CA VAL B 966 13.83 -6.92 34.07
C VAL B 966 12.59 -6.70 33.21
N ARG B 967 11.71 -7.69 33.23
CA ARG B 967 10.47 -7.64 32.49
C ARG B 967 9.62 -6.50 33.07
N GLU B 968 9.70 -6.30 34.38
CA GLU B 968 8.94 -5.24 35.03
C GLU B 968 9.63 -3.88 34.93
N GLN B 969 10.97 -3.89 34.92
CA GLN B 969 11.74 -2.65 34.79
C GLN B 969 11.40 -1.99 33.46
N PHE B 970 11.39 -2.84 32.43
CA PHE B 970 11.11 -2.43 31.07
C PHE B 970 9.71 -1.84 30.91
N THR B 971 8.68 -2.64 31.22
CA THR B 971 7.31 -2.14 31.09
C THR B 971 7.08 -0.90 31.96
N GLN B 972 7.91 -0.74 32.97
CA GLN B 972 7.83 0.40 33.87
C GLN B 972 8.33 1.63 33.14
N ALA B 973 9.50 1.50 32.52
CA ALA B 973 10.09 2.60 31.76
C ALA B 973 9.09 2.99 30.68
N LEU B 974 8.54 2.01 30.00
CA LEU B 974 7.56 2.29 28.96
C LEU B 974 6.43 3.10 29.59
N SER B 975 5.95 2.65 30.73
CA SER B 975 4.89 3.35 31.44
C SER B 975 5.29 4.80 31.74
N ASP B 976 6.47 4.99 32.32
CA ASP B 976 6.95 6.33 32.65
C ASP B 976 7.00 7.25 31.43
N TYR B 977 7.43 6.70 30.30
CA TYR B 977 7.53 7.48 29.08
C TYR B 977 6.15 8.01 28.73
N LEU B 978 5.18 7.10 28.69
CA LEU B 978 3.81 7.48 28.38
C LEU B 978 3.20 8.32 29.49
N MET B 979 3.41 7.93 30.75
CA MET B 979 2.85 8.65 31.88
C MET B 979 3.78 9.71 32.47
N GLN B 980 4.41 10.47 31.59
CA GLN B 980 5.31 11.53 32.02
C GLN B 980 4.53 12.53 32.86
N ASN B 981 3.50 13.11 32.25
CA ASN B 981 2.64 14.10 32.90
C ASN B 981 1.68 13.50 33.93
N PRO B 982 1.83 13.86 35.22
CA PRO B 982 0.97 13.36 36.29
C PRO B 982 -0.53 13.52 36.05
N GLU B 983 -0.91 14.61 35.37
CA GLU B 983 -2.30 14.89 35.10
C GLU B 983 -2.97 13.77 34.30
N LEU B 984 -2.22 13.24 33.33
CA LEU B 984 -2.73 12.18 32.48
C LEU B 984 -2.98 10.91 33.29
N LYS B 985 -1.96 10.47 34.03
CA LYS B 985 -2.08 9.27 34.85
C LYS B 985 -3.31 9.41 35.72
N SER B 986 -3.40 10.57 36.37
CA SER B 986 -4.51 10.88 37.25
C SER B 986 -5.84 10.70 36.49
N ARG B 987 -5.85 11.09 35.23
CA ARG B 987 -7.05 10.95 34.42
C ARG B 987 -7.44 9.48 34.29
N VAL B 988 -6.45 8.62 34.06
CA VAL B 988 -6.70 7.20 33.91
C VAL B 988 -7.12 6.50 35.20
N LEU B 989 -6.54 6.93 36.32
CA LEU B 989 -6.87 6.35 37.61
C LEU B 989 -8.34 6.63 37.93
N ARG B 990 -8.81 7.78 37.48
CA ARG B 990 -10.20 8.16 37.72
C ARG B 990 -11.03 7.18 36.92
N GLY B 991 -10.72 7.09 35.63
CA GLY B 991 -11.44 6.19 34.76
C GLY B 991 -11.55 4.83 35.40
N ARG B 992 -10.47 4.36 36.00
CA ARG B 992 -10.47 3.06 36.64
C ARG B 992 -11.51 2.88 37.75
N SER B 993 -11.27 3.51 38.89
CA SER B 993 -12.21 3.39 40.01
C SER B 993 -13.64 3.67 39.55
N GLU B 994 -13.76 4.44 38.48
CA GLU B 994 -15.06 4.77 37.92
C GLU B 994 -15.57 3.53 37.20
N TRP B 995 -14.68 2.89 36.46
CA TRP B 995 -15.04 1.70 35.72
C TRP B 995 -15.61 0.64 36.65
N GLU B 996 -14.95 0.40 37.78
CA GLU B 996 -15.42 -0.61 38.73
C GLU B 996 -16.84 -0.41 39.24
N LYS B 997 -17.36 0.81 39.13
CA LYS B 997 -18.70 1.13 39.62
C LYS B 997 -19.76 1.14 38.54
N TYR B 998 -19.41 1.55 37.32
CA TYR B 998 -20.40 1.63 36.26
C TYR B 998 -20.21 0.74 35.02
N GLY B 999 -18.99 0.30 34.75
CA GLY B 999 -18.78 -0.52 33.57
C GLY B 999 -18.25 -1.94 33.71
N ALA B 1000 -17.39 -2.18 34.68
CA ALA B 1000 -16.81 -3.52 34.87
C ALA B 1000 -17.91 -4.59 34.91
N GLY B 1001 -17.74 -5.63 34.11
CA GLY B 1001 -18.73 -6.68 34.07
C GLY B 1001 -19.59 -6.60 32.82
N ILE B 1002 -19.96 -5.38 32.41
CA ILE B 1002 -20.76 -5.19 31.20
C ILE B 1002 -19.99 -5.66 29.98
N ILE B 1003 -18.76 -5.19 29.83
CA ILE B 1003 -17.91 -5.64 28.72
C ILE B 1003 -16.55 -6.03 29.31
N HIS B 1004 -15.74 -6.74 28.53
CA HIS B 1004 -14.44 -7.19 29.02
C HIS B 1004 -13.23 -6.70 28.22
N ASN B 1005 -13.45 -5.79 27.28
CA ASN B 1005 -12.35 -5.26 26.47
C ASN B 1005 -12.01 -3.80 26.79
N PRO B 1006 -12.30 -3.33 28.01
CA PRO B 1006 -11.98 -1.92 28.30
C PRO B 1006 -10.61 -1.45 27.83
N PRO B 1007 -10.55 -0.61 26.77
CA PRO B 1007 -9.24 -0.13 26.31
C PRO B 1007 -8.73 0.80 27.41
N SER B 1008 -7.43 0.80 27.64
CA SER B 1008 -6.89 1.63 28.69
C SER B 1008 -5.46 2.03 28.39
N LEU B 1009 -5.09 3.26 28.76
CA LEU B 1009 -3.74 3.71 28.54
C LEU B 1009 -2.80 2.84 29.33
N PHE B 1010 -3.33 2.18 30.37
CA PHE B 1010 -2.51 1.29 31.19
C PHE B 1010 -2.12 0.02 30.45
N ASP B 1011 -2.74 -0.21 29.29
CA ASP B 1011 -2.46 -1.38 28.48
C ASP B 1011 -1.27 -1.11 27.55
N VAL B 1012 -1.24 0.10 26.98
CA VAL B 1012 -0.21 0.51 26.05
C VAL B 1012 1.18 -0.01 26.37
N PRO B 1013 1.63 0.14 27.61
CA PRO B 1013 2.98 -0.36 27.92
C PRO B 1013 3.09 -1.85 27.58
N HIS B 1014 2.01 -2.58 27.84
CA HIS B 1014 1.98 -4.02 27.57
C HIS B 1014 1.92 -4.33 26.08
N LYS B 1015 1.16 -3.53 25.32
CA LYS B 1015 1.09 -3.75 23.89
C LYS B 1015 2.41 -3.38 23.25
N TRP B 1016 3.07 -2.35 23.79
CA TRP B 1016 4.37 -1.92 23.26
C TRP B 1016 5.43 -2.99 23.44
N TYR B 1017 5.41 -3.66 24.60
CA TYR B 1017 6.38 -4.70 24.88
C TYR B 1017 6.18 -5.88 23.90
N GLN B 1018 4.93 -6.30 23.74
CA GLN B 1018 4.60 -7.38 22.83
C GLN B 1018 5.06 -7.02 21.42
N GLY B 1019 4.86 -5.76 21.03
CA GLY B 1019 5.27 -5.33 19.72
C GLY B 1019 6.78 -5.43 19.53
N ALA B 1020 7.54 -5.02 20.54
CA ALA B 1020 8.99 -5.09 20.44
C ALA B 1020 9.38 -6.56 20.40
N GLN B 1021 8.60 -7.39 21.08
CA GLN B 1021 8.88 -8.82 21.09
C GLN B 1021 8.68 -9.43 19.72
N GLU B 1022 7.46 -9.35 19.22
CA GLU B 1022 7.10 -9.92 17.93
C GLU B 1022 7.93 -9.38 16.77
N ALA B 1023 8.73 -8.35 17.03
CA ALA B 1023 9.56 -7.75 15.99
C ALA B 1023 10.86 -8.51 15.82
N ALA B 1024 11.21 -9.29 16.84
CA ALA B 1024 12.44 -10.09 16.85
C ALA B 1024 12.38 -11.34 15.95
N ILE B 1025 13.55 -11.80 15.51
CA ILE B 1025 13.66 -13.00 14.66
C ILE B 1025 13.21 -14.23 15.47
N ALA B 1026 12.35 -15.06 14.88
CA ALA B 1026 11.87 -16.25 15.56
C ALA B 1026 12.87 -17.40 15.50
N THR B 1027 12.67 -18.40 16.36
CA THR B 1027 13.55 -19.57 16.39
C THR B 1027 12.89 -20.72 15.64
N ARG B 1028 13.66 -21.73 15.27
CA ARG B 1028 13.10 -22.86 14.56
C ARG B 1028 12.09 -23.58 15.43
N GLU B 1029 12.25 -23.44 16.73
CA GLU B 1029 11.36 -24.06 17.71
C GLU B 1029 10.00 -23.37 17.62
N GLU B 1030 10.03 -22.05 17.70
CA GLU B 1030 8.82 -21.24 17.61
C GLU B 1030 8.14 -21.49 16.29
N LEU B 1031 8.91 -21.89 15.28
CA LEU B 1031 8.37 -22.18 13.97
C LEU B 1031 7.64 -23.52 14.02
N ALA B 1032 8.22 -24.48 14.74
CA ALA B 1032 7.62 -25.80 14.86
C ALA B 1032 6.32 -25.67 15.65
N GLU B 1033 6.32 -24.76 16.62
CA GLU B 1033 5.14 -24.55 17.44
C GLU B 1033 3.99 -24.03 16.61
N MET B 1034 4.29 -23.10 15.71
CA MET B 1034 3.24 -22.53 14.85
C MET B 1034 2.64 -23.58 13.93
N ASP B 1035 3.47 -24.47 13.41
CA ASP B 1035 2.98 -25.52 12.54
C ASP B 1035 2.02 -26.40 13.33
N GLU B 1036 2.52 -26.93 14.43
CA GLU B 1036 1.76 -27.79 15.32
C GLU B 1036 0.36 -27.23 15.54
N THR B 1037 0.27 -25.92 15.73
CA THR B 1037 -0.99 -25.22 15.95
C THR B 1037 -1.93 -25.38 14.77
N LEU B 1038 -1.41 -25.12 13.58
CA LEU B 1038 -2.19 -25.24 12.36
C LEU B 1038 -2.58 -26.68 12.14
N MET B 1039 -1.69 -27.58 12.53
CA MET B 1039 -1.90 -29.00 12.33
C MET B 1039 -2.81 -29.64 13.38
N ARG B 1040 -2.94 -28.97 14.52
CA ARG B 1040 -3.77 -29.47 15.59
C ARG B 1040 -5.20 -29.11 15.24
N ALA B 1041 -5.39 -27.90 14.71
CA ALA B 1041 -6.70 -27.44 14.33
C ALA B 1041 -7.21 -28.26 13.16
N ARG B 1042 -6.29 -28.84 12.41
CA ARG B 1042 -6.65 -29.66 11.26
C ARG B 1042 -7.14 -31.02 11.71
N ARG B 1043 -6.57 -31.52 12.80
CA ARG B 1043 -6.98 -32.82 13.33
C ARG B 1043 -8.33 -32.67 14.03
N HIS B 1044 -8.40 -31.73 14.96
CA HIS B 1044 -9.60 -31.46 15.73
C HIS B 1044 -10.82 -31.45 14.82
N SER B 1045 -11.98 -31.83 15.35
CA SER B 1045 -13.23 -31.83 14.60
C SER B 1045 -14.12 -30.83 15.33
N TYR B 1046 -15.04 -30.16 14.63
CA TYR B 1046 -15.89 -29.15 15.26
C TYR B 1046 -17.39 -29.42 15.14
N SER B 1047 -18.18 -28.64 15.87
CA SER B 1047 -19.62 -28.81 15.81
C SER B 1047 -20.34 -27.52 15.42
N SER B 1048 -19.58 -26.46 15.16
CA SER B 1048 -20.17 -25.18 14.76
C SER B 1048 -19.12 -24.16 14.29
N PHE B 1049 -19.59 -23.00 13.86
CA PHE B 1049 -18.74 -21.91 13.40
C PHE B 1049 -18.58 -20.94 14.57
N SER B 1050 -18.24 -19.69 14.27
CA SER B 1050 -18.09 -18.69 15.32
C SER B 1050 -19.48 -18.37 15.87
N LYS B 1051 -19.55 -17.79 17.06
CA LYS B 1051 -20.84 -17.46 17.62
C LYS B 1051 -21.55 -16.43 16.72
N LEU B 1052 -20.79 -15.49 16.19
CA LEU B 1052 -21.36 -14.45 15.33
C LEU B 1052 -21.96 -15.00 14.04
N LEU B 1053 -21.24 -15.90 13.36
CA LEU B 1053 -21.71 -16.51 12.11
C LEU B 1053 -22.94 -17.39 12.31
N GLU B 1054 -22.98 -18.13 13.42
CA GLU B 1054 -24.13 -18.98 13.70
C GLU B 1054 -25.38 -18.10 13.86
N ALA B 1055 -25.16 -16.86 14.26
CA ALA B 1055 -26.24 -15.91 14.44
C ALA B 1055 -26.70 -15.38 13.08
N TYR B 1056 -25.74 -15.01 12.22
CA TYR B 1056 -26.12 -14.49 10.90
C TYR B 1056 -26.95 -15.50 10.11
N LEU B 1057 -26.62 -16.79 10.25
CA LEU B 1057 -27.34 -17.83 9.52
C LEU B 1057 -28.80 -17.96 9.84
N LEU B 1058 -29.22 -17.44 10.97
CA LEU B 1058 -30.62 -17.46 11.38
C LEU B 1058 -31.46 -16.51 10.51
N VAL B 1059 -30.78 -15.57 9.83
CA VAL B 1059 -31.43 -14.58 8.97
C VAL B 1059 -31.53 -15.01 7.51
N LYS B 1060 -32.76 -15.04 7.00
CA LYS B 1060 -33.03 -15.41 5.61
C LYS B 1060 -33.54 -14.20 4.81
N TRP B 1061 -33.20 -14.16 3.53
CA TRP B 1061 -33.61 -13.05 2.66
C TRP B 1061 -34.31 -13.49 1.39
N ARG B 1062 -34.78 -12.50 0.63
CA ARG B 1062 -35.42 -12.76 -0.64
C ARG B 1062 -34.83 -11.84 -1.69
N MET B 1063 -34.11 -12.43 -2.63
CA MET B 1063 -33.48 -11.69 -3.71
C MET B 1063 -34.57 -11.31 -4.69
N CYS B 1064 -34.60 -10.05 -5.11
CA CYS B 1064 -35.65 -9.63 -6.02
C CYS B 1064 -35.23 -9.04 -7.34
N GLU B 1065 -36.02 -8.07 -7.81
CA GLU B 1065 -35.77 -7.42 -9.08
C GLU B 1065 -34.43 -6.74 -9.10
N ALA B 1066 -33.80 -6.75 -10.27
CA ALA B 1066 -32.50 -6.12 -10.48
C ALA B 1066 -32.63 -4.61 -10.34
N ARG B 1067 -31.60 -3.98 -9.78
CA ARG B 1067 -31.60 -2.53 -9.62
C ARG B 1067 -31.52 -1.85 -10.98
N GLU B 1068 -31.82 -0.56 -11.02
CA GLU B 1068 -31.74 0.19 -12.25
C GLU B 1068 -30.35 0.79 -12.36
N PRO B 1069 -29.88 1.06 -13.58
CA PRO B 1069 -28.54 1.63 -13.71
C PRO B 1069 -28.38 2.96 -12.97
N SER B 1070 -27.28 3.09 -12.23
CA SER B 1070 -26.98 4.31 -11.46
C SER B 1070 -26.13 5.23 -12.34
N VAL B 1071 -25.58 4.66 -13.41
CA VAL B 1071 -24.78 5.40 -14.36
C VAL B 1071 -24.96 4.82 -15.77
N ASP B 1072 -24.73 5.65 -16.77
CA ASP B 1072 -24.87 5.25 -18.16
C ASP B 1072 -23.99 4.05 -18.50
N LEU B 1073 -24.59 3.06 -19.14
CA LEU B 1073 -23.85 1.85 -19.51
C LEU B 1073 -22.88 2.05 -20.66
N ARG B 1074 -22.88 3.23 -21.27
CA ARG B 1074 -21.97 3.54 -22.37
C ARG B 1074 -20.75 4.24 -21.81
N LEU B 1075 -20.83 4.56 -20.53
CA LEU B 1075 -19.80 5.32 -19.82
C LEU B 1075 -18.54 4.62 -19.29
N PRO B 1076 -17.38 4.91 -19.88
CA PRO B 1076 -16.14 4.28 -19.40
C PRO B 1076 -15.75 4.86 -18.03
N LEU B 1077 -15.62 4.02 -17.01
CA LEU B 1077 -15.24 4.49 -15.69
C LEU B 1077 -13.86 3.98 -15.26
N CYS B 1078 -13.54 2.76 -15.70
CA CYS B 1078 -12.27 2.11 -15.39
C CYS B 1078 -11.90 1.09 -16.48
N ALA B 1079 -10.87 1.40 -17.26
CA ALA B 1079 -10.45 0.50 -18.32
C ALA B 1079 -10.30 -0.90 -17.75
N GLY B 1080 -10.92 -1.86 -18.43
CA GLY B 1080 -10.87 -3.24 -17.98
C GLY B 1080 -12.25 -3.61 -17.52
N ILE B 1081 -12.98 -2.62 -16.99
CA ILE B 1081 -14.34 -2.86 -16.51
C ILE B 1081 -15.30 -2.36 -17.57
N ASP B 1082 -15.60 -3.24 -18.52
CA ASP B 1082 -16.51 -2.94 -19.61
C ASP B 1082 -17.34 -4.20 -19.89
N PRO B 1083 -18.27 -4.13 -20.86
CA PRO B 1083 -19.14 -5.25 -21.23
C PRO B 1083 -18.43 -6.57 -21.57
N LEU B 1084 -17.11 -6.56 -21.57
CA LEU B 1084 -16.36 -7.78 -21.85
C LEU B 1084 -16.03 -8.47 -20.52
N ASN B 1085 -16.22 -7.74 -19.43
CA ASN B 1085 -15.96 -8.19 -18.08
C ASN B 1085 -17.26 -8.09 -17.28
N SER B 1086 -18.27 -8.85 -17.70
CA SER B 1086 -19.61 -8.84 -17.11
C SER B 1086 -19.87 -8.57 -15.61
N ASP B 1087 -19.35 -9.37 -14.70
CA ASP B 1087 -19.66 -9.11 -13.28
C ASP B 1087 -19.08 -7.79 -12.74
N PRO B 1088 -17.78 -7.52 -12.97
CA PRO B 1088 -17.26 -6.25 -12.45
C PRO B 1088 -18.09 -5.10 -13.01
N PHE B 1089 -18.33 -5.16 -14.32
CA PHE B 1089 -19.11 -4.14 -15.03
C PHE B 1089 -20.52 -3.95 -14.48
N LEU B 1090 -21.30 -5.02 -14.46
CA LEU B 1090 -22.68 -4.94 -13.98
C LEU B 1090 -22.76 -4.41 -12.55
N LYS B 1091 -21.77 -4.76 -11.74
CA LYS B 1091 -21.77 -4.28 -10.37
C LYS B 1091 -21.52 -2.77 -10.38
N MET B 1092 -20.59 -2.35 -11.22
CA MET B 1092 -20.24 -0.94 -11.35
C MET B 1092 -21.46 -0.10 -11.75
N VAL B 1093 -22.18 -0.58 -12.76
CA VAL B 1093 -23.34 0.11 -13.29
C VAL B 1093 -24.57 0.12 -12.36
N SER B 1094 -24.86 -1.04 -11.76
CA SER B 1094 -26.02 -1.13 -10.88
C SER B 1094 -25.81 -0.56 -9.49
N VAL B 1095 -24.65 -0.86 -8.90
CA VAL B 1095 -24.35 -0.37 -7.55
C VAL B 1095 -23.93 1.09 -7.57
N GLY B 1096 -23.16 1.46 -8.59
CA GLY B 1096 -22.70 2.84 -8.72
C GLY B 1096 -21.29 2.98 -8.18
N PRO B 1097 -20.52 3.95 -8.68
CA PRO B 1097 -19.15 4.12 -8.18
C PRO B 1097 -19.11 4.95 -6.89
N MET B 1098 -18.07 4.72 -6.08
CA MET B 1098 -17.88 5.45 -4.83
C MET B 1098 -17.37 6.85 -5.17
N LEU B 1099 -18.26 7.84 -5.12
CA LEU B 1099 -17.87 9.20 -5.47
C LEU B 1099 -17.35 10.11 -4.37
N GLN B 1100 -17.07 9.55 -3.20
CA GLN B 1100 -16.53 10.36 -2.12
C GLN B 1100 -15.22 9.75 -1.66
N SER B 1101 -14.33 10.58 -1.14
CA SER B 1101 -13.05 10.08 -0.64
C SER B 1101 -13.31 9.17 0.56
N THR B 1102 -12.86 7.92 0.47
CA THR B 1102 -13.05 6.95 1.54
C THR B 1102 -12.41 7.39 2.85
N ARG B 1103 -11.33 8.17 2.77
CA ARG B 1103 -10.69 8.64 3.99
C ARG B 1103 -11.64 9.60 4.67
N LYS B 1104 -12.22 10.52 3.90
CA LYS B 1104 -13.17 11.49 4.45
C LYS B 1104 -14.42 10.79 4.93
N TYR B 1105 -14.88 9.80 4.18
CA TYR B 1105 -16.10 9.07 4.53
C TYR B 1105 -16.01 8.38 5.88
N PHE B 1106 -15.04 7.47 6.00
CA PHE B 1106 -14.86 6.71 7.21
C PHE B 1106 -14.48 7.54 8.40
N ALA B 1107 -13.94 8.73 8.16
CA ALA B 1107 -13.60 9.59 9.26
C ALA B 1107 -14.90 10.03 9.95
N GLN B 1108 -16.02 9.87 9.26
CA GLN B 1108 -17.31 10.24 9.83
C GLN B 1108 -18.00 9.09 10.57
N THR B 1109 -17.29 7.98 10.76
CA THR B 1109 -17.85 6.83 11.46
C THR B 1109 -17.14 6.53 12.81
N LEU B 1110 -16.48 7.54 13.38
CA LEU B 1110 -15.77 7.40 14.66
C LEU B 1110 -15.98 8.61 15.55
N PHE B 1111 -15.99 8.41 16.87
CA PHE B 1111 -16.16 9.53 17.78
C PHE B 1111 -14.82 10.20 18.04
N MET B 1112 -13.74 9.46 17.87
CA MET B 1112 -12.40 9.99 18.07
C MET B 1112 -11.48 9.59 16.92
N ALA B 1113 -10.73 10.55 16.43
CA ALA B 1113 -9.82 10.34 15.32
C ALA B 1113 -8.55 9.61 15.71
N LYS B 1114 -7.79 10.21 16.61
CA LYS B 1114 -6.54 9.59 17.02
C LYS B 1114 -6.51 9.26 18.50
N THR B 1115 -5.61 8.36 18.86
CA THR B 1115 -5.41 7.97 20.25
C THR B 1115 -3.93 7.62 20.38
N VAL B 1116 -3.48 7.33 21.58
CA VAL B 1116 -2.09 6.98 21.77
C VAL B 1116 -1.76 5.77 20.90
N SER B 1117 -0.66 5.85 20.17
CA SER B 1117 -0.26 4.74 19.32
C SER B 1117 -0.22 3.53 20.24
N GLY B 1118 -0.81 2.42 19.80
CA GLY B 1118 -0.84 1.24 20.64
C GLY B 1118 -2.29 0.85 20.87
N LEU B 1119 -3.18 1.83 21.03
CA LEU B 1119 -4.60 1.56 21.22
C LEU B 1119 -5.27 1.64 19.86
N ASP B 1120 -6.45 1.03 19.74
CA ASP B 1120 -7.14 1.04 18.45
C ASP B 1120 -8.37 1.92 18.46
N VAL B 1121 -8.33 2.95 17.64
CA VAL B 1121 -9.43 3.90 17.51
C VAL B 1121 -10.75 3.14 17.24
N ASN B 1122 -10.67 2.08 16.44
CA ASN B 1122 -11.86 1.29 16.13
C ASN B 1122 -12.24 0.42 17.31
N ALA B 1123 -11.26 0.11 18.15
CA ALA B 1123 -11.51 -0.68 19.35
C ALA B 1123 -12.28 0.21 20.30
N ILE B 1124 -11.74 1.40 20.54
CA ILE B 1124 -12.39 2.35 21.42
C ILE B 1124 -13.82 2.60 20.97
N ASP B 1125 -14.00 2.78 19.67
CA ASP B 1125 -15.34 3.04 19.13
C ASP B 1125 -16.29 1.87 19.43
N SER B 1126 -15.76 0.64 19.40
CA SER B 1126 -16.59 -0.53 19.65
C SER B 1126 -17.02 -0.67 21.10
N ALA B 1127 -16.11 -0.35 22.01
CA ALA B 1127 -16.38 -0.45 23.43
C ALA B 1127 -17.48 0.51 23.87
N LEU B 1128 -17.39 1.75 23.40
CA LEU B 1128 -18.35 2.78 23.75
C LEU B 1128 -19.74 2.44 23.22
N LEU B 1129 -19.80 1.99 21.97
CA LEU B 1129 -21.08 1.64 21.40
C LEU B 1129 -21.59 0.34 22.03
N ARG B 1130 -20.69 -0.59 22.34
CA ARG B 1130 -21.13 -1.82 22.96
C ARG B 1130 -21.73 -1.54 24.34
N LEU B 1131 -21.05 -0.72 25.15
CA LEU B 1131 -21.58 -0.37 26.48
C LEU B 1131 -22.97 0.23 26.32
N ARG B 1132 -23.14 1.08 25.32
CA ARG B 1132 -24.44 1.70 25.10
C ARG B 1132 -25.50 0.67 24.71
N THR B 1133 -25.11 -0.28 23.86
CA THR B 1133 -26.02 -1.31 23.39
C THR B 1133 -26.37 -2.31 24.49
N LEU B 1134 -25.42 -2.50 25.39
CA LEU B 1134 -25.62 -3.40 26.50
C LEU B 1134 -26.36 -2.68 27.62
N GLY B 1135 -26.92 -1.53 27.29
CA GLY B 1135 -27.66 -0.75 28.28
C GLY B 1135 -26.86 -0.11 29.40
N ALA B 1136 -25.55 0.01 29.22
CA ALA B 1136 -24.71 0.61 30.25
C ALA B 1136 -25.14 2.05 30.48
N ASP B 1137 -24.77 2.58 31.65
CA ASP B 1137 -25.12 3.94 31.98
C ASP B 1137 -24.07 4.93 31.46
N LYS B 1138 -24.53 6.14 31.13
CA LYS B 1138 -23.64 7.17 30.62
C LYS B 1138 -22.33 7.16 31.40
N LYS B 1139 -22.43 7.31 32.72
CA LYS B 1139 -21.25 7.31 33.58
C LYS B 1139 -20.24 6.25 33.17
N ALA B 1140 -20.74 5.12 32.69
CA ALA B 1140 -19.88 4.03 32.26
C ALA B 1140 -19.10 4.44 31.02
N LEU B 1141 -19.75 5.10 30.07
CA LEU B 1141 -19.05 5.55 28.87
C LEU B 1141 -18.05 6.60 29.30
N THR B 1142 -18.47 7.49 30.20
CA THR B 1142 -17.57 8.51 30.67
C THR B 1142 -16.33 7.86 31.25
N ALA B 1143 -16.48 6.71 31.90
CA ALA B 1143 -15.34 6.01 32.50
C ALA B 1143 -14.34 5.48 31.46
N GLN B 1144 -14.86 4.96 30.36
CA GLN B 1144 -14.03 4.43 29.30
C GLN B 1144 -13.14 5.55 28.71
N LEU B 1145 -13.77 6.67 28.38
CA LEU B 1145 -13.06 7.82 27.81
C LEU B 1145 -11.96 8.33 28.71
N LEU B 1146 -12.19 8.29 30.02
CA LEU B 1146 -11.19 8.73 30.97
C LEU B 1146 -10.01 7.76 31.00
N MET B 1147 -10.31 6.48 30.80
CA MET B 1147 -9.27 5.46 30.79
C MET B 1147 -8.42 5.53 29.54
N VAL B 1148 -8.86 6.28 28.53
CA VAL B 1148 -8.07 6.43 27.31
C VAL B 1148 -7.49 7.84 27.18
N GLY B 1149 -7.53 8.61 28.26
CA GLY B 1149 -6.93 9.94 28.25
C GLY B 1149 -7.74 11.23 28.30
N LEU B 1150 -9.06 11.14 28.17
CA LEU B 1150 -9.88 12.34 28.17
C LEU B 1150 -10.07 13.02 29.51
N GLN B 1151 -10.25 14.33 29.45
CA GLN B 1151 -10.49 15.17 30.63
C GLN B 1151 -11.98 14.97 30.92
N GLU B 1152 -12.35 14.84 32.20
CA GLU B 1152 -13.75 14.62 32.58
C GLU B 1152 -14.79 15.44 31.81
N SER B 1153 -14.54 16.74 31.69
CA SER B 1153 -15.45 17.62 30.96
C SER B 1153 -15.72 17.06 29.58
N GLU B 1154 -14.65 16.79 28.83
CA GLU B 1154 -14.74 16.24 27.48
C GLU B 1154 -15.37 14.85 27.53
N ALA B 1155 -14.91 14.04 28.47
CA ALA B 1155 -15.41 12.68 28.66
C ALA B 1155 -16.92 12.66 28.84
N ASP B 1156 -17.40 13.46 29.79
CA ASP B 1156 -18.83 13.55 30.09
C ASP B 1156 -19.62 14.11 28.93
N ALA B 1157 -19.00 15.02 28.20
CA ALA B 1157 -19.66 15.63 27.05
C ALA B 1157 -19.81 14.61 25.94
N LEU B 1158 -18.70 13.99 25.54
CA LEU B 1158 -18.76 13.00 24.47
C LEU B 1158 -19.63 11.81 24.87
N ALA B 1159 -19.48 11.35 26.12
CA ALA B 1159 -20.28 10.23 26.58
C ALA B 1159 -21.77 10.58 26.45
N GLY B 1160 -22.14 11.79 26.89
CA GLY B 1160 -23.52 12.22 26.79
C GLY B 1160 -23.96 12.38 25.35
N LYS B 1161 -23.03 12.80 24.50
CA LYS B 1161 -23.32 12.97 23.08
C LYS B 1161 -23.56 11.58 22.46
N ILE B 1162 -22.63 10.66 22.72
CA ILE B 1162 -22.74 9.30 22.22
C ILE B 1162 -24.08 8.67 22.58
N MET B 1163 -24.50 8.84 23.82
CA MET B 1163 -25.76 8.27 24.30
C MET B 1163 -26.99 8.62 23.47
N LEU B 1164 -27.05 9.84 22.96
CA LEU B 1164 -28.23 10.27 22.21
C LEU B 1164 -28.09 10.26 20.69
N GLN B 1165 -26.93 9.89 20.18
CA GLN B 1165 -26.73 9.92 18.75
C GLN B 1165 -27.40 8.82 17.94
N ASP B 1166 -27.66 9.12 16.68
CA ASP B 1166 -28.21 8.16 15.76
C ASP B 1166 -26.99 7.72 14.99
N VAL B 1167 -26.44 6.58 15.36
CA VAL B 1167 -25.24 6.08 14.71
C VAL B 1167 -25.56 5.43 13.36
N ASN B 1168 -24.77 5.79 12.34
CA ASN B 1168 -24.96 5.27 11.00
C ASN B 1168 -24.56 3.79 10.89
N THR B 1169 -25.12 3.12 9.87
CA THR B 1169 -24.87 1.70 9.61
C THR B 1169 -23.40 1.26 9.77
N VAL B 1170 -22.51 1.87 8.99
CA VAL B 1170 -21.11 1.50 9.05
C VAL B 1170 -20.49 1.65 10.43
N GLN B 1171 -20.79 2.74 11.13
CA GLN B 1171 -20.18 2.90 12.43
C GLN B 1171 -20.77 1.95 13.44
N LEU B 1172 -22.07 1.77 13.39
CA LEU B 1172 -22.75 0.92 14.36
C LEU B 1172 -22.43 -0.56 14.18
N ALA B 1173 -22.19 -0.98 12.95
CA ALA B 1173 -21.90 -2.38 12.69
C ALA B 1173 -20.59 -2.89 13.29
N ARG B 1174 -19.79 -1.99 13.86
CA ARG B 1174 -18.53 -2.40 14.48
C ARG B 1174 -18.74 -3.11 15.81
N VAL B 1175 -19.91 -2.91 16.42
CA VAL B 1175 -20.18 -3.54 17.72
C VAL B 1175 -20.16 -5.05 17.60
N VAL B 1176 -20.25 -5.53 16.36
CA VAL B 1176 -20.25 -6.95 16.11
C VAL B 1176 -19.11 -7.29 15.14
N ASN B 1177 -18.16 -6.38 15.02
CA ASN B 1177 -16.99 -6.53 14.16
C ASN B 1177 -17.19 -6.61 12.65
N LEU B 1178 -18.26 -6.01 12.14
CA LEU B 1178 -18.48 -6.01 10.69
C LEU B 1178 -17.78 -4.79 10.09
N ALA B 1179 -17.04 -5.02 9.00
CA ALA B 1179 -16.32 -3.96 8.34
C ALA B 1179 -16.59 -3.95 6.85
N VAL B 1180 -16.65 -2.74 6.28
CA VAL B 1180 -16.87 -2.62 4.85
C VAL B 1180 -15.71 -3.35 4.17
N PRO B 1181 -16.03 -4.33 3.32
CA PRO B 1181 -14.99 -5.07 2.60
C PRO B 1181 -14.13 -4.13 1.77
N ASP B 1182 -12.82 -4.36 1.74
CA ASP B 1182 -11.94 -3.51 0.94
C ASP B 1182 -12.35 -3.53 -0.51
N THR B 1183 -12.74 -4.71 -1.01
CA THR B 1183 -13.14 -4.83 -2.40
C THR B 1183 -14.34 -3.96 -2.75
N TRP B 1184 -15.14 -3.60 -1.75
CA TRP B 1184 -16.30 -2.77 -2.01
C TRP B 1184 -16.02 -1.26 -2.10
N MET B 1185 -14.91 -0.83 -1.49
CA MET B 1185 -14.50 0.58 -1.45
C MET B 1185 -14.66 1.43 -2.72
N SER B 1186 -14.66 0.82 -3.89
CA SER B 1186 -14.80 1.62 -5.11
C SER B 1186 -16.26 1.75 -5.53
N LEU B 1187 -17.14 1.09 -4.78
CA LEU B 1187 -18.56 1.12 -5.09
C LEU B 1187 -19.32 1.89 -4.04
N ASP B 1188 -20.52 2.33 -4.41
CA ASP B 1188 -21.37 3.11 -3.53
C ASP B 1188 -22.10 2.19 -2.57
N PHE B 1189 -21.34 1.65 -1.62
CA PHE B 1189 -21.89 0.74 -0.63
C PHE B 1189 -22.86 1.44 0.32
N ASP B 1190 -22.69 2.75 0.49
CA ASP B 1190 -23.53 3.56 1.36
C ASP B 1190 -24.96 3.63 0.83
N SER B 1191 -25.10 3.73 -0.50
CA SER B 1191 -26.44 3.77 -1.09
C SER B 1191 -27.08 2.42 -0.95
N MET B 1192 -26.29 1.38 -1.19
CA MET B 1192 -26.81 0.04 -1.08
C MET B 1192 -27.38 -0.19 0.31
N PHE B 1193 -26.60 0.12 1.34
CA PHE B 1193 -27.09 -0.08 2.70
C PHE B 1193 -28.39 0.70 2.90
N LYS B 1194 -28.38 1.97 2.55
CA LYS B 1194 -29.55 2.82 2.73
C LYS B 1194 -30.80 2.59 1.89
N HIS B 1195 -30.65 2.34 0.60
CA HIS B 1195 -31.84 2.20 -0.23
C HIS B 1195 -32.14 0.87 -0.89
N HIS B 1196 -31.28 -0.13 -0.71
CA HIS B 1196 -31.56 -1.38 -1.40
C HIS B 1196 -31.46 -2.67 -0.59
N VAL B 1197 -31.62 -2.54 0.73
CA VAL B 1197 -31.62 -3.69 1.62
C VAL B 1197 -32.82 -3.46 2.52
N LYS B 1198 -33.99 -3.82 2.00
CA LYS B 1198 -35.26 -3.65 2.73
C LYS B 1198 -35.40 -4.58 3.92
N LEU B 1199 -35.61 -3.98 5.09
CA LEU B 1199 -35.77 -4.76 6.30
C LEU B 1199 -37.26 -5.07 6.52
N LEU B 1200 -38.10 -4.52 5.64
CA LEU B 1200 -39.54 -4.75 5.68
C LEU B 1200 -39.77 -5.87 4.66
N PRO B 1201 -40.25 -7.05 5.11
CA PRO B 1201 -40.48 -8.15 4.16
C PRO B 1201 -41.24 -7.65 2.93
N LYS B 1202 -40.87 -8.13 1.75
CA LYS B 1202 -41.52 -7.65 0.54
C LYS B 1202 -43.04 -7.74 0.56
N ASP B 1203 -43.58 -8.74 1.25
CA ASP B 1203 -45.03 -8.91 1.33
C ASP B 1203 -45.62 -8.41 2.64
N GLY B 1204 -44.97 -7.43 3.27
CA GLY B 1204 -45.49 -6.90 4.51
C GLY B 1204 -44.82 -7.42 5.77
N ARG B 1205 -45.26 -6.89 6.91
CA ARG B 1205 -44.71 -7.25 8.20
C ARG B 1205 -44.88 -8.70 8.65
N HIS B 1206 -43.79 -9.23 9.19
CA HIS B 1206 -43.74 -10.58 9.72
C HIS B 1206 -43.46 -10.47 11.21
N LEU B 1207 -43.84 -11.48 11.98
CA LEU B 1207 -43.59 -11.43 13.41
C LEU B 1207 -42.09 -11.49 13.69
N ASN B 1208 -41.42 -12.44 13.03
CA ASN B 1208 -39.99 -12.64 13.18
C ASN B 1208 -39.14 -11.47 12.70
N THR B 1209 -39.61 -10.78 11.65
CA THR B 1209 -38.86 -9.66 11.06
C THR B 1209 -38.96 -8.32 11.79
N ASP B 1210 -39.96 -8.15 12.64
CA ASP B 1210 -40.10 -6.88 13.35
C ASP B 1210 -38.90 -6.65 14.25
N ILE B 1211 -38.49 -5.38 14.35
CA ILE B 1211 -37.34 -5.01 15.18
C ILE B 1211 -37.75 -4.38 16.50
N PRO B 1212 -37.42 -5.03 17.63
CA PRO B 1212 -37.73 -4.60 18.98
C PRO B 1212 -37.32 -3.14 19.22
N PRO B 1213 -38.13 -2.40 20.00
CA PRO B 1213 -37.92 -1.00 20.34
C PRO B 1213 -36.48 -0.63 20.65
N ARG B 1214 -35.95 -1.17 21.74
CA ARG B 1214 -34.59 -0.88 22.17
C ARG B 1214 -33.49 -1.52 21.33
N MET B 1215 -33.88 -2.34 20.37
CA MET B 1215 -32.89 -3.01 19.52
C MET B 1215 -32.77 -2.46 18.10
N GLY B 1216 -32.78 -1.14 17.99
CA GLY B 1216 -32.66 -0.51 16.69
C GLY B 1216 -31.31 -0.78 16.03
N TRP B 1217 -30.27 -0.92 16.86
CA TRP B 1217 -28.94 -1.19 16.37
C TRP B 1217 -28.92 -2.44 15.47
N LEU B 1218 -29.93 -3.30 15.62
CA LEU B 1218 -30.02 -4.52 14.81
C LEU B 1218 -30.07 -4.21 13.32
N ARG B 1219 -30.80 -3.17 12.95
CA ARG B 1219 -30.97 -2.77 11.55
C ARG B 1219 -29.65 -2.56 10.80
N ALA B 1220 -28.62 -2.12 11.52
CA ALA B 1220 -27.30 -1.87 10.93
C ALA B 1220 -26.60 -3.19 10.64
N ILE B 1221 -26.73 -4.12 11.58
CA ILE B 1221 -26.11 -5.42 11.43
C ILE B 1221 -26.84 -6.15 10.32
N LEU B 1222 -28.13 -5.97 10.28
CA LEU B 1222 -28.90 -6.63 9.26
C LEU B 1222 -28.56 -6.12 7.88
N ARG B 1223 -28.23 -4.83 7.76
CA ARG B 1223 -27.91 -4.28 6.44
C ARG B 1223 -26.69 -4.91 5.84
N PHE B 1224 -25.65 -5.08 6.65
CA PHE B 1224 -24.44 -5.72 6.14
C PHE B 1224 -24.76 -7.09 5.57
N LEU B 1225 -25.59 -7.86 6.26
CA LEU B 1225 -25.94 -9.21 5.80
C LEU B 1225 -26.67 -9.24 4.46
N GLY B 1226 -27.55 -8.28 4.23
CA GLY B 1226 -28.28 -8.25 2.97
C GLY B 1226 -27.35 -7.90 1.84
N ALA B 1227 -26.52 -6.89 2.06
CA ALA B 1227 -25.57 -6.43 1.05
C ALA B 1227 -24.56 -7.53 0.76
N GLY B 1228 -24.17 -8.26 1.80
CA GLY B 1228 -23.21 -9.33 1.63
C GLY B 1228 -23.69 -10.32 0.59
N MET B 1229 -24.95 -10.72 0.69
CA MET B 1229 -25.50 -11.68 -0.27
C MET B 1229 -25.63 -11.05 -1.65
N VAL B 1230 -26.02 -9.79 -1.70
CA VAL B 1230 -26.18 -9.10 -2.98
C VAL B 1230 -24.85 -8.99 -3.72
N MET B 1231 -23.84 -8.47 -3.04
CA MET B 1231 -22.53 -8.31 -3.65
C MET B 1231 -21.84 -9.61 -4.02
N THR B 1232 -22.20 -10.70 -3.33
CA THR B 1232 -21.58 -11.99 -3.59
C THR B 1232 -22.18 -12.67 -4.82
N ALA B 1233 -23.43 -12.36 -5.12
CA ALA B 1233 -24.15 -12.92 -6.26
C ALA B 1233 -23.69 -12.33 -7.61
N THR B 1234 -23.22 -13.18 -8.51
CA THR B 1234 -22.76 -12.73 -9.81
C THR B 1234 -23.86 -12.00 -10.57
N GLY B 1235 -23.48 -10.99 -11.35
CA GLY B 1235 -24.46 -10.24 -12.12
C GLY B 1235 -24.79 -8.85 -11.60
N VAL B 1236 -26.00 -8.38 -11.92
CA VAL B 1236 -26.44 -7.06 -11.49
C VAL B 1236 -26.85 -7.05 -10.02
N ALA B 1237 -26.65 -5.91 -9.36
CA ALA B 1237 -27.04 -5.81 -7.96
C ALA B 1237 -28.54 -5.91 -8.02
N VAL B 1238 -29.10 -6.61 -7.06
CA VAL B 1238 -30.53 -6.85 -6.97
C VAL B 1238 -31.02 -6.24 -5.65
N ASP B 1239 -32.33 -6.04 -5.52
CA ASP B 1239 -32.87 -5.52 -4.29
C ASP B 1239 -33.19 -6.75 -3.44
N ILE B 1240 -32.56 -6.84 -2.27
CA ILE B 1240 -32.79 -7.96 -1.37
C ILE B 1240 -33.80 -7.56 -0.26
N TYR B 1241 -34.74 -8.45 0.06
CA TYR B 1241 -35.76 -8.16 1.08
C TYR B 1241 -35.70 -9.10 2.29
N LEU B 1242 -35.72 -8.54 3.49
CA LEU B 1242 -35.67 -9.38 4.68
C LEU B 1242 -36.84 -10.36 4.64
N GLU B 1243 -36.52 -11.64 4.65
CA GLU B 1243 -37.53 -12.69 4.61
C GLU B 1243 -37.81 -13.30 5.97
N ASP B 1244 -36.75 -13.65 6.71
CA ASP B 1244 -36.98 -14.29 8.00
C ASP B 1244 -35.83 -14.31 9.02
N ILE B 1245 -36.20 -14.32 10.29
CA ILE B 1245 -35.25 -14.39 11.40
C ILE B 1245 -35.81 -15.56 12.21
N HIS B 1246 -35.06 -16.66 12.28
CA HIS B 1246 -35.56 -17.82 12.98
C HIS B 1246 -36.23 -17.61 14.33
N GLY B 1247 -35.48 -17.24 15.36
CA GLY B 1247 -36.13 -17.07 16.66
C GLY B 1247 -36.73 -15.69 16.84
N GLY B 1248 -36.78 -14.92 15.76
CA GLY B 1248 -37.30 -13.57 15.83
C GLY B 1248 -36.18 -12.57 16.10
N GLY B 1249 -36.48 -11.28 15.91
CA GLY B 1249 -35.49 -10.25 16.14
C GLY B 1249 -35.09 -10.11 17.58
N ARG B 1250 -36.03 -10.30 18.48
CA ARG B 1250 -35.73 -10.18 19.90
C ARG B 1250 -34.69 -11.22 20.28
N SER B 1251 -34.91 -12.46 19.85
CA SER B 1251 -33.96 -13.54 20.17
C SER B 1251 -32.60 -13.25 19.58
N LEU B 1252 -32.59 -12.76 18.34
CA LEU B 1252 -31.34 -12.44 17.66
C LEU B 1252 -30.54 -11.37 18.40
N GLY B 1253 -31.24 -10.32 18.85
CA GLY B 1253 -30.59 -9.25 19.56
C GLY B 1253 -29.90 -9.73 20.83
N GLN B 1254 -30.58 -10.56 21.62
CA GLN B 1254 -29.98 -11.06 22.85
C GLN B 1254 -28.78 -11.90 22.47
N ARG B 1255 -28.93 -12.68 21.41
CA ARG B 1255 -27.86 -13.53 20.94
C ARG B 1255 -26.63 -12.69 20.62
N PHE B 1256 -26.81 -11.58 19.91
CA PHE B 1256 -25.68 -10.70 19.61
C PHE B 1256 -25.13 -10.05 20.88
N MET B 1257 -26.02 -9.63 21.78
CA MET B 1257 -25.59 -9.02 23.03
C MET B 1257 -24.74 -9.98 23.87
N THR B 1258 -25.04 -11.27 23.80
CA THR B 1258 -24.27 -12.26 24.53
C THR B 1258 -22.85 -12.26 23.98
N TRP B 1259 -22.72 -12.31 22.66
CA TRP B 1259 -21.39 -12.29 22.07
C TRP B 1259 -20.67 -11.03 22.58
N MET B 1260 -21.34 -9.89 22.46
CA MET B 1260 -20.76 -8.62 22.87
C MET B 1260 -20.16 -8.64 24.26
N ARG B 1261 -20.99 -8.90 25.27
CA ARG B 1261 -20.52 -8.89 26.64
C ARG B 1261 -19.51 -9.97 26.98
N GLN B 1262 -19.24 -10.85 26.03
CA GLN B 1262 -18.29 -11.94 26.24
C GLN B 1262 -16.95 -11.72 25.53
N GLU B 1263 -16.85 -10.68 24.72
CA GLU B 1263 -15.59 -10.43 24.02
C GLU B 1263 -14.42 -10.31 24.98
N GLY B 1264 -13.41 -11.15 24.78
CA GLY B 1264 -12.25 -11.10 25.66
C GLY B 1264 -12.60 -11.51 27.08
N ARG B 1265 -12.68 -12.82 27.29
CA ARG B 1265 -12.99 -13.38 28.60
C ARG B 1265 -12.02 -14.51 28.92
#